data_8TGA
#
_entry.id   8TGA
#
_cell.length_a   1.00
_cell.length_b   1.00
_cell.length_c   1.00
_cell.angle_alpha   90.00
_cell.angle_beta   90.00
_cell.angle_gamma   90.00
#
_symmetry.space_group_name_H-M   'P 1'
#
loop_
_entity.id
_entity.type
_entity.pdbx_description
1 polymer 'Atrial natriuretic peptide receptor 1'
2 polymer 'REGN5381 Fab light chain'
3 polymer 'REGN5381 Fab heavy chain'
#
loop_
_entity_poly.entity_id
_entity_poly.type
_entity_poly.pdbx_seq_one_letter_code
_entity_poly.pdbx_strand_id
1 'polypeptide(L)'
;GNLTVAVVLPLANTSYPWSWARVGPAVELALAQVKARPDLLPGWTVRTVLGSSENALGVCSDTAAPLAAVDLKWEHNPAV
FLGPGCVYAAAPVGRFTAHWRVPLLTAGAPALGFGVKDEYALTTRAGPSYAKLGDFVAALHRRLGWERQALMLYAYRPGD
EEHCFFLVEGLFMRVRDRLNITVDHLEFAEDDLSHYTRLLRTMPRKGRVIYICSSPDAFRTLMLLALEAGLCGEDYVFFH
LDIFGQSLQGGQGPAPRRPWERGDGQDVSARQAFQAAKIITYKDPDNPEYLEFLKQLKHLAYEQFNFTMEDGLVNTIPAS
FHDGLLLYIQAVTETLAHGGTVTDGENITQRMWNRSFQGVTGYLKIDSSGDRETDFSLWDMDPENGAFRVVLNYNGTSQE
LVAVSGRKLNWPLGYPPPDIPKCGFDNEDPACNQDHLSTLEEQKLISEEDLGGEQKLISEEDLHHHHHH
;
B,A
2 'polypeptide(L)'
;NIQMTQSPSSLSASVGDRVTITCRASQSIDSYLNWYQQKPGKAPKLLIYVASSLQSGVPSRFSGSGSGKDFTLTISSLQP
EDFATYYCQQSYSIPTFGQGTRLEIKRTVAAPSVFIFPPSDEQLKSGTASVVCLLNNFYPREAKVQWKVDNALQSGNSQE
SVTEQDSKDSTYSLSSTLTLSKADYEKHKVYACEVTHQGLSSPVTKSFNRGEC
;
F,L
3 'polypeptide(L)'
;QVQLVQSGAEVKKPGASVTVSCKASGYTFTDYYMHWVRQAPGQGLEWMGWIKPNSGGTNSAQRFQGRITMTWDTSISTAY
MELSRLRSDDTAVYYCSRGGPVMNYYYYYGMDVWGQGTTVTVSSASTKGPSVFPLAPCSRSTSESTAALGCLVKDYFPEP
VTVSWNSGALTSGVHTFPAVLQSSGLYSLSSVVTVPSSSLGTKTYTCNVDHKPSNTKVDKRVESKYGPP
;
E,H
#
# COMPACT_ATOMS: atom_id res chain seq x y z
N GLY A 1 8.25 9.73 -25.21
CA GLY A 1 7.95 9.15 -23.92
C GLY A 1 6.57 9.53 -23.44
N ASN A 2 6.27 9.19 -22.20
CA ASN A 2 4.98 9.48 -21.59
C ASN A 2 5.24 10.13 -20.23
N LEU A 3 4.33 10.98 -19.79
CA LEU A 3 4.44 11.61 -18.48
C LEU A 3 3.09 11.42 -17.79
N THR A 4 3.08 10.59 -16.75
CA THR A 4 1.84 10.23 -16.08
C THR A 4 1.60 11.15 -14.88
N VAL A 5 0.36 11.59 -14.71
CA VAL A 5 -0.04 12.47 -13.62
C VAL A 5 -1.16 11.78 -12.88
N ALA A 6 -1.02 11.64 -11.56
CA ALA A 6 -2.01 10.98 -10.73
C ALA A 6 -2.85 12.01 -10.00
N VAL A 7 -4.17 11.80 -10.00
CA VAL A 7 -5.12 12.76 -9.46
C VAL A 7 -5.86 12.09 -8.32
N VAL A 8 -5.90 12.76 -7.17
CA VAL A 8 -6.65 12.29 -6.00
C VAL A 8 -7.53 13.45 -5.57
N LEU A 9 -8.78 13.46 -6.06
CA LEU A 9 -9.72 14.53 -5.80
C LEU A 9 -11.13 13.95 -5.70
N PRO A 10 -12.10 14.68 -5.16
CA PRO A 10 -13.48 14.17 -5.15
C PRO A 10 -14.07 14.04 -6.54
N LEU A 11 -14.33 12.82 -7.00
CA LEU A 11 -14.80 12.60 -8.36
C LEU A 11 -16.31 12.66 -8.50
N ALA A 12 -17.07 12.65 -7.40
CA ALA A 12 -18.51 12.55 -7.51
C ALA A 12 -19.22 13.71 -6.84
N ASN A 13 -18.71 14.14 -5.68
CA ASN A 13 -19.28 15.28 -4.98
C ASN A 13 -18.76 16.57 -5.58
N THR A 14 -19.67 17.49 -5.89
CA THR A 14 -19.33 18.72 -6.59
C THR A 14 -19.48 19.95 -5.71
N SER A 15 -19.46 19.80 -4.40
CA SER A 15 -19.62 20.94 -3.50
C SER A 15 -18.29 21.53 -3.06
N TYR A 16 -17.17 20.89 -3.37
CA TYR A 16 -15.89 21.41 -2.91
C TYR A 16 -15.28 22.30 -3.99
N PRO A 17 -14.52 23.32 -3.60
CA PRO A 17 -13.85 24.16 -4.60
C PRO A 17 -12.87 23.40 -5.49
N TRP A 18 -12.32 22.29 -5.00
CA TRP A 18 -11.37 21.49 -5.76
C TRP A 18 -12.01 20.25 -6.35
N SER A 19 -13.32 20.28 -6.58
CA SER A 19 -13.99 19.12 -7.13
C SER A 19 -13.50 18.85 -8.55
N TRP A 20 -13.53 17.57 -8.93
CA TRP A 20 -13.14 17.20 -10.28
C TRP A 20 -14.02 17.87 -11.33
N ALA A 21 -15.32 18.05 -11.06
CA ALA A 21 -16.18 18.71 -12.01
C ALA A 21 -15.73 20.14 -12.31
N ARG A 22 -15.01 20.77 -11.38
CA ARG A 22 -14.50 22.11 -11.58
C ARG A 22 -13.06 22.14 -12.05
N VAL A 23 -12.28 21.10 -11.76
CA VAL A 23 -10.85 21.12 -12.06
C VAL A 23 -10.55 20.44 -13.39
N GLY A 24 -11.32 19.44 -13.78
CA GLY A 24 -11.06 18.68 -14.98
C GLY A 24 -10.98 19.50 -16.26
N PRO A 25 -11.95 20.39 -16.48
CA PRO A 25 -11.83 21.29 -17.65
C PRO A 25 -10.59 22.15 -17.62
N ALA A 26 -10.17 22.61 -16.43
CA ALA A 26 -8.96 23.43 -16.34
C ALA A 26 -7.73 22.63 -16.76
N VAL A 27 -7.62 21.38 -16.31
CA VAL A 27 -6.50 20.54 -16.69
C VAL A 27 -6.54 20.23 -18.17
N GLU A 28 -7.74 20.03 -18.72
CA GLU A 28 -7.85 19.80 -20.16
C GLU A 28 -7.36 20.99 -20.96
N LEU A 29 -7.74 22.20 -20.54
CA LEU A 29 -7.27 23.40 -21.20
C LEU A 29 -5.76 23.54 -21.10
N ALA A 30 -5.20 23.26 -19.93
CA ALA A 30 -3.76 23.33 -19.75
C ALA A 30 -3.03 22.35 -20.66
N LEU A 31 -3.52 21.12 -20.76
CA LEU A 31 -2.87 20.14 -21.61
C LEU A 31 -2.98 20.53 -23.08
N ALA A 32 -4.09 21.11 -23.49
CA ALA A 32 -4.20 21.62 -24.85
C ALA A 32 -3.14 22.69 -25.11
N GLN A 33 -2.97 23.60 -24.16
CA GLN A 33 -1.95 24.63 -24.31
C GLN A 33 -0.55 24.02 -24.38
N VAL A 34 -0.29 23.01 -23.56
CA VAL A 34 1.02 22.35 -23.59
C VAL A 34 1.28 21.78 -24.97
N LYS A 35 0.30 21.06 -25.51
CA LYS A 35 0.47 20.48 -26.83
C LYS A 35 0.58 21.55 -27.91
N ALA A 36 0.10 22.76 -27.64
CA ALA A 36 0.15 23.83 -28.62
C ALA A 36 1.43 24.65 -28.58
N ARG A 37 2.36 24.38 -27.67
CA ARG A 37 3.53 25.24 -27.68
C ARG A 37 4.81 24.44 -27.93
N PRO A 38 5.64 24.90 -28.87
CA PRO A 38 6.85 24.14 -29.22
C PRO A 38 7.85 24.00 -28.09
N ASP A 39 7.89 24.94 -27.16
CA ASP A 39 8.96 25.00 -26.16
C ASP A 39 8.65 24.20 -24.91
N LEU A 40 7.53 23.48 -24.87
CA LEU A 40 7.13 22.72 -23.69
C LEU A 40 7.11 21.25 -24.02
N LEU A 41 8.17 20.54 -23.63
CA LEU A 41 8.27 19.10 -23.81
C LEU A 41 7.96 18.64 -25.24
N PRO A 42 8.77 19.04 -26.22
CA PRO A 42 8.51 18.58 -27.59
C PRO A 42 8.69 17.08 -27.70
N GLY A 43 7.79 16.45 -28.46
CA GLY A 43 7.87 15.03 -28.70
C GLY A 43 7.36 14.15 -27.57
N TRP A 44 6.76 14.72 -26.54
CA TRP A 44 6.31 13.97 -25.38
C TRP A 44 4.80 14.15 -25.20
N THR A 45 4.16 13.18 -24.55
CA THR A 45 2.73 13.22 -24.30
C THR A 45 2.47 13.01 -22.82
N VAL A 46 1.35 13.55 -22.34
CA VAL A 46 1.02 13.58 -20.92
C VAL A 46 -0.30 12.84 -20.72
N ARG A 47 -0.31 11.90 -19.78
CA ARG A 47 -1.48 11.10 -19.47
C ARG A 47 -1.98 11.46 -18.06
N THR A 48 -3.20 11.05 -17.72
CA THR A 48 -3.73 11.27 -16.38
C THR A 48 -4.44 10.02 -15.91
N VAL A 49 -4.33 9.71 -14.62
CA VAL A 49 -5.03 8.61 -13.99
C VAL A 49 -5.73 9.12 -12.74
N LEU A 50 -6.92 8.60 -12.47
CA LEU A 50 -7.83 9.20 -11.49
C LEU A 50 -8.06 8.27 -10.31
N GLY A 51 -8.10 8.85 -9.12
CA GLY A 51 -8.52 8.19 -7.91
C GLY A 51 -9.26 9.17 -7.04
N SER A 52 -10.20 8.70 -6.22
CA SER A 52 -11.05 9.60 -5.44
C SER A 52 -10.64 9.60 -3.97
N SER A 53 -10.79 10.74 -3.33
CA SER A 53 -10.48 10.89 -1.92
C SER A 53 -11.72 10.90 -1.04
N GLU A 54 -12.86 10.45 -1.53
CA GLU A 54 -14.09 10.48 -0.78
C GLU A 54 -14.55 9.06 -0.45
N ASN A 55 -15.29 8.94 0.65
CA ASN A 55 -15.75 7.65 1.15
C ASN A 55 -17.12 7.30 0.59
N ALA A 56 -17.75 6.28 1.17
CA ALA A 56 -19.08 5.86 0.73
C ALA A 56 -20.12 6.94 1.01
N LEU A 57 -19.93 7.72 2.07
CA LEU A 57 -20.84 8.81 2.37
C LEU A 57 -20.72 9.96 1.39
N GLY A 58 -19.66 10.00 0.58
CA GLY A 58 -19.46 11.06 -0.38
C GLY A 58 -18.65 12.24 0.10
N VAL A 59 -18.06 12.17 1.29
CA VAL A 59 -17.24 13.25 1.83
C VAL A 59 -15.78 12.83 1.81
N CYS A 60 -14.89 13.82 1.72
CA CYS A 60 -13.47 13.51 1.68
C CYS A 60 -13.02 12.95 3.02
N SER A 61 -12.24 11.88 2.98
CA SER A 61 -11.86 11.16 4.19
C SER A 61 -10.35 11.01 4.26
N ASP A 62 -9.87 10.71 5.47
CA ASP A 62 -8.46 10.49 5.73
C ASP A 62 -8.05 9.04 5.57
N THR A 63 -8.94 8.17 5.09
CA THR A 63 -8.63 6.78 4.80
C THR A 63 -8.62 6.49 3.31
N ALA A 64 -9.67 6.93 2.62
CA ALA A 64 -9.78 6.69 1.18
C ALA A 64 -8.65 7.38 0.43
N ALA A 65 -8.28 8.58 0.86
CA ALA A 65 -7.23 9.30 0.13
C ALA A 65 -5.90 8.56 0.19
N PRO A 66 -5.37 8.21 1.39
CA PRO A 66 -4.11 7.45 1.39
C PRO A 66 -4.22 6.08 0.75
N LEU A 67 -5.35 5.40 0.90
CA LEU A 67 -5.46 4.09 0.26
C LEU A 67 -5.47 4.20 -1.25
N ALA A 68 -6.14 5.22 -1.78
CA ALA A 68 -6.12 5.47 -3.23
C ALA A 68 -4.74 5.86 -3.71
N ALA A 69 -4.02 6.65 -2.93
CA ALA A 69 -2.65 7.00 -3.30
C ALA A 69 -1.78 5.76 -3.40
N VAL A 70 -1.91 4.85 -2.43
CA VAL A 70 -1.14 3.61 -2.46
C VAL A 70 -1.51 2.78 -3.67
N ASP A 71 -2.81 2.70 -3.98
CA ASP A 71 -3.25 1.91 -5.12
C ASP A 71 -2.66 2.46 -6.42
N LEU A 72 -2.75 3.78 -6.61
CA LEU A 72 -2.18 4.41 -7.80
C LEU A 72 -0.68 4.23 -7.89
N LYS A 73 0.04 4.41 -6.78
CA LYS A 73 1.48 4.20 -6.77
C LYS A 73 1.83 2.79 -7.23
N TRP A 74 1.22 1.78 -6.61
CA TRP A 74 1.55 0.40 -6.98
C TRP A 74 1.16 0.10 -8.42
N GLU A 75 0.01 0.59 -8.87
CA GLU A 75 -0.48 0.23 -10.19
C GLU A 75 0.28 0.92 -11.31
N HIS A 76 0.59 2.21 -11.19
CA HIS A 76 1.12 2.98 -12.30
C HIS A 76 2.50 3.57 -12.10
N ASN A 77 2.92 3.82 -10.86
CA ASN A 77 4.19 4.48 -10.59
C ASN A 77 4.26 5.83 -11.32
N PRO A 78 3.47 6.81 -10.88
CA PRO A 78 3.38 8.06 -11.63
C PRO A 78 4.62 8.93 -11.42
N ALA A 79 4.64 10.05 -12.14
CA ALA A 79 5.71 11.02 -12.03
C ALA A 79 5.41 12.17 -11.09
N VAL A 80 4.13 12.50 -10.89
CA VAL A 80 3.75 13.58 -9.99
C VAL A 80 2.33 13.30 -9.51
N PHE A 81 1.99 13.88 -8.36
CA PHE A 81 0.67 13.75 -7.77
C PHE A 81 -0.02 15.11 -7.77
N LEU A 82 -1.29 15.13 -8.14
CA LEU A 82 -2.10 16.34 -8.17
C LEU A 82 -3.24 16.18 -7.17
N GLY A 83 -3.35 17.11 -6.23
CA GLY A 83 -4.31 17.00 -5.16
C GLY A 83 -3.73 16.22 -4.00
N PRO A 84 -4.50 16.05 -2.91
CA PRO A 84 -5.87 16.47 -2.63
C PRO A 84 -5.98 17.90 -2.12
N GLY A 85 -7.17 18.26 -1.63
CA GLY A 85 -7.39 19.59 -1.12
C GLY A 85 -7.79 19.66 0.34
N CYS A 86 -8.49 18.63 0.82
CA CYS A 86 -8.91 18.60 2.21
C CYS A 86 -7.68 18.49 3.10
N VAL A 87 -7.72 19.18 4.24
CA VAL A 87 -6.57 19.18 5.14
C VAL A 87 -6.32 17.79 5.70
N TYR A 88 -7.38 17.16 6.21
CA TYR A 88 -7.24 15.85 6.85
C TYR A 88 -6.92 14.76 5.86
N ALA A 89 -7.27 14.93 4.59
CA ALA A 89 -6.93 13.96 3.57
C ALA A 89 -5.53 14.20 3.02
N ALA A 90 -5.11 15.46 2.96
CA ALA A 90 -3.81 15.79 2.40
C ALA A 90 -2.68 15.51 3.38
N ALA A 91 -2.95 15.60 4.67
CA ALA A 91 -1.85 15.42 5.64
C ALA A 91 -1.20 14.05 5.56
N PRO A 92 -1.95 12.93 5.54
CA PRO A 92 -1.28 11.63 5.35
C PRO A 92 -0.51 11.50 4.06
N VAL A 93 -1.04 12.01 2.95
CA VAL A 93 -0.48 11.73 1.63
C VAL A 93 0.85 12.45 1.43
N GLY A 94 1.00 13.64 2.02
CA GLY A 94 2.26 14.35 1.91
C GLY A 94 3.42 13.56 2.48
N ARG A 95 3.20 12.88 3.61
CA ARG A 95 4.22 12.04 4.19
C ARG A 95 4.58 10.88 3.28
N PHE A 96 3.58 10.22 2.70
CA PHE A 96 3.84 9.08 1.84
C PHE A 96 4.64 9.50 0.62
N THR A 97 4.27 10.62 0.01
CA THR A 97 5.00 11.09 -1.16
C THR A 97 6.40 11.56 -0.80
N ALA A 98 6.58 12.17 0.37
CA ALA A 98 7.92 12.56 0.78
C ALA A 98 8.80 11.34 0.99
N HIS A 99 8.24 10.26 1.55
CA HIS A 99 9.00 9.03 1.70
C HIS A 99 9.32 8.41 0.34
N TRP A 100 8.38 8.42 -0.60
CA TRP A 100 8.60 7.86 -1.92
C TRP A 100 9.46 8.75 -2.80
N ARG A 101 9.72 10.00 -2.41
CA ARG A 101 10.47 10.97 -3.19
C ARG A 101 9.77 11.32 -4.49
N VAL A 102 8.49 11.67 -4.40
CA VAL A 102 7.68 12.07 -5.56
C VAL A 102 7.12 13.45 -5.29
N PRO A 103 7.13 14.37 -6.26
CA PRO A 103 6.55 15.69 -6.02
C PRO A 103 5.04 15.64 -5.86
N LEU A 104 4.50 16.65 -5.17
CA LEU A 104 3.07 16.79 -4.97
C LEU A 104 2.66 18.24 -5.17
N LEU A 105 1.62 18.46 -5.96
CA LEU A 105 1.11 19.78 -6.28
C LEU A 105 -0.33 19.91 -5.82
N THR A 106 -0.63 20.98 -5.08
CA THR A 106 -1.98 21.24 -4.66
C THR A 106 -2.26 22.73 -4.72
N ALA A 107 -3.50 23.07 -5.06
CA ALA A 107 -4.01 24.42 -4.87
C ALA A 107 -4.90 24.52 -3.64
N GLY A 108 -5.10 23.43 -2.92
CA GLY A 108 -5.78 23.45 -1.64
C GLY A 108 -4.79 23.29 -0.51
N ALA A 109 -5.22 22.63 0.56
CA ALA A 109 -4.38 22.35 1.72
C ALA A 109 -3.69 23.61 2.27
N PRO A 110 -4.45 24.62 2.71
CA PRO A 110 -3.84 25.88 3.13
C PRO A 110 -3.47 25.93 4.61
N ALA A 111 -3.46 24.80 5.32
CA ALA A 111 -3.21 24.81 6.75
C ALA A 111 -1.76 25.14 7.06
N LEU A 112 -1.52 25.58 8.29
CA LEU A 112 -0.20 26.05 8.69
C LEU A 112 0.81 24.91 8.78
N GLY A 113 0.33 23.70 9.07
CA GLY A 113 1.24 22.61 9.36
C GLY A 113 2.11 22.21 8.18
N PHE A 114 1.60 22.45 6.97
CA PHE A 114 2.34 22.05 5.78
C PHE A 114 3.57 22.91 5.53
N GLY A 115 3.74 23.98 6.29
CA GLY A 115 4.92 24.81 6.15
C GLY A 115 6.18 24.23 6.73
N VAL A 116 6.08 23.15 7.50
CA VAL A 116 7.27 22.48 8.04
C VAL A 116 7.88 21.66 6.92
N LYS A 117 8.94 22.19 6.30
CA LYS A 117 9.47 21.61 5.08
C LYS A 117 10.15 20.28 5.33
N ASP A 118 10.76 20.11 6.51
CA ASP A 118 11.43 18.85 6.80
C ASP A 118 10.45 17.69 6.80
N GLU A 119 9.28 17.88 7.41
CA GLU A 119 8.25 16.85 7.37
C GLU A 119 7.64 16.71 5.99
N TYR A 120 7.45 17.84 5.30
CA TYR A 120 6.72 17.85 4.04
C TYR A 120 7.58 18.35 2.88
N ALA A 121 8.79 17.84 2.75
CA ALA A 121 9.62 18.20 1.61
C ALA A 121 8.99 17.71 0.31
N LEU A 122 9.36 18.35 -0.79
CA LEU A 122 8.86 18.05 -2.13
C LEU A 122 7.39 18.38 -2.31
N THR A 123 6.85 19.29 -1.52
CA THR A 123 5.45 19.71 -1.65
C THR A 123 5.42 21.16 -2.09
N THR A 124 4.73 21.42 -3.19
CA THR A 124 4.58 22.78 -3.72
C THR A 124 3.11 23.17 -3.63
N ARG A 125 2.85 24.33 -3.05
CA ARG A 125 1.48 24.82 -2.89
C ARG A 125 1.30 26.01 -3.82
N ALA A 126 0.48 25.83 -4.86
CA ALA A 126 0.27 26.86 -5.87
C ALA A 126 -0.96 27.70 -5.63
N GLY A 127 -1.68 27.48 -4.52
CA GLY A 127 -2.87 28.24 -4.24
C GLY A 127 -2.72 29.14 -3.04
N PRO A 128 -3.82 29.73 -2.60
CA PRO A 128 -3.77 30.61 -1.41
C PRO A 128 -3.47 29.83 -0.14
N SER A 129 -2.87 30.54 0.82
CA SER A 129 -2.51 29.97 2.11
C SER A 129 -2.84 30.98 3.19
N TYR A 130 -3.03 30.50 4.42
CA TYR A 130 -3.54 31.38 5.47
C TYR A 130 -2.48 32.26 6.12
N ALA A 131 -1.21 31.85 6.12
CA ALA A 131 -0.18 32.67 6.75
C ALA A 131 -0.01 34.00 6.03
N LYS A 132 -0.23 34.01 4.72
CA LYS A 132 -0.17 35.24 3.97
C LYS A 132 -1.19 36.25 4.49
N LEU A 133 -2.30 35.77 5.04
CA LEU A 133 -3.27 36.68 5.60
C LEU A 133 -2.75 37.31 6.89
N GLY A 134 -1.96 36.58 7.67
CA GLY A 134 -1.28 37.20 8.79
C GLY A 134 -0.31 38.27 8.33
N ASP A 135 0.38 38.02 7.21
CA ASP A 135 1.23 39.04 6.61
C ASP A 135 0.44 40.31 6.30
N PHE A 136 -0.73 40.14 5.67
CA PHE A 136 -1.56 41.28 5.28
C PHE A 136 -2.06 42.04 6.50
N VAL A 137 -2.44 41.30 7.55
CA VAL A 137 -2.92 41.94 8.78
C VAL A 137 -1.80 42.73 9.45
N ALA A 138 -0.58 42.19 9.44
CA ALA A 138 0.55 42.94 9.97
C ALA A 138 0.75 44.24 9.21
N ALA A 139 0.65 44.17 7.88
CA ALA A 139 0.78 45.39 7.07
C ALA A 139 -0.29 46.41 7.42
N LEU A 140 -1.52 45.94 7.61
CA LEU A 140 -2.62 46.85 7.95
C LEU A 140 -2.42 47.50 9.31
N HIS A 141 -1.98 46.72 10.30
CA HIS A 141 -1.67 47.30 11.61
C HIS A 141 -0.56 48.33 11.52
N ARG A 142 0.46 48.05 10.70
CA ARG A 142 1.54 49.00 10.50
C ARG A 142 1.00 50.30 9.91
N ARG A 143 0.10 50.20 8.93
CA ARG A 143 -0.49 51.39 8.34
C ARG A 143 -1.30 52.21 9.34
N LEU A 144 -2.12 51.55 10.15
CA LEU A 144 -3.11 52.25 10.95
C LEU A 144 -2.62 52.60 12.35
N GLY A 145 -1.40 52.22 12.71
CA GLY A 145 -0.87 52.60 14.00
C GLY A 145 -1.41 51.81 15.17
N TRP A 146 -2.04 50.67 14.92
CA TRP A 146 -2.50 49.78 15.98
C TRP A 146 -1.32 48.90 16.37
N GLU A 147 -0.93 48.99 17.64
CA GLU A 147 0.39 48.50 18.04
C GLU A 147 0.37 47.66 19.32
N ARG A 148 -0.79 47.50 19.97
CA ARG A 148 -0.78 46.83 21.26
C ARG A 148 -1.50 45.49 21.31
N GLN A 149 -2.78 45.45 20.95
CA GLN A 149 -3.60 44.29 21.28
C GLN A 149 -4.68 44.03 20.23
N ALA A 150 -5.13 42.77 20.17
CA ALA A 150 -6.19 42.34 19.27
C ALA A 150 -6.96 41.21 19.92
N LEU A 151 -8.16 40.94 19.40
CA LEU A 151 -9.00 39.84 19.85
C LEU A 151 -9.49 39.05 18.64
N MET A 152 -9.65 37.74 18.81
CA MET A 152 -10.00 36.85 17.71
C MET A 152 -11.15 35.96 18.15
N LEU A 153 -12.08 35.70 17.23
CA LEU A 153 -13.25 34.86 17.50
C LEU A 153 -13.45 33.92 16.32
N TYR A 154 -13.51 32.62 16.59
CA TYR A 154 -13.87 31.67 15.57
C TYR A 154 -15.04 30.81 16.04
N ALA A 155 -15.91 30.44 15.11
CA ALA A 155 -17.16 29.76 15.42
C ALA A 155 -17.03 28.29 15.07
N TYR A 156 -17.88 27.46 15.68
CA TYR A 156 -17.86 26.02 15.47
C TYR A 156 -19.20 25.54 14.97
N ARG A 157 -19.22 25.03 13.74
CA ARG A 157 -20.31 24.17 13.35
C ARG A 157 -19.80 22.75 13.15
N PRO A 158 -20.64 21.76 13.42
CA PRO A 158 -20.20 20.36 13.34
C PRO A 158 -20.29 19.73 11.96
N GLY A 159 -20.56 20.52 10.91
CA GLY A 159 -20.66 19.93 9.58
C GLY A 159 -19.33 19.90 8.87
N ASP A 160 -18.66 21.05 8.77
CA ASP A 160 -17.41 21.19 8.04
C ASP A 160 -16.24 20.68 8.87
N GLU A 161 -15.05 20.70 8.25
CA GLU A 161 -13.86 20.16 8.88
C GLU A 161 -13.03 21.29 9.48
N GLU A 162 -13.63 21.96 10.47
CA GLU A 162 -12.96 23.02 11.22
C GLU A 162 -12.34 24.08 10.31
N HIS A 163 -13.17 24.77 9.54
CA HIS A 163 -12.64 25.74 8.59
C HIS A 163 -12.06 26.96 9.30
N CYS A 164 -12.75 27.47 10.31
CA CYS A 164 -12.27 28.67 10.98
C CYS A 164 -11.12 28.37 11.93
N PHE A 165 -11.03 27.15 12.44
CA PHE A 165 -9.91 26.78 13.29
C PHE A 165 -8.58 27.00 12.58
N PHE A 166 -8.43 26.46 11.38
CA PHE A 166 -7.16 26.55 10.67
C PHE A 166 -6.87 27.97 10.22
N LEU A 167 -7.89 28.69 9.79
CA LEU A 167 -7.70 30.08 9.36
C LEU A 167 -7.19 30.92 10.51
N VAL A 168 -7.86 30.86 11.66
CA VAL A 168 -7.44 31.64 12.81
C VAL A 168 -6.09 31.17 13.31
N GLU A 169 -5.83 29.87 13.24
CA GLU A 169 -4.53 29.33 13.63
C GLU A 169 -3.40 29.96 12.83
N GLY A 170 -3.50 29.92 11.51
CA GLY A 170 -2.43 30.46 10.68
C GLY A 170 -2.26 31.95 10.88
N LEU A 171 -3.37 32.69 10.89
CA LEU A 171 -3.28 34.13 11.09
C LEU A 171 -2.65 34.46 12.43
N PHE A 172 -3.09 33.78 13.50
CA PHE A 172 -2.61 34.05 14.84
C PHE A 172 -1.11 33.79 14.95
N MET A 173 -0.66 32.65 14.43
CA MET A 173 0.76 32.32 14.54
C MET A 173 1.63 33.29 13.77
N ARG A 174 1.24 33.64 12.53
CA ARG A 174 2.07 34.55 11.74
C ARG A 174 2.11 35.94 12.37
N VAL A 175 0.98 36.43 12.87
CA VAL A 175 0.95 37.75 13.49
C VAL A 175 1.80 37.76 14.76
N ARG A 176 1.74 36.69 15.55
CA ARG A 176 2.63 36.60 16.70
C ARG A 176 4.09 36.61 16.28
N ASP A 177 4.42 35.95 15.17
CA ASP A 177 5.80 35.98 14.70
C ASP A 177 6.23 37.40 14.35
N ARG A 178 5.35 38.17 13.71
CA ARG A 178 5.84 39.41 13.12
C ARG A 178 5.64 40.64 13.99
N LEU A 179 4.44 40.86 14.52
CA LEU A 179 4.18 42.10 15.25
C LEU A 179 4.45 42.02 16.75
N ASN A 180 4.64 40.83 17.29
CA ASN A 180 4.83 40.57 18.74
C ASN A 180 3.98 41.49 19.62
N ILE A 181 2.66 41.43 19.39
CA ILE A 181 1.69 42.12 20.24
C ILE A 181 0.86 41.09 20.99
N THR A 182 -0.02 41.56 21.87
CA THR A 182 -0.83 40.68 22.71
C THR A 182 -2.11 40.32 21.97
N VAL A 183 -2.40 39.04 21.85
CA VAL A 183 -3.54 38.55 21.08
C VAL A 183 -4.28 37.52 21.93
N ASP A 184 -5.60 37.63 21.97
CA ASP A 184 -6.44 36.65 22.64
C ASP A 184 -7.18 35.79 21.62
N HIS A 185 -7.95 34.82 22.12
CA HIS A 185 -8.81 34.03 21.25
C HIS A 185 -9.95 33.44 22.06
N LEU A 186 -11.06 33.16 21.37
CA LEU A 186 -12.24 32.53 21.94
C LEU A 186 -12.93 31.73 20.85
N GLU A 187 -13.55 30.63 21.23
CA GLU A 187 -14.40 29.89 20.32
C GLU A 187 -15.81 29.81 20.86
N PHE A 188 -16.78 29.91 19.97
CA PHE A 188 -18.18 29.80 20.36
C PHE A 188 -18.91 28.98 19.31
N ALA A 189 -20.04 28.41 19.70
CA ALA A 189 -20.89 27.65 18.80
C ALA A 189 -21.95 28.57 18.23
N GLU A 190 -22.37 28.30 17.00
CA GLU A 190 -23.37 29.13 16.35
C GLU A 190 -24.75 28.88 16.93
N ASP A 191 -24.80 28.16 18.06
CA ASP A 191 -26.05 27.88 18.75
C ASP A 191 -26.52 29.07 19.57
N ASP A 192 -26.85 30.16 18.88
CA ASP A 192 -27.73 31.21 19.35
C ASP A 192 -27.45 31.82 20.73
N LEU A 193 -28.53 31.98 21.48
CA LEU A 193 -28.65 33.09 22.43
C LEU A 193 -27.63 33.01 23.56
N SER A 194 -27.46 31.83 24.18
CA SER A 194 -26.59 31.76 25.34
C SER A 194 -25.17 32.16 24.97
N HIS A 195 -24.62 31.53 23.94
CA HIS A 195 -23.26 31.85 23.52
C HIS A 195 -23.16 33.30 23.06
N TYR A 196 -24.15 33.77 22.32
CA TYR A 196 -24.05 35.12 21.77
C TYR A 196 -24.07 36.16 22.89
N THR A 197 -24.96 36.00 23.87
CA THR A 197 -25.02 36.96 24.97
C THR A 197 -23.76 36.92 25.81
N ARG A 198 -23.24 35.72 26.08
CA ARG A 198 -21.98 35.64 26.80
C ARG A 198 -20.87 36.34 26.03
N LEU A 199 -20.85 36.18 24.71
CA LEU A 199 -19.83 36.83 23.89
C LEU A 199 -19.94 38.34 23.98
N LEU A 200 -21.16 38.88 23.93
CA LEU A 200 -21.34 40.32 24.05
C LEU A 200 -20.91 40.83 25.42
N ARG A 201 -21.12 40.05 26.47
CA ARG A 201 -20.62 40.46 27.78
C ARG A 201 -19.11 40.34 27.84
N THR A 202 -18.53 39.42 27.06
CA THR A 202 -17.12 39.11 27.20
C THR A 202 -16.25 40.13 26.48
N MET A 203 -16.66 40.55 25.29
CA MET A 203 -15.77 41.38 24.47
C MET A 203 -15.37 42.72 25.09
N PRO A 204 -16.26 43.53 25.68
CA PRO A 204 -15.86 44.92 25.95
C PRO A 204 -14.69 45.05 26.91
N ARG A 205 -14.33 43.99 27.63
CA ARG A 205 -13.14 44.00 28.46
C ARG A 205 -12.00 43.17 27.89
N LYS A 206 -12.12 42.70 26.66
CA LYS A 206 -11.07 41.88 26.05
C LYS A 206 -10.38 42.56 24.87
N GLY A 207 -11.00 43.56 24.25
CA GLY A 207 -10.38 44.20 23.11
C GLY A 207 -11.25 45.26 22.45
N ARG A 208 -10.71 45.91 21.42
CA ARG A 208 -11.45 46.88 20.62
C ARG A 208 -11.36 46.58 19.13
N VAL A 209 -10.27 45.97 18.69
CA VAL A 209 -10.14 45.49 17.32
C VAL A 209 -10.38 43.99 17.34
N ILE A 210 -11.35 43.53 16.55
CA ILE A 210 -11.87 42.17 16.64
C ILE A 210 -11.89 41.56 15.26
N TYR A 211 -11.45 40.30 15.16
CA TYR A 211 -11.45 39.54 13.92
C TYR A 211 -12.37 38.35 14.11
N ILE A 212 -13.26 38.12 13.14
CA ILE A 212 -14.33 37.14 13.28
C ILE A 212 -14.32 36.23 12.06
N CYS A 213 -14.30 34.92 12.29
CA CYS A 213 -14.50 33.92 11.24
C CYS A 213 -15.80 33.18 11.57
N SER A 214 -16.80 33.31 10.72
CA SER A 214 -18.08 32.64 10.90
C SER A 214 -18.84 32.72 9.58
N SER A 215 -20.10 32.33 9.61
CA SER A 215 -20.97 32.43 8.47
C SER A 215 -21.51 33.85 8.33
N PRO A 216 -21.96 34.23 7.13
CA PRO A 216 -22.58 35.56 6.97
C PRO A 216 -23.79 35.77 7.87
N ASP A 217 -24.60 34.73 8.05
CA ASP A 217 -25.79 34.85 8.89
C ASP A 217 -25.40 35.06 10.35
N ALA A 218 -24.42 34.29 10.83
CA ALA A 218 -23.95 34.49 12.19
C ALA A 218 -23.36 35.87 12.38
N PHE A 219 -22.60 36.35 11.40
CA PHE A 219 -22.02 37.68 11.52
C PHE A 219 -23.11 38.75 11.55
N ARG A 220 -24.14 38.63 10.72
CA ARG A 220 -25.20 39.63 10.72
C ARG A 220 -25.97 39.62 12.03
N THR A 221 -26.27 38.42 12.56
CA THR A 221 -26.96 38.34 13.84
C THR A 221 -26.13 38.96 14.95
N LEU A 222 -24.83 38.66 14.98
CA LEU A 222 -23.95 39.25 15.97
C LEU A 222 -23.92 40.77 15.83
N MET A 223 -23.87 41.26 14.60
CA MET A 223 -23.76 42.70 14.39
C MET A 223 -25.04 43.42 14.78
N LEU A 224 -26.19 42.78 14.56
CA LEU A 224 -27.45 43.33 15.04
C LEU A 224 -27.50 43.34 16.56
N LEU A 225 -27.04 42.26 17.18
CA LEU A 225 -27.04 42.19 18.65
C LEU A 225 -26.17 43.27 19.27
N ALA A 226 -25.06 43.59 18.62
CA ALA A 226 -24.09 44.52 19.20
C ALA A 226 -24.63 45.94 19.22
N LEU A 227 -25.57 46.26 18.32
CA LEU A 227 -26.04 47.63 18.22
C LEU A 227 -26.78 48.07 19.48
N GLU A 228 -27.74 47.28 19.94
CA GLU A 228 -28.47 47.66 21.14
C GLU A 228 -27.64 47.41 22.40
N ALA A 229 -26.60 46.60 22.29
CA ALA A 229 -25.69 46.44 23.42
C ALA A 229 -24.96 47.74 23.73
N GLY A 230 -24.89 48.65 22.77
CA GLY A 230 -24.21 49.92 22.95
C GLY A 230 -22.88 50.02 22.24
N LEU A 231 -22.40 48.95 21.61
CA LEU A 231 -21.14 49.00 20.90
C LEU A 231 -21.29 49.86 19.65
N CYS A 232 -20.38 50.81 19.46
CA CYS A 232 -20.49 51.78 18.40
C CYS A 232 -19.21 51.78 17.56
N GLY A 233 -19.30 52.40 16.39
CA GLY A 233 -18.15 52.45 15.49
C GLY A 233 -17.07 53.38 15.93
N GLU A 234 -17.34 54.25 16.90
CA GLU A 234 -16.35 55.16 17.44
C GLU A 234 -15.41 54.48 18.43
N ASP A 235 -15.68 53.22 18.76
CA ASP A 235 -14.83 52.49 19.69
C ASP A 235 -14.44 51.11 19.20
N TYR A 236 -15.18 50.50 18.28
CA TYR A 236 -14.97 49.11 17.90
C TYR A 236 -14.87 49.03 16.39
N VAL A 237 -14.11 48.06 15.90
CA VAL A 237 -14.09 47.74 14.49
C VAL A 237 -14.10 46.22 14.34
N PHE A 238 -14.96 45.73 13.46
CA PHE A 238 -15.19 44.30 13.27
C PHE A 238 -14.74 43.93 11.87
N PHE A 239 -13.84 42.96 11.78
CA PHE A 239 -13.37 42.47 10.51
C PHE A 239 -13.94 41.08 10.26
N HIS A 240 -14.59 40.90 9.12
CA HIS A 240 -15.13 39.60 8.74
C HIS A 240 -14.18 38.97 7.74
N LEU A 241 -13.75 37.75 8.03
CA LEU A 241 -12.77 37.06 7.20
C LEU A 241 -13.50 36.08 6.29
N ASP A 242 -14.11 36.62 5.24
CA ASP A 242 -14.88 35.84 4.27
C ASP A 242 -14.07 35.75 2.98
N ILE A 243 -13.23 34.73 2.90
CA ILE A 243 -12.20 34.70 1.87
C ILE A 243 -12.81 34.56 0.48
N PHE A 244 -13.89 33.80 0.35
CA PHE A 244 -14.51 33.57 -0.95
C PHE A 244 -15.66 34.51 -1.24
N GLY A 245 -15.88 35.50 -0.38
CA GLY A 245 -16.93 36.48 -0.59
C GLY A 245 -18.32 35.89 -0.67
N GLN A 246 -18.79 35.28 0.41
CA GLN A 246 -20.13 34.71 0.40
C GLN A 246 -21.17 35.70 0.90
N SER A 247 -20.80 36.59 1.82
CA SER A 247 -21.68 37.71 2.17
C SER A 247 -21.96 38.56 0.95
N LEU A 248 -21.08 38.49 -0.03
CA LEU A 248 -21.15 39.19 -1.30
C LEU A 248 -21.22 38.10 -2.35
N GLN A 249 -21.01 38.43 -3.61
CA GLN A 249 -20.68 37.40 -4.58
C GLN A 249 -19.22 37.43 -5.03
N GLY A 250 -18.60 38.60 -5.11
CA GLY A 250 -17.17 38.71 -5.32
C GLY A 250 -16.74 38.76 -6.77
N GLY A 251 -17.09 37.72 -7.54
CA GLY A 251 -16.65 37.63 -8.94
C GLY A 251 -17.15 38.80 -9.79
N GLN A 252 -18.37 39.27 -9.53
CA GLN A 252 -18.96 40.38 -10.32
C GLN A 252 -18.05 41.61 -10.25
N GLY A 253 -17.56 42.09 -11.40
CA GLY A 253 -16.71 43.30 -11.44
C GLY A 253 -17.35 44.47 -10.71
N PRO A 254 -18.44 45.14 -11.21
CA PRO A 254 -19.09 46.24 -10.51
C PRO A 254 -20.59 46.14 -10.17
N ALA A 255 -20.93 45.41 -9.09
CA ALA A 255 -22.34 45.35 -8.63
C ALA A 255 -22.45 46.08 -7.29
N PRO A 256 -23.60 46.70 -6.91
CA PRO A 256 -23.65 47.47 -5.65
C PRO A 256 -23.14 46.68 -4.43
N ARG A 257 -23.77 45.56 -4.08
CA ARG A 257 -23.38 44.70 -2.92
C ARG A 257 -23.88 45.31 -1.59
N ARG A 258 -24.86 44.68 -0.95
CA ARG A 258 -25.48 45.15 0.28
C ARG A 258 -25.62 43.96 1.22
N PRO A 259 -24.55 43.56 1.90
CA PRO A 259 -24.60 42.34 2.69
C PRO A 259 -25.58 42.39 3.85
N TRP A 260 -25.98 43.57 4.29
CA TRP A 260 -26.89 43.72 5.41
C TRP A 260 -28.35 43.53 5.02
N GLU A 261 -28.65 43.49 3.73
CA GLU A 261 -30.04 43.46 3.30
C GLU A 261 -30.48 42.03 3.04
N ARG A 262 -31.55 41.62 3.72
CA ARG A 262 -32.16 40.32 3.49
C ARG A 262 -33.67 40.34 3.36
N GLY A 263 -34.33 41.46 3.67
CA GLY A 263 -35.77 41.54 3.54
C GLY A 263 -36.50 40.90 4.71
N ASP A 264 -36.21 41.37 5.93
CA ASP A 264 -36.78 40.79 7.13
C ASP A 264 -37.32 41.86 8.08
N GLY A 265 -37.51 43.08 7.60
CA GLY A 265 -38.04 44.13 8.46
C GLY A 265 -37.02 44.67 9.44
N GLN A 266 -35.79 44.18 9.40
CA GLN A 266 -34.71 44.68 10.23
C GLN A 266 -33.66 45.42 9.41
N ASP A 267 -33.92 45.71 8.15
CA ASP A 267 -32.87 46.19 7.25
C ASP A 267 -32.38 47.58 7.63
N VAL A 268 -33.24 48.44 8.17
CA VAL A 268 -32.77 49.75 8.63
C VAL A 268 -31.74 49.58 9.73
N SER A 269 -32.06 48.77 10.73
CA SER A 269 -31.11 48.50 11.80
C SER A 269 -29.87 47.79 11.27
N ALA A 270 -30.03 46.93 10.27
CA ALA A 270 -28.89 46.22 9.70
C ALA A 270 -27.91 47.19 9.06
N ARG A 271 -28.42 48.14 8.28
CA ARG A 271 -27.50 49.09 7.64
C ARG A 271 -26.92 50.03 8.67
N GLN A 272 -27.66 50.31 9.74
CA GLN A 272 -27.07 51.12 10.80
C GLN A 272 -25.93 50.37 11.47
N ALA A 273 -26.09 49.05 11.65
CA ALA A 273 -25.08 48.27 12.32
C ALA A 273 -23.82 48.11 11.47
N PHE A 274 -23.99 47.76 10.19
CA PHE A 274 -22.84 47.45 9.34
C PHE A 274 -21.92 48.63 9.09
N GLN A 275 -22.21 49.78 9.70
CA GLN A 275 -21.31 50.92 9.58
C GLN A 275 -20.01 50.69 10.33
N ALA A 276 -19.95 49.66 11.17
CA ALA A 276 -18.74 49.30 11.88
C ALA A 276 -18.05 48.05 11.34
N ALA A 277 -18.53 47.49 10.25
CA ALA A 277 -17.99 46.24 9.74
C ALA A 277 -17.16 46.44 8.50
N LYS A 278 -16.23 45.51 8.27
CA LYS A 278 -15.35 45.51 7.11
C LYS A 278 -15.04 44.08 6.73
N ILE A 279 -14.85 43.82 5.45
CA ILE A 279 -14.81 42.48 4.90
C ILE A 279 -13.50 42.28 4.17
N ILE A 280 -12.85 41.15 4.41
CA ILE A 280 -11.57 40.82 3.80
C ILE A 280 -11.76 39.58 2.94
N THR A 281 -11.53 39.71 1.64
CA THR A 281 -11.69 38.61 0.70
C THR A 281 -10.41 38.48 -0.13
N TYR A 282 -10.42 37.52 -1.05
CA TYR A 282 -9.36 37.41 -2.03
C TYR A 282 -9.46 38.52 -3.06
N LYS A 283 -8.35 38.77 -3.74
CA LYS A 283 -8.34 39.75 -4.82
C LYS A 283 -8.84 39.11 -6.11
N ASP A 284 -9.65 39.85 -6.85
CA ASP A 284 -10.14 39.39 -8.14
C ASP A 284 -9.11 39.67 -9.23
N PRO A 285 -8.64 38.66 -9.96
CA PRO A 285 -7.86 38.93 -11.18
C PRO A 285 -8.71 39.69 -12.18
N ASP A 286 -8.08 40.61 -12.92
CA ASP A 286 -8.80 41.50 -13.82
C ASP A 286 -8.34 41.42 -15.27
N ASN A 287 -7.20 40.79 -15.54
CA ASN A 287 -6.66 40.79 -16.88
C ASN A 287 -7.58 40.01 -17.84
N PRO A 288 -7.65 40.44 -19.11
CA PRO A 288 -8.63 39.83 -20.04
C PRO A 288 -8.43 38.35 -20.29
N GLU A 289 -7.20 37.86 -20.17
CA GLU A 289 -6.96 36.43 -20.32
C GLU A 289 -7.76 35.64 -19.30
N TYR A 290 -7.94 36.20 -18.10
CA TYR A 290 -8.75 35.56 -17.09
C TYR A 290 -10.20 35.43 -17.55
N LEU A 291 -10.74 36.49 -18.14
CA LEU A 291 -12.13 36.46 -18.60
C LEU A 291 -12.31 35.42 -19.69
N GLU A 292 -11.37 35.38 -20.64
CA GLU A 292 -11.45 34.38 -21.70
C GLU A 292 -11.36 32.97 -21.13
N PHE A 293 -10.48 32.77 -20.16
CA PHE A 293 -10.35 31.45 -19.54
C PHE A 293 -11.65 31.06 -18.84
N LEU A 294 -12.29 32.01 -18.16
CA LEU A 294 -13.56 31.71 -17.49
C LEU A 294 -14.61 31.29 -18.50
N LYS A 295 -14.71 32.02 -19.61
CA LYS A 295 -15.71 31.68 -20.61
C LYS A 295 -15.52 30.27 -21.14
N GLN A 296 -14.29 29.95 -21.56
CA GLN A 296 -14.01 28.62 -22.09
C GLN A 296 -14.24 27.55 -21.03
N LEU A 297 -13.86 27.83 -19.78
CA LEU A 297 -14.01 26.87 -18.71
C LEU A 297 -15.48 26.54 -18.46
N LYS A 298 -16.33 27.55 -18.40
CA LYS A 298 -17.75 27.32 -18.20
C LYS A 298 -18.32 26.49 -19.35
N HIS A 299 -17.93 26.82 -20.58
CA HIS A 299 -18.41 26.06 -21.72
C HIS A 299 -18.05 24.59 -21.60
N LEU A 300 -16.76 24.30 -21.38
CA LEU A 300 -16.32 22.91 -21.28
C LEU A 300 -16.98 22.19 -20.11
N ALA A 301 -17.09 22.85 -18.96
CA ALA A 301 -17.70 22.20 -17.81
C ALA A 301 -19.12 21.78 -18.11
N TYR A 302 -19.93 22.69 -18.64
CA TYR A 302 -21.31 22.32 -18.97
C TYR A 302 -21.35 21.23 -20.03
N GLU A 303 -20.53 21.34 -21.06
CA GLU A 303 -20.59 20.37 -22.16
C GLU A 303 -20.24 18.96 -21.71
N GLN A 304 -19.16 18.80 -20.96
CA GLN A 304 -18.63 17.46 -20.70
C GLN A 304 -18.88 16.94 -19.30
N PHE A 305 -18.84 17.78 -18.27
CA PHE A 305 -18.99 17.30 -16.91
C PHE A 305 -20.40 17.49 -16.38
N ASN A 306 -21.31 18.01 -17.18
CA ASN A 306 -22.72 18.14 -16.84
C ASN A 306 -22.88 18.93 -15.54
N PHE A 307 -22.40 20.17 -15.58
CA PHE A 307 -22.34 20.99 -14.37
C PHE A 307 -22.35 22.45 -14.80
N THR A 308 -23.03 23.27 -14.00
CA THR A 308 -23.19 24.69 -14.29
C THR A 308 -22.40 25.49 -13.26
N MET A 309 -21.44 26.28 -13.74
CA MET A 309 -20.49 26.98 -12.86
C MET A 309 -21.01 28.39 -12.61
N GLU A 310 -21.01 28.79 -11.34
CA GLU A 310 -21.46 30.12 -10.97
C GLU A 310 -20.27 31.05 -10.74
N ASP A 311 -20.50 32.34 -10.94
CA ASP A 311 -19.45 33.33 -10.76
C ASP A 311 -19.10 33.55 -9.29
N GLY A 312 -17.87 33.94 -9.05
CA GLY A 312 -17.40 34.22 -7.71
C GLY A 312 -15.91 34.08 -7.63
N LEU A 313 -15.39 34.35 -6.43
CA LEU A 313 -13.95 34.19 -6.19
C LEU A 313 -13.55 32.74 -6.12
N VAL A 314 -14.51 31.82 -6.10
CA VAL A 314 -14.21 30.40 -6.03
C VAL A 314 -13.48 29.93 -7.27
N ASN A 315 -13.61 30.65 -8.39
CA ASN A 315 -13.12 30.16 -9.66
C ASN A 315 -11.61 30.26 -9.77
N THR A 316 -10.93 30.80 -8.77
CA THR A 316 -9.49 30.96 -8.85
C THR A 316 -8.74 29.68 -8.49
N ILE A 317 -9.40 28.72 -7.87
CA ILE A 317 -8.75 27.44 -7.55
C ILE A 317 -8.43 26.66 -8.82
N PRO A 318 -9.37 26.44 -9.75
CA PRO A 318 -9.00 25.77 -11.00
C PRO A 318 -7.96 26.54 -11.80
N ALA A 319 -8.01 27.87 -11.76
CA ALA A 319 -6.97 28.65 -12.42
C ALA A 319 -5.60 28.39 -11.82
N SER A 320 -5.52 28.28 -10.49
CA SER A 320 -4.27 27.93 -9.84
C SER A 320 -3.78 26.54 -10.23
N PHE A 321 -4.68 25.56 -10.33
CA PHE A 321 -4.27 24.24 -10.82
C PHE A 321 -3.68 24.34 -12.22
N HIS A 322 -4.35 25.10 -13.10
CA HIS A 322 -3.86 25.29 -14.46
C HIS A 322 -2.45 25.88 -14.48
N ASP A 323 -2.26 26.97 -13.75
CA ASP A 323 -0.96 27.64 -13.72
C ASP A 323 0.11 26.76 -13.11
N GLY A 324 -0.21 26.05 -12.04
CA GLY A 324 0.79 25.19 -11.40
C GLY A 324 1.22 24.04 -12.28
N LEU A 325 0.27 23.43 -12.99
CA LEU A 325 0.66 22.38 -13.92
C LEU A 325 1.56 22.91 -15.03
N LEU A 326 1.26 24.10 -15.55
CA LEU A 326 2.14 24.67 -16.57
C LEU A 326 3.55 24.93 -16.03
N LEU A 327 3.64 25.44 -14.81
CA LEU A 327 4.95 25.69 -14.20
C LEU A 327 5.72 24.39 -14.00
N TYR A 328 5.04 23.33 -13.57
CA TYR A 328 5.73 22.04 -13.41
C TYR A 328 6.26 21.55 -14.74
N ILE A 329 5.49 21.70 -15.80
CA ILE A 329 5.95 21.24 -17.12
C ILE A 329 7.19 22.02 -17.55
N GLN A 330 7.20 23.32 -17.29
CA GLN A 330 8.39 24.10 -17.60
C GLN A 330 9.62 23.61 -16.83
N ALA A 331 9.45 23.33 -15.53
CA ALA A 331 10.57 22.85 -14.73
C ALA A 331 11.09 21.53 -15.25
N VAL A 332 10.20 20.62 -15.63
CA VAL A 332 10.63 19.33 -16.16
C VAL A 332 11.42 19.52 -17.45
N THR A 333 10.94 20.41 -18.33
CA THR A 333 11.66 20.64 -19.57
C THR A 333 13.06 21.18 -19.32
N GLU A 334 13.18 22.13 -18.40
CA GLU A 334 14.49 22.68 -18.08
C GLU A 334 15.41 21.61 -17.50
N THR A 335 14.87 20.74 -16.65
CA THR A 335 15.69 19.68 -16.07
C THR A 335 16.19 18.73 -17.15
N LEU A 336 15.32 18.32 -18.07
CA LEU A 336 15.75 17.42 -19.14
C LEU A 336 16.77 18.07 -20.05
N ALA A 337 16.69 19.39 -20.24
CA ALA A 337 17.60 20.06 -21.15
C ALA A 337 19.03 20.13 -20.62
N HIS A 338 19.24 19.78 -19.35
CA HIS A 338 20.57 19.84 -18.76
C HIS A 338 21.09 18.45 -18.42
N GLY A 339 20.57 17.42 -19.06
CA GLY A 339 21.05 16.08 -18.82
C GLY A 339 20.45 15.39 -17.62
N GLY A 340 19.15 15.50 -17.40
CA GLY A 340 18.48 14.79 -16.33
C GLY A 340 17.53 13.75 -16.84
N THR A 341 16.68 13.26 -15.94
CA THR A 341 15.59 12.35 -16.28
C THR A 341 14.31 12.90 -15.65
N VAL A 342 13.18 12.28 -15.97
CA VAL A 342 11.89 12.76 -15.46
C VAL A 342 11.63 12.33 -14.03
N THR A 343 12.58 11.66 -13.40
CA THR A 343 12.43 11.19 -12.03
C THR A 343 13.45 11.84 -11.10
N ASP A 344 13.67 13.14 -11.26
CA ASP A 344 14.54 13.90 -10.38
C ASP A 344 13.69 14.85 -9.55
N GLY A 345 13.13 14.33 -8.47
CA GLY A 345 12.21 15.10 -7.65
C GLY A 345 12.83 16.35 -7.08
N GLU A 346 14.03 16.21 -6.49
CA GLU A 346 14.69 17.34 -5.85
C GLU A 346 15.09 18.40 -6.87
N ASN A 347 15.68 17.97 -7.99
CA ASN A 347 16.08 18.93 -9.00
C ASN A 347 14.88 19.69 -9.56
N ILE A 348 13.80 18.97 -9.87
CA ILE A 348 12.64 19.61 -10.45
C ILE A 348 12.00 20.56 -9.44
N THR A 349 11.88 20.14 -8.19
CA THR A 349 11.28 21.00 -7.17
C THR A 349 12.11 22.24 -6.94
N GLN A 350 13.42 22.09 -6.89
CA GLN A 350 14.28 23.24 -6.65
C GLN A 350 14.26 24.18 -7.84
N ARG A 351 14.01 23.66 -9.04
CA ARG A 351 13.80 24.54 -10.19
C ARG A 351 12.46 25.27 -10.09
N MET A 352 11.44 24.63 -9.52
CA MET A 352 10.19 25.36 -9.31
C MET A 352 10.30 26.47 -8.28
N TRP A 353 10.96 26.22 -7.16
CA TRP A 353 10.90 27.14 -6.03
C TRP A 353 11.66 28.44 -6.33
N ASN A 354 11.18 29.52 -5.72
CA ASN A 354 11.81 30.84 -5.82
C ASN A 354 11.90 31.31 -7.27
N ARG A 355 10.73 31.49 -7.88
CA ARG A 355 10.66 31.76 -9.30
C ARG A 355 9.42 32.57 -9.60
N SER A 356 9.44 33.27 -10.73
CA SER A 356 8.30 34.03 -11.23
C SER A 356 7.81 33.42 -12.53
N PHE A 357 6.50 33.55 -12.76
CA PHE A 357 5.86 32.89 -13.88
C PHE A 357 4.72 33.77 -14.38
N GLN A 358 4.37 33.59 -15.65
CA GLN A 358 3.28 34.32 -16.29
C GLN A 358 2.11 33.39 -16.51
N GLY A 359 0.99 33.69 -15.85
CA GLY A 359 -0.19 32.84 -15.97
C GLY A 359 -1.46 33.61 -16.27
N VAL A 360 -2.59 32.91 -16.29
CA VAL A 360 -3.87 33.58 -16.52
C VAL A 360 -4.21 34.50 -15.35
N THR A 361 -3.84 34.10 -14.14
CA THR A 361 -4.10 34.91 -12.96
C THR A 361 -3.10 36.06 -12.79
N GLY A 362 -2.12 36.18 -13.68
CA GLY A 362 -1.20 37.29 -13.63
C GLY A 362 0.25 36.87 -13.61
N TYR A 363 1.08 37.63 -12.92
CA TYR A 363 2.50 37.34 -12.75
C TYR A 363 2.70 36.73 -11.37
N LEU A 364 2.91 35.42 -11.33
CA LEU A 364 3.02 34.70 -10.07
C LEU A 364 4.41 34.89 -9.47
N LYS A 365 4.56 34.46 -8.23
CA LYS A 365 5.86 34.38 -7.59
C LYS A 365 5.80 33.29 -6.52
N ILE A 366 6.57 32.23 -6.70
CA ILE A 366 6.73 31.21 -5.68
C ILE A 366 7.88 31.62 -4.78
N ASP A 367 7.66 31.64 -3.47
CA ASP A 367 8.71 32.07 -2.57
C ASP A 367 9.72 30.93 -2.41
N SER A 368 10.75 31.17 -1.59
CA SER A 368 11.80 30.18 -1.42
C SER A 368 11.34 28.95 -0.66
N SER A 369 10.26 29.06 0.11
CA SER A 369 9.75 27.95 0.90
C SER A 369 8.74 27.09 0.15
N GLY A 370 8.35 27.47 -1.06
CA GLY A 370 7.46 26.67 -1.85
C GLY A 370 6.00 27.06 -1.82
N ASP A 371 5.66 28.28 -1.42
CA ASP A 371 4.29 28.73 -1.34
C ASP A 371 4.10 29.95 -2.24
N ARG A 372 3.04 29.93 -3.02
CA ARG A 372 2.70 31.08 -3.86
C ARG A 372 2.26 32.24 -2.98
N GLU A 373 2.61 33.45 -3.39
CA GLU A 373 2.23 34.64 -2.64
C GLU A 373 0.88 35.17 -3.12
N THR A 374 0.02 35.51 -2.17
CA THR A 374 -1.40 35.74 -2.40
C THR A 374 -1.75 37.20 -2.19
N ASP A 375 -2.78 37.68 -2.89
CA ASP A 375 -3.27 39.04 -2.77
C ASP A 375 -4.68 39.05 -2.17
N PHE A 376 -5.03 40.17 -1.54
CA PHE A 376 -6.28 40.32 -0.82
C PHE A 376 -6.91 41.66 -1.12
N SER A 377 -8.21 41.78 -0.86
CA SER A 377 -8.96 43.01 -1.03
C SER A 377 -9.73 43.32 0.23
N LEU A 378 -9.96 44.60 0.49
CA LEU A 378 -10.66 45.07 1.68
C LEU A 378 -11.84 45.92 1.25
N TRP A 379 -13.05 45.40 1.46
CA TRP A 379 -14.27 46.08 1.06
C TRP A 379 -14.75 47.02 2.16
N ASP A 380 -15.51 48.04 1.76
CA ASP A 380 -15.99 49.03 2.69
C ASP A 380 -17.30 49.61 2.18
N MET A 381 -18.06 50.18 3.11
CA MET A 381 -19.39 50.71 2.83
C MET A 381 -19.31 52.10 2.21
N ASP A 382 -20.17 52.34 1.22
CA ASP A 382 -20.29 53.65 0.60
C ASP A 382 -21.01 54.59 1.57
N PRO A 383 -20.43 55.72 1.92
CA PRO A 383 -21.06 56.61 2.91
C PRO A 383 -22.41 57.15 2.46
N GLU A 384 -22.62 57.23 1.15
CA GLU A 384 -23.84 57.85 0.62
C GLU A 384 -24.90 56.80 0.32
N ASN A 385 -24.57 55.83 -0.53
CA ASN A 385 -25.52 54.82 -0.97
C ASN A 385 -25.76 53.75 0.07
N GLY A 386 -24.69 53.24 0.68
CA GLY A 386 -24.79 52.06 1.54
C GLY A 386 -24.33 50.78 0.88
N ALA A 387 -23.75 50.85 -0.31
CA ALA A 387 -23.29 49.66 -0.99
C ALA A 387 -21.79 49.45 -0.77
N PHE A 388 -21.42 48.21 -0.51
CA PHE A 388 -20.03 47.88 -0.23
C PHE A 388 -19.21 47.84 -1.52
N ARG A 389 -17.95 48.26 -1.42
CA ARG A 389 -17.06 48.34 -2.57
C ARG A 389 -15.62 48.22 -2.11
N VAL A 390 -14.74 47.78 -2.99
CA VAL A 390 -13.33 47.61 -2.67
C VAL A 390 -12.65 48.96 -2.56
N VAL A 391 -11.88 49.18 -1.50
CA VAL A 391 -11.20 50.44 -1.28
C VAL A 391 -9.70 50.28 -1.08
N LEU A 392 -9.22 49.09 -0.75
CA LEU A 392 -7.79 48.84 -0.57
C LEU A 392 -7.43 47.55 -1.27
N ASN A 393 -6.14 47.39 -1.57
CA ASN A 393 -5.71 46.22 -2.32
C ASN A 393 -4.23 46.00 -2.06
N TYR A 394 -3.84 44.74 -1.92
CA TYR A 394 -2.54 44.38 -1.34
C TYR A 394 -1.78 43.47 -2.29
N ASN A 395 -0.54 43.84 -2.60
CA ASN A 395 0.32 43.05 -3.50
C ASN A 395 1.24 42.18 -2.65
N GLY A 396 1.15 40.87 -2.85
CA GLY A 396 1.90 39.95 -1.99
C GLY A 396 3.40 40.04 -2.17
N THR A 397 3.86 40.11 -3.41
CA THR A 397 5.30 40.09 -3.68
C THR A 397 6.00 41.31 -3.11
N SER A 398 5.49 42.51 -3.40
CA SER A 398 6.08 43.74 -2.90
C SER A 398 5.58 44.12 -1.51
N GLN A 399 4.57 43.43 -0.98
CA GLN A 399 4.07 43.65 0.37
C GLN A 399 3.65 45.10 0.58
N GLU A 400 2.87 45.66 -0.34
CA GLU A 400 2.44 47.04 -0.22
C GLU A 400 0.94 47.17 -0.46
N LEU A 401 0.35 48.15 0.22
CA LEU A 401 -1.07 48.45 0.10
C LEU A 401 -1.28 49.55 -0.92
N VAL A 402 -2.27 49.37 -1.80
CA VAL A 402 -2.54 50.29 -2.89
C VAL A 402 -3.98 50.75 -2.81
N ALA A 403 -4.17 52.06 -2.77
CA ALA A 403 -5.52 52.62 -2.81
C ALA A 403 -6.12 52.44 -4.20
N VAL A 404 -7.45 52.39 -4.26
CA VAL A 404 -8.17 52.13 -5.49
C VAL A 404 -9.03 53.34 -5.83
N SER A 405 -8.79 53.93 -7.00
CA SER A 405 -9.66 54.95 -7.57
C SER A 405 -9.84 56.14 -6.63
N GLY A 406 -8.81 56.43 -5.85
CA GLY A 406 -8.88 57.56 -4.94
C GLY A 406 -9.98 57.46 -3.92
N ARG A 407 -10.19 56.25 -3.39
CA ARG A 407 -11.16 56.05 -2.33
C ARG A 407 -10.49 56.10 -0.97
N LYS A 408 -11.29 56.35 0.06
CA LYS A 408 -10.78 56.47 1.42
C LYS A 408 -11.64 55.64 2.36
N LEU A 409 -11.02 55.07 3.38
CA LEU A 409 -11.76 54.27 4.35
C LEU A 409 -12.73 55.14 5.12
N ASN A 410 -13.92 54.59 5.38
CA ASN A 410 -14.90 55.32 6.16
C ASN A 410 -14.63 55.15 7.65
N TRP A 411 -14.52 56.26 8.35
CA TRP A 411 -14.36 56.26 9.79
C TRP A 411 -15.38 57.22 10.38
N PRO A 412 -16.30 56.75 11.21
CA PRO A 412 -17.34 57.65 11.74
C PRO A 412 -16.79 58.83 12.52
N LEU A 413 -15.65 58.66 13.19
CA LEU A 413 -15.04 59.74 13.97
C LEU A 413 -13.85 60.37 13.25
N GLY A 414 -13.75 60.18 11.94
CA GLY A 414 -12.64 60.72 11.18
C GLY A 414 -11.50 59.75 10.96
N TYR A 415 -10.82 59.37 12.03
CA TYR A 415 -9.65 58.51 12.10
C TYR A 415 -10.03 57.17 12.73
N PRO A 416 -9.25 56.11 12.53
CA PRO A 416 -9.53 54.85 13.20
C PRO A 416 -9.44 54.99 14.71
N PRO A 417 -10.27 54.26 15.44
CA PRO A 417 -10.20 54.28 16.91
C PRO A 417 -8.95 53.59 17.40
N PRO A 418 -8.48 53.92 18.60
CA PRO A 418 -7.25 53.30 19.12
C PRO A 418 -7.49 51.88 19.58
N ASP A 419 -6.40 51.13 19.71
CA ASP A 419 -6.43 49.79 20.29
C ASP A 419 -6.90 49.77 21.73
N ILE A 420 -6.41 50.68 22.56
CA ILE A 420 -6.70 50.65 23.98
C ILE A 420 -7.43 51.94 24.33
N PRO A 421 -8.62 51.86 24.93
CA PRO A 421 -9.28 53.09 25.39
C PRO A 421 -8.47 53.76 26.47
N LYS A 422 -8.61 55.09 26.55
CA LYS A 422 -7.81 55.87 27.48
C LYS A 422 -8.01 55.39 28.91
N CYS A 423 -9.26 55.11 29.28
CA CYS A 423 -9.54 54.60 30.63
C CYS A 423 -8.93 53.22 30.83
N GLY A 424 -8.94 52.40 29.80
CA GLY A 424 -8.41 51.05 29.88
C GLY A 424 -9.51 50.00 29.92
N PHE A 425 -9.11 48.75 29.72
CA PHE A 425 -10.06 47.65 29.74
C PHE A 425 -10.63 47.43 31.14
N ASN B 1 17.28 1.47 -6.54
CA ASN B 1 16.51 1.86 -7.72
C ASN B 1 15.48 0.80 -8.07
N ILE B 2 15.55 0.28 -9.30
CA ILE B 2 14.64 -0.75 -9.78
C ILE B 2 15.46 -1.99 -10.11
N GLN B 3 15.09 -3.11 -9.51
CA GLN B 3 15.78 -4.38 -9.72
C GLN B 3 15.06 -5.20 -10.78
N MET B 4 15.83 -5.77 -11.71
CA MET B 4 15.28 -6.49 -12.84
C MET B 4 15.73 -7.95 -12.77
N THR B 5 14.77 -8.86 -12.95
CA THR B 5 15.01 -10.29 -12.79
C THR B 5 14.75 -10.99 -14.12
N GLN B 6 15.61 -11.97 -14.43
CA GLN B 6 15.51 -12.74 -15.66
C GLN B 6 15.15 -14.19 -15.35
N SER B 7 14.35 -14.80 -16.23
CA SER B 7 13.94 -16.18 -16.07
C SER B 7 13.94 -16.87 -17.42
N PRO B 8 14.54 -18.07 -17.54
CA PRO B 8 15.27 -18.72 -16.45
C PRO B 8 16.75 -18.34 -16.42
N SER B 9 17.51 -18.91 -15.50
CA SER B 9 18.95 -18.65 -15.46
C SER B 9 19.65 -19.20 -16.69
N SER B 10 19.27 -20.39 -17.14
CA SER B 10 19.84 -21.00 -18.33
C SER B 10 18.88 -22.02 -18.88
N LEU B 11 19.04 -22.33 -20.17
CA LEU B 11 18.20 -23.32 -20.82
C LEU B 11 18.93 -23.86 -22.04
N SER B 12 18.46 -25.01 -22.53
CA SER B 12 19.03 -25.65 -23.70
C SER B 12 17.93 -26.01 -24.69
N ALA B 13 18.21 -25.82 -25.97
CA ALA B 13 17.27 -26.14 -27.03
C ALA B 13 18.04 -26.47 -28.30
N SER B 14 17.39 -27.21 -29.18
CA SER B 14 17.99 -27.63 -30.44
C SER B 14 17.69 -26.63 -31.55
N VAL B 15 18.31 -26.86 -32.71
CA VAL B 15 18.10 -25.98 -33.85
C VAL B 15 16.69 -26.15 -34.39
N GLY B 16 15.99 -25.03 -34.56
CA GLY B 16 14.63 -25.04 -35.05
C GLY B 16 13.55 -25.05 -33.99
N ASP B 17 13.91 -24.90 -32.71
CA ASP B 17 12.93 -24.91 -31.64
C ASP B 17 12.49 -23.48 -31.33
N ARG B 18 11.70 -23.31 -30.28
CA ARG B 18 11.20 -22.01 -29.85
C ARG B 18 11.55 -21.81 -28.38
N VAL B 19 12.08 -20.63 -28.06
CA VAL B 19 12.48 -20.31 -26.70
C VAL B 19 11.86 -18.98 -26.29
N THR B 20 11.66 -18.82 -24.98
CA THR B 20 11.08 -17.61 -24.43
C THR B 20 11.79 -17.24 -23.14
N ILE B 21 12.12 -15.97 -22.99
CA ILE B 21 12.79 -15.44 -21.80
C ILE B 21 11.91 -14.38 -21.18
N THR B 22 11.72 -14.47 -19.86
CA THR B 22 10.84 -13.55 -19.13
C THR B 22 11.67 -12.58 -18.31
N CYS B 23 11.24 -11.31 -18.32
CA CYS B 23 11.89 -10.26 -17.55
C CYS B 23 10.85 -9.63 -16.62
N ARG B 24 11.21 -9.49 -15.35
CA ARG B 24 10.32 -8.98 -14.32
C ARG B 24 10.94 -7.75 -13.67
N ALA B 25 10.10 -6.74 -13.41
CA ALA B 25 10.53 -5.49 -12.80
C ALA B 25 9.94 -5.36 -11.40
N SER B 26 10.74 -4.82 -10.48
CA SER B 26 10.26 -4.62 -9.12
C SER B 26 9.19 -3.53 -9.06
N GLN B 27 9.28 -2.53 -9.94
CA GLN B 27 8.31 -1.45 -10.01
C GLN B 27 7.62 -1.49 -11.37
N SER B 28 6.80 -0.48 -11.64
CA SER B 28 5.99 -0.42 -12.85
C SER B 28 6.66 0.47 -13.88
N ILE B 29 6.96 -0.10 -15.04
CA ILE B 29 7.49 0.64 -16.20
C ILE B 29 6.62 0.32 -17.40
N ASP B 30 6.15 1.36 -18.08
CA ASP B 30 5.20 1.20 -19.17
C ASP B 30 5.81 0.42 -20.34
N SER B 31 6.75 1.05 -21.06
CA SER B 31 7.38 0.38 -22.19
C SER B 31 8.88 0.66 -22.26
N TYR B 32 9.52 0.91 -21.12
CA TYR B 32 10.93 1.27 -21.08
C TYR B 32 11.77 0.01 -20.91
N LEU B 33 11.92 -0.73 -22.00
CA LEU B 33 12.71 -1.95 -22.00
C LEU B 33 13.51 -2.06 -23.29
N ASN B 34 14.74 -2.55 -23.16
CA ASN B 34 15.59 -2.85 -24.31
C ASN B 34 16.17 -4.26 -24.12
N TRP B 35 16.39 -4.94 -25.25
CA TRP B 35 16.93 -6.29 -25.26
C TRP B 35 18.29 -6.29 -25.96
N TYR B 36 19.28 -6.91 -25.33
CA TYR B 36 20.62 -7.00 -25.88
C TYR B 36 21.09 -8.44 -25.91
N GLN B 37 21.89 -8.76 -26.93
CA GLN B 37 22.49 -10.08 -27.08
C GLN B 37 23.99 -9.91 -27.19
N GLN B 38 24.73 -10.70 -26.41
CA GLN B 38 26.19 -10.60 -26.38
C GLN B 38 26.79 -12.00 -26.45
N LYS B 39 27.77 -12.17 -27.35
CA LYS B 39 28.60 -13.34 -27.53
C LYS B 39 29.92 -13.17 -26.77
N PRO B 40 30.54 -14.26 -26.32
CA PRO B 40 31.79 -14.13 -25.57
C PRO B 40 32.88 -13.46 -26.40
N GLY B 41 33.62 -12.57 -25.75
CA GLY B 41 34.71 -11.87 -26.41
C GLY B 41 34.29 -10.73 -27.32
N LYS B 42 32.99 -10.43 -27.41
CA LYS B 42 32.49 -9.41 -28.31
C LYS B 42 31.56 -8.46 -27.55
N ALA B 43 31.43 -7.25 -28.09
CA ALA B 43 30.56 -6.26 -27.50
C ALA B 43 29.09 -6.65 -27.68
N PRO B 44 28.22 -6.20 -26.77
CA PRO B 44 26.79 -6.54 -26.91
C PRO B 44 26.15 -5.92 -28.14
N LYS B 45 25.01 -6.47 -28.57
CA LYS B 45 24.31 -5.98 -29.74
C LYS B 45 22.85 -5.76 -29.40
N LEU B 46 22.23 -4.63 -29.82
CA LEU B 46 20.79 -4.32 -29.58
C LEU B 46 19.87 -5.04 -30.57
N LEU B 47 18.84 -5.73 -30.07
CA LEU B 47 17.86 -6.47 -30.89
C LEU B 47 16.52 -5.71 -30.91
N ILE B 48 15.77 -5.67 -29.81
CA ILE B 48 14.44 -5.01 -29.70
C ILE B 48 14.54 -3.76 -28.85
N TYR B 49 13.85 -2.68 -29.18
CA TYR B 49 13.80 -1.42 -28.39
C TYR B 49 12.36 -1.07 -28.00
N VAL B 50 12.14 -0.20 -27.03
CA VAL B 50 10.82 0.17 -26.47
C VAL B 50 9.90 -1.04 -26.37
N ALA B 51 10.31 -2.11 -25.69
CA ALA B 51 9.55 -3.37 -25.42
C ALA B 51 9.30 -4.15 -26.70
N SER B 52 8.70 -3.58 -27.77
CA SER B 52 8.29 -4.41 -28.93
C SER B 52 8.72 -3.94 -30.34
N SER B 53 9.52 -2.88 -30.49
CA SER B 53 9.87 -2.34 -31.82
C SER B 53 11.13 -3.14 -32.12
N LEU B 54 11.42 -3.46 -33.37
CA LEU B 54 12.59 -4.30 -33.72
C LEU B 54 13.59 -3.44 -34.48
N GLN B 55 14.88 -3.57 -34.17
CA GLN B 55 15.91 -2.71 -34.81
C GLN B 55 16.12 -3.13 -36.27
N SER B 56 16.40 -2.16 -37.13
CA SER B 56 16.68 -2.44 -38.55
C SER B 56 17.94 -3.26 -38.67
N GLY B 57 17.92 -4.28 -39.51
CA GLY B 57 19.07 -5.15 -39.58
C GLY B 57 19.03 -6.35 -38.66
N VAL B 58 17.89 -6.63 -38.04
CA VAL B 58 17.74 -7.75 -37.12
C VAL B 58 16.77 -8.76 -37.76
N PRO B 59 17.06 -10.06 -37.68
CA PRO B 59 16.12 -11.05 -38.23
C PRO B 59 14.75 -10.95 -37.57
N SER B 60 13.71 -11.19 -38.38
CA SER B 60 12.34 -11.04 -37.92
C SER B 60 11.90 -12.14 -36.96
N ARG B 61 12.71 -13.19 -36.78
CA ARG B 61 12.33 -14.28 -35.89
C ARG B 61 12.22 -13.82 -34.43
N PHE B 62 13.00 -12.82 -34.03
CA PHE B 62 12.92 -12.30 -32.67
C PHE B 62 11.64 -11.50 -32.51
N SER B 63 11.00 -11.63 -31.33
CA SER B 63 9.80 -10.88 -31.02
C SER B 63 9.82 -10.49 -29.56
N GLY B 64 9.17 -9.36 -29.26
CA GLY B 64 9.07 -8.89 -27.89
C GLY B 64 7.66 -8.45 -27.58
N SER B 65 7.25 -8.72 -26.33
CA SER B 65 5.91 -8.36 -25.89
C SER B 65 5.93 -8.14 -24.38
N GLY B 66 4.80 -7.72 -23.85
CA GLY B 66 4.65 -7.48 -22.43
C GLY B 66 4.65 -6.00 -22.10
N SER B 67 4.31 -5.72 -20.85
CA SER B 67 4.16 -4.35 -20.36
C SER B 67 3.95 -4.39 -18.85
N GLY B 68 4.26 -3.28 -18.21
CA GLY B 68 4.08 -3.17 -16.78
C GLY B 68 5.24 -3.74 -15.99
N LYS B 69 5.07 -4.95 -15.46
CA LYS B 69 6.11 -5.63 -14.73
C LYS B 69 6.52 -6.96 -15.34
N ASP B 70 5.85 -7.41 -16.40
CA ASP B 70 6.16 -8.66 -17.07
C ASP B 70 6.44 -8.40 -18.54
N PHE B 71 7.59 -8.87 -19.01
CA PHE B 71 7.96 -8.77 -20.43
C PHE B 71 8.48 -10.12 -20.91
N THR B 72 8.26 -10.40 -22.19
CA THR B 72 8.67 -11.66 -22.78
C THR B 72 9.40 -11.42 -24.09
N LEU B 73 10.50 -12.15 -24.28
CA LEU B 73 11.24 -12.16 -25.53
C LEU B 73 11.19 -13.57 -26.11
N THR B 74 10.71 -13.70 -27.34
CA THR B 74 10.48 -14.99 -27.97
C THR B 74 11.36 -15.12 -29.20
N ILE B 75 12.06 -16.25 -29.30
CA ILE B 75 12.88 -16.58 -30.47
C ILE B 75 12.36 -17.87 -31.06
N SER B 76 11.98 -17.82 -32.34
CA SER B 76 11.47 -18.98 -33.06
C SER B 76 12.39 -19.32 -34.21
N SER B 77 12.44 -20.61 -34.57
CA SER B 77 13.30 -21.12 -35.63
C SER B 77 14.77 -20.79 -35.32
N LEU B 78 15.25 -21.40 -34.23
CA LEU B 78 16.59 -21.14 -33.75
C LEU B 78 17.63 -21.52 -34.81
N GLN B 79 18.72 -20.75 -34.84
CA GLN B 79 19.80 -20.89 -35.80
C GLN B 79 21.11 -21.02 -35.05
N PRO B 80 22.13 -21.62 -35.66
CA PRO B 80 23.39 -21.86 -34.94
C PRO B 80 24.08 -20.61 -34.44
N GLU B 81 23.77 -19.43 -35.00
CA GLU B 81 24.37 -18.18 -34.57
C GLU B 81 23.49 -17.43 -33.58
N ASP B 82 22.45 -18.06 -33.04
CA ASP B 82 21.54 -17.44 -32.10
C ASP B 82 21.80 -17.85 -30.65
N PHE B 83 22.96 -18.45 -30.38
CA PHE B 83 23.31 -18.95 -29.05
C PHE B 83 24.28 -17.96 -28.41
N ALA B 84 23.79 -17.18 -27.46
CA ALA B 84 24.58 -16.18 -26.76
C ALA B 84 23.86 -15.82 -25.46
N THR B 85 24.31 -14.75 -24.81
CA THR B 85 23.73 -14.28 -23.57
C THR B 85 22.76 -13.13 -23.85
N TYR B 86 21.61 -13.15 -23.18
CA TYR B 86 20.55 -12.17 -23.41
C TYR B 86 20.33 -11.34 -22.14
N TYR B 87 20.17 -10.03 -22.32
CA TYR B 87 19.95 -9.10 -21.22
C TYR B 87 18.73 -8.24 -21.51
N CYS B 88 17.91 -8.03 -20.48
CA CYS B 88 16.81 -7.07 -20.53
C CYS B 88 17.16 -5.88 -19.63
N GLN B 89 17.08 -4.68 -20.20
CA GLN B 89 17.53 -3.47 -19.52
C GLN B 89 16.39 -2.45 -19.47
N GLN B 90 16.12 -1.93 -18.28
CA GLN B 90 15.12 -0.88 -18.11
C GLN B 90 15.74 0.48 -18.38
N SER B 91 14.97 1.37 -19.01
CA SER B 91 15.47 2.68 -19.39
C SER B 91 14.59 3.81 -18.86
N TYR B 92 13.75 3.53 -17.86
CA TYR B 92 12.91 4.58 -17.28
C TYR B 92 13.75 5.64 -16.59
N SER B 93 14.68 5.21 -15.74
CA SER B 93 15.57 6.14 -15.03
C SER B 93 16.73 5.36 -14.41
N ILE B 94 17.95 5.87 -14.57
CA ILE B 94 19.16 5.22 -14.09
C ILE B 94 19.18 3.77 -14.61
N PRO B 95 19.45 3.56 -15.89
CA PRO B 95 19.29 2.22 -16.47
C PRO B 95 20.13 1.18 -15.77
N THR B 96 19.55 -0.01 -15.57
CA THR B 96 20.22 -1.14 -14.94
C THR B 96 20.06 -2.37 -15.82
N PHE B 97 21.08 -3.23 -15.81
CA PHE B 97 21.08 -4.44 -16.61
C PHE B 97 20.65 -5.65 -15.78
N GLY B 98 20.38 -6.75 -16.47
CA GLY B 98 20.01 -7.98 -15.82
C GLY B 98 21.22 -8.86 -15.52
N GLN B 99 20.94 -10.01 -14.90
CA GLN B 99 21.99 -10.95 -14.54
C GLN B 99 22.44 -11.82 -15.71
N GLY B 100 21.69 -11.85 -16.80
CA GLY B 100 22.05 -12.63 -17.97
C GLY B 100 21.30 -13.95 -18.04
N THR B 101 21.24 -14.50 -19.25
CA THR B 101 20.56 -15.77 -19.49
C THR B 101 21.27 -16.47 -20.63
N ARG B 102 21.89 -17.61 -20.34
CA ARG B 102 22.58 -18.38 -21.37
C ARG B 102 21.58 -19.19 -22.18
N LEU B 103 22.04 -19.64 -23.35
CA LEU B 103 21.21 -20.42 -24.25
C LEU B 103 22.11 -21.23 -25.16
N GLU B 104 22.13 -22.55 -24.99
CA GLU B 104 23.03 -23.43 -25.72
C GLU B 104 22.23 -24.58 -26.34
N ILE B 105 22.92 -25.42 -27.09
CA ILE B 105 22.29 -26.54 -27.79
C ILE B 105 22.11 -27.70 -26.83
N LYS B 106 21.32 -28.69 -27.25
CA LYS B 106 21.09 -29.90 -26.48
C LYS B 106 21.70 -31.09 -27.20
N ARG B 107 22.39 -31.95 -26.46
CA ARG B 107 23.07 -33.10 -27.04
C ARG B 107 23.00 -34.27 -26.07
N THR B 108 23.25 -35.46 -26.60
CA THR B 108 23.21 -36.67 -25.80
C THR B 108 24.28 -36.64 -24.71
N VAL B 109 23.97 -37.25 -23.57
CA VAL B 109 24.89 -37.27 -22.44
C VAL B 109 26.06 -38.20 -22.74
N ALA B 110 27.27 -37.70 -22.51
CA ALA B 110 28.49 -38.45 -22.73
C ALA B 110 29.22 -38.65 -21.40
N ALA B 111 30.29 -39.45 -21.46
CA ALA B 111 31.08 -39.76 -20.28
C ALA B 111 32.46 -39.15 -20.38
N PRO B 112 32.98 -38.58 -19.30
CA PRO B 112 34.31 -37.95 -19.36
C PRO B 112 35.42 -38.98 -19.48
N SER B 113 36.54 -38.54 -20.05
CA SER B 113 37.76 -39.33 -20.16
C SER B 113 38.78 -38.69 -19.23
N VAL B 114 38.89 -39.25 -18.01
CA VAL B 114 39.71 -38.66 -16.97
C VAL B 114 41.15 -39.14 -17.12
N PHE B 115 42.09 -38.20 -17.10
CA PHE B 115 43.52 -38.50 -17.07
C PHE B 115 44.16 -37.75 -15.92
N ILE B 116 45.35 -38.21 -15.52
CA ILE B 116 46.07 -37.62 -14.40
C ILE B 116 47.52 -37.36 -14.81
N PHE B 117 48.16 -36.44 -14.09
CA PHE B 117 49.55 -36.14 -14.37
C PHE B 117 50.37 -36.00 -13.09
N PRO B 118 51.44 -36.77 -12.93
CA PRO B 118 52.28 -36.59 -11.75
C PRO B 118 53.06 -35.29 -11.83
N PRO B 119 53.42 -34.70 -10.69
CA PRO B 119 54.19 -33.45 -10.73
C PRO B 119 55.58 -33.66 -11.30
N SER B 120 56.08 -32.61 -11.96
CA SER B 120 57.41 -32.65 -12.53
C SER B 120 58.46 -32.54 -11.42
N ASP B 121 59.62 -33.17 -11.67
CA ASP B 121 60.68 -33.16 -10.67
C ASP B 121 61.24 -31.75 -10.46
N GLU B 122 61.36 -30.96 -11.53
CA GLU B 122 61.89 -29.61 -11.38
C GLU B 122 60.95 -28.73 -10.57
N GLN B 123 59.64 -28.97 -10.65
CA GLN B 123 58.70 -28.24 -9.81
C GLN B 123 58.92 -28.58 -8.33
N LEU B 124 59.17 -29.85 -8.02
CA LEU B 124 59.50 -30.24 -6.66
C LEU B 124 60.80 -29.59 -6.21
N LYS B 125 61.79 -29.50 -7.10
CA LYS B 125 63.03 -28.81 -6.77
C LYS B 125 62.77 -27.33 -6.48
N SER B 126 61.82 -26.73 -7.20
CA SER B 126 61.48 -25.33 -6.95
C SER B 126 60.92 -25.14 -5.55
N GLY B 127 60.06 -26.06 -5.11
CA GLY B 127 59.52 -25.99 -3.76
C GLY B 127 58.00 -26.03 -3.70
N THR B 128 57.36 -26.47 -4.77
CA THR B 128 55.90 -26.55 -4.84
C THR B 128 55.52 -27.78 -5.67
N ALA B 129 54.48 -28.48 -5.24
CA ALA B 129 54.00 -29.67 -5.92
C ALA B 129 52.58 -29.43 -6.42
N SER B 130 52.37 -29.65 -7.72
CA SER B 130 51.06 -29.46 -8.34
C SER B 130 50.66 -30.76 -9.02
N VAL B 131 49.48 -31.26 -8.68
CA VAL B 131 48.93 -32.48 -9.29
C VAL B 131 47.64 -32.11 -10.00
N VAL B 132 47.54 -32.46 -11.28
CA VAL B 132 46.42 -32.05 -12.12
C VAL B 132 45.81 -33.28 -12.77
N CYS B 133 44.48 -33.36 -12.71
CA CYS B 133 43.74 -34.37 -13.45
C CYS B 133 42.60 -33.71 -14.22
N LEU B 134 42.34 -34.23 -15.41
CA LEU B 134 41.46 -33.58 -16.38
C LEU B 134 40.34 -34.51 -16.81
N LEU B 135 39.16 -33.92 -17.01
CA LEU B 135 38.00 -34.57 -17.60
C LEU B 135 37.81 -34.01 -19.01
N ASN B 136 37.61 -34.89 -19.98
CA ASN B 136 37.45 -34.48 -21.37
C ASN B 136 36.21 -35.13 -21.97
N ASN B 137 35.50 -34.36 -22.81
CA ASN B 137 34.38 -34.88 -23.59
C ASN B 137 33.27 -35.43 -22.68
N PHE B 138 32.71 -34.54 -21.88
CA PHE B 138 31.61 -34.88 -20.99
C PHE B 138 30.49 -33.87 -21.15
N TYR B 139 29.25 -34.33 -20.95
CA TYR B 139 28.07 -33.50 -21.06
C TYR B 139 27.05 -34.00 -20.05
N PRO B 140 26.40 -33.10 -19.30
CA PRO B 140 26.59 -31.65 -19.36
C PRO B 140 27.80 -31.17 -18.57
N ARG B 141 27.87 -29.85 -18.33
CA ARG B 141 29.02 -29.29 -17.62
C ARG B 141 29.01 -29.68 -16.14
N GLU B 142 27.83 -29.99 -15.59
CA GLU B 142 27.72 -30.29 -14.17
C GLU B 142 28.48 -31.57 -13.83
N ALA B 143 29.48 -31.45 -12.97
CA ALA B 143 30.27 -32.59 -12.54
C ALA B 143 30.92 -32.24 -11.20
N LYS B 144 31.38 -33.28 -10.50
CA LYS B 144 32.01 -33.12 -9.20
C LYS B 144 33.38 -33.77 -9.21
N VAL B 145 34.40 -33.04 -8.77
CA VAL B 145 35.76 -33.53 -8.68
C VAL B 145 36.26 -33.33 -7.26
N GLN B 146 36.80 -34.38 -6.65
CA GLN B 146 37.30 -34.34 -5.29
C GLN B 146 38.73 -34.85 -5.25
N TRP B 147 39.54 -34.26 -4.39
CA TRP B 147 40.94 -34.66 -4.23
C TRP B 147 41.11 -35.49 -2.96
N LYS B 148 41.87 -36.58 -3.06
CA LYS B 148 42.11 -37.47 -1.94
C LYS B 148 43.61 -37.73 -1.83
N VAL B 149 44.18 -37.40 -0.67
CA VAL B 149 45.59 -37.65 -0.37
C VAL B 149 45.63 -38.71 0.72
N ASP B 150 45.99 -39.93 0.33
CA ASP B 150 45.99 -41.08 1.24
C ASP B 150 44.62 -41.26 1.90
N ASN B 151 43.58 -41.23 1.06
CA ASN B 151 42.20 -41.41 1.50
C ASN B 151 41.80 -40.38 2.55
N ALA B 152 42.22 -39.13 2.33
CA ALA B 152 41.84 -38.01 3.18
C ALA B 152 41.16 -36.95 2.34
N LEU B 153 40.08 -36.38 2.87
CA LEU B 153 39.29 -35.39 2.13
C LEU B 153 40.05 -34.07 2.07
N GLN B 154 40.51 -33.71 0.87
CA GLN B 154 41.19 -32.44 0.69
C GLN B 154 40.18 -31.35 0.30
N SER B 155 40.38 -30.15 0.86
CA SER B 155 39.50 -29.03 0.59
C SER B 155 40.22 -27.74 0.89
N GLY B 156 39.90 -26.69 0.13
CA GLY B 156 40.46 -25.38 0.35
C GLY B 156 41.82 -25.13 -0.27
N ASN B 157 42.35 -26.10 -1.03
CA ASN B 157 43.65 -25.93 -1.66
C ASN B 157 43.66 -26.47 -3.09
N SER B 158 42.51 -26.44 -3.75
CA SER B 158 42.38 -26.94 -5.12
C SER B 158 41.65 -25.93 -5.97
N GLN B 159 41.92 -25.98 -7.27
CA GLN B 159 41.29 -25.08 -8.24
C GLN B 159 40.79 -25.89 -9.43
N GLU B 160 39.77 -25.36 -10.10
CA GLU B 160 39.19 -26.01 -11.26
C GLU B 160 38.98 -24.99 -12.37
N SER B 161 39.25 -25.42 -13.60
CA SER B 161 39.10 -24.58 -14.78
C SER B 161 38.28 -25.32 -15.84
N VAL B 162 37.27 -24.64 -16.38
CA VAL B 162 36.38 -25.20 -17.37
C VAL B 162 36.43 -24.36 -18.63
N THR B 163 36.56 -25.01 -19.78
CA THR B 163 36.59 -24.34 -21.07
C THR B 163 35.16 -24.14 -21.59
N GLU B 164 35.06 -23.33 -22.65
CA GLU B 164 33.77 -23.06 -23.26
C GLU B 164 33.28 -24.29 -24.05
N GLN B 165 32.00 -24.28 -24.39
CA GLN B 165 31.40 -25.38 -25.13
C GLN B 165 31.99 -25.43 -26.54
N ASP B 166 32.30 -26.63 -27.00
CA ASP B 166 32.87 -26.81 -28.33
C ASP B 166 31.77 -26.81 -29.38
N SER B 167 32.18 -26.83 -30.65
CA SER B 167 31.25 -26.82 -31.78
C SER B 167 31.12 -28.18 -32.45
N LYS B 168 32.25 -28.85 -32.72
CA LYS B 168 32.20 -30.13 -33.40
C LYS B 168 31.49 -31.18 -32.57
N ASP B 169 32.06 -31.52 -31.40
CA ASP B 169 31.46 -32.50 -30.51
C ASP B 169 30.58 -31.88 -29.44
N SER B 170 30.67 -30.56 -29.25
CA SER B 170 29.84 -29.83 -28.28
C SER B 170 29.98 -30.39 -26.87
N THR B 171 31.20 -30.75 -26.48
CA THR B 171 31.51 -31.30 -25.18
C THR B 171 32.27 -30.28 -24.35
N TYR B 172 32.71 -30.72 -23.17
CA TYR B 172 33.40 -29.85 -22.22
C TYR B 172 34.72 -30.47 -21.77
N SER B 173 35.64 -29.58 -21.39
CA SER B 173 36.93 -29.97 -20.83
C SER B 173 37.13 -29.25 -19.50
N LEU B 174 37.52 -30.01 -18.49
CA LEU B 174 37.74 -29.48 -17.14
C LEU B 174 39.08 -29.95 -16.64
N SER B 175 39.77 -29.10 -15.88
CA SER B 175 41.05 -29.44 -15.28
C SER B 175 41.03 -29.08 -13.81
N SER B 176 41.40 -30.02 -12.94
CA SER B 176 41.46 -29.81 -11.51
C SER B 176 42.91 -29.91 -11.07
N THR B 177 43.40 -28.88 -10.39
CA THR B 177 44.79 -28.79 -9.95
C THR B 177 44.84 -28.60 -8.44
N LEU B 178 45.63 -29.43 -7.77
CA LEU B 178 45.87 -29.33 -6.33
C LEU B 178 47.32 -28.91 -6.11
N THR B 179 47.50 -27.88 -5.30
CA THR B 179 48.80 -27.28 -5.04
C THR B 179 49.17 -27.49 -3.58
N LEU B 180 50.41 -27.91 -3.33
CA LEU B 180 50.88 -28.18 -1.98
C LEU B 180 52.34 -27.76 -1.87
N SER B 181 52.78 -27.61 -0.62
CA SER B 181 54.17 -27.25 -0.35
C SER B 181 55.09 -28.43 -0.67
N LYS B 182 56.39 -28.13 -0.75
CA LYS B 182 57.36 -29.16 -1.11
C LYS B 182 57.42 -30.26 -0.05
N ALA B 183 57.40 -29.87 1.23
CA ALA B 183 57.52 -30.87 2.30
C ALA B 183 56.30 -31.77 2.36
N ASP B 184 55.12 -31.22 2.07
CA ASP B 184 53.87 -31.99 2.15
C ASP B 184 53.81 -33.10 1.10
N TYR B 185 54.61 -33.03 0.04
CA TYR B 185 54.49 -33.98 -1.05
C TYR B 185 55.02 -35.35 -0.66
N GLU B 186 56.19 -35.41 -0.01
CA GLU B 186 56.84 -36.69 0.26
C GLU B 186 56.28 -37.41 1.49
N LYS B 187 55.50 -36.72 2.34
CA LYS B 187 54.97 -37.37 3.52
C LYS B 187 53.77 -38.27 3.21
N HIS B 188 53.24 -38.21 1.99
CA HIS B 188 52.20 -39.11 1.53
C HIS B 188 52.65 -39.78 0.23
N LYS B 189 51.99 -40.88 -0.09
CA LYS B 189 52.34 -41.68 -1.26
C LYS B 189 51.25 -41.74 -2.31
N VAL B 190 49.99 -41.94 -1.91
CA VAL B 190 48.89 -42.15 -2.83
C VAL B 190 48.15 -40.84 -3.02
N TYR B 191 48.01 -40.40 -4.27
CA TYR B 191 47.25 -39.20 -4.62
C TYR B 191 46.21 -39.57 -5.66
N ALA B 192 44.96 -39.15 -5.45
CA ALA B 192 43.88 -39.53 -6.34
C ALA B 192 42.89 -38.39 -6.49
N CYS B 193 42.14 -38.43 -7.59
CA CYS B 193 40.99 -37.57 -7.77
C CYS B 193 39.79 -38.41 -8.18
N GLU B 194 38.65 -38.11 -7.56
CA GLU B 194 37.41 -38.82 -7.74
C GLU B 194 36.45 -37.96 -8.55
N VAL B 195 35.82 -38.58 -9.55
CA VAL B 195 34.90 -37.91 -10.47
C VAL B 195 33.51 -38.49 -10.28
N THR B 196 32.53 -37.61 -10.03
CA THR B 196 31.12 -37.97 -9.96
C THR B 196 30.38 -37.20 -11.04
N HIS B 197 29.76 -37.93 -11.97
CA HIS B 197 29.07 -37.31 -13.10
C HIS B 197 27.79 -38.08 -13.38
N GLN B 198 26.80 -37.37 -13.94
CA GLN B 198 25.54 -38.01 -14.30
C GLN B 198 25.75 -39.08 -15.37
N GLY B 199 26.60 -38.81 -16.34
CA GLY B 199 26.85 -39.79 -17.40
C GLY B 199 27.49 -41.06 -16.88
N LEU B 200 28.45 -40.92 -15.97
CA LEU B 200 29.11 -42.09 -15.39
C LEU B 200 28.14 -42.86 -14.50
N SER B 201 28.10 -44.18 -14.68
CA SER B 201 27.23 -45.01 -13.84
C SER B 201 27.69 -44.97 -12.39
N SER B 202 29.00 -45.01 -12.15
CA SER B 202 29.58 -44.95 -10.82
C SER B 202 30.73 -43.96 -10.81
N PRO B 203 31.01 -43.35 -9.65
CA PRO B 203 32.16 -42.44 -9.57
C PRO B 203 33.46 -43.16 -9.93
N VAL B 204 34.35 -42.43 -10.60
CA VAL B 204 35.59 -42.99 -11.12
C VAL B 204 36.76 -42.40 -10.36
N THR B 205 37.64 -43.27 -9.85
CA THR B 205 38.82 -42.84 -9.11
C THR B 205 40.05 -42.96 -10.01
N LYS B 206 40.80 -41.87 -10.13
CA LYS B 206 42.08 -41.89 -10.83
C LYS B 206 43.18 -41.64 -9.80
N SER B 207 44.02 -42.65 -9.58
CA SER B 207 44.97 -42.64 -8.49
C SER B 207 46.37 -42.96 -9.00
N PHE B 208 47.37 -42.52 -8.24
CA PHE B 208 48.76 -42.85 -8.53
C PHE B 208 49.55 -42.81 -7.24
N ASN B 209 50.74 -43.40 -7.29
CA ASN B 209 51.62 -43.52 -6.12
C ASN B 209 52.88 -42.70 -6.33
N ARG B 210 53.32 -42.01 -5.28
CA ARG B 210 54.54 -41.21 -5.37
C ARG B 210 55.76 -42.08 -5.60
N GLY B 211 55.83 -43.23 -4.92
CA GLY B 211 56.98 -44.10 -5.07
C GLY B 211 57.12 -44.70 -6.46
N GLU B 212 55.99 -45.02 -7.09
CA GLU B 212 56.04 -45.61 -8.43
C GLU B 212 56.63 -44.62 -9.44
N CYS B 213 56.25 -43.36 -9.35
CA CYS B 213 56.74 -42.33 -10.27
C CYS B 213 58.07 -41.76 -9.78
N VAL C 2 29.32 4.90 -39.23
CA VAL C 2 29.63 5.29 -37.85
C VAL C 2 30.69 4.35 -37.27
N GLN C 3 31.60 4.93 -36.49
CA GLN C 3 32.69 4.18 -35.88
C GLN C 3 33.04 4.78 -34.52
N LEU C 4 33.34 3.91 -33.57
CA LEU C 4 33.81 4.31 -32.25
C LEU C 4 35.11 3.58 -31.97
N VAL C 5 36.17 4.32 -31.65
CA VAL C 5 37.51 3.77 -31.48
C VAL C 5 38.01 4.12 -30.08
N GLN C 6 38.48 3.10 -29.36
CA GLN C 6 39.10 3.28 -28.06
C GLN C 6 40.60 2.99 -28.16
N SER C 7 41.29 3.16 -27.04
CA SER C 7 42.73 2.89 -26.98
C SER C 7 43.13 2.68 -25.52
N GLY C 8 44.06 1.76 -25.31
CA GLY C 8 44.60 1.53 -23.98
C GLY C 8 44.56 0.09 -23.52
N ALA C 9 45.70 -0.40 -23.04
CA ALA C 9 45.81 -1.71 -22.41
C ALA C 9 46.68 -1.62 -21.17
N GLU C 10 46.60 -0.49 -20.46
CA GLU C 10 47.50 -0.19 -19.37
C GLU C 10 47.09 -0.93 -18.10
N VAL C 11 48.07 -1.11 -17.21
CA VAL C 11 47.86 -1.66 -15.88
C VAL C 11 48.34 -0.61 -14.87
N LYS C 12 47.46 -0.28 -13.93
CA LYS C 12 47.73 0.79 -12.97
C LYS C 12 47.72 0.24 -11.55
N LYS C 13 48.59 0.80 -10.71
CA LYS C 13 48.66 0.45 -9.31
C LYS C 13 47.44 0.97 -8.56
N PRO C 14 47.07 0.35 -7.44
CA PRO C 14 45.94 0.85 -6.66
C PRO C 14 46.21 2.26 -6.15
N GLY C 15 45.15 3.06 -6.11
CA GLY C 15 45.25 4.45 -5.68
C GLY C 15 45.64 5.43 -6.75
N ALA C 16 45.90 4.97 -7.98
CA ALA C 16 46.27 5.83 -9.08
C ALA C 16 45.01 6.30 -9.82
N SER C 17 45.20 6.91 -10.98
CA SER C 17 44.11 7.40 -11.81
C SER C 17 44.19 6.76 -13.19
N VAL C 18 43.02 6.47 -13.77
CA VAL C 18 42.92 5.85 -15.08
C VAL C 18 42.10 6.74 -15.99
N THR C 19 42.58 6.93 -17.22
CA THR C 19 41.90 7.76 -18.21
C THR C 19 41.62 6.91 -19.44
N VAL C 20 40.37 6.96 -19.92
CA VAL C 20 39.93 6.21 -21.08
C VAL C 20 39.40 7.20 -22.11
N SER C 21 39.86 7.08 -23.35
CA SER C 21 39.46 7.97 -24.43
C SER C 21 38.67 7.19 -25.48
N CYS C 22 37.65 7.87 -26.04
CA CYS C 22 36.80 7.27 -27.05
C CYS C 22 36.55 8.29 -28.14
N LYS C 23 36.87 7.93 -29.38
CA LYS C 23 36.76 8.84 -30.51
C LYS C 23 35.65 8.36 -31.44
N ALA C 24 34.81 9.29 -31.89
CA ALA C 24 33.69 8.99 -32.77
C ALA C 24 33.96 9.48 -34.18
N SER C 25 33.41 8.77 -35.17
CA SER C 25 33.57 9.16 -36.56
C SER C 25 32.34 8.71 -37.34
N GLY C 26 32.12 9.37 -38.48
CA GLY C 26 31.01 9.04 -39.35
C GLY C 26 29.69 9.69 -39.02
N TYR C 27 29.63 10.50 -37.96
CA TYR C 27 28.40 11.15 -37.57
C TYR C 27 28.73 12.38 -36.74
N THR C 28 27.73 13.24 -36.55
CA THR C 28 27.92 14.47 -35.78
C THR C 28 28.05 14.14 -34.30
N PHE C 29 29.15 14.62 -33.69
CA PHE C 29 29.45 14.25 -32.31
C PHE C 29 28.40 14.78 -31.34
N THR C 30 27.92 16.01 -31.55
CA THR C 30 27.04 16.68 -30.61
C THR C 30 25.56 16.45 -30.92
N ASP C 31 25.22 15.33 -31.55
CA ASP C 31 23.84 15.03 -31.90
C ASP C 31 23.26 13.85 -31.13
N TYR C 32 24.05 13.19 -30.27
CA TYR C 32 23.55 12.06 -29.51
C TYR C 32 24.23 12.02 -28.15
N TYR C 33 23.58 11.33 -27.21
CA TYR C 33 24.19 11.07 -25.92
C TYR C 33 25.31 10.06 -26.06
N MET C 34 26.17 10.00 -25.05
CA MET C 34 27.22 8.98 -25.02
C MET C 34 27.29 8.35 -23.63
N HIS C 35 27.11 7.03 -23.58
CA HIS C 35 27.10 6.29 -22.34
C HIS C 35 28.41 5.52 -22.15
N TRP C 36 28.79 5.33 -20.89
CA TRP C 36 29.95 4.52 -20.53
C TRP C 36 29.47 3.32 -19.73
N VAL C 37 29.83 2.12 -20.18
CA VAL C 37 29.38 0.88 -19.55
C VAL C 37 30.60 0.01 -19.24
N ARG C 38 30.72 -0.42 -17.99
CA ARG C 38 31.82 -1.29 -17.59
C ARG C 38 31.28 -2.69 -17.31
N GLN C 39 32.08 -3.69 -17.65
CA GLN C 39 31.72 -5.09 -17.49
C GLN C 39 32.82 -5.81 -16.74
N ALA C 40 32.46 -6.46 -15.64
CA ALA C 40 33.41 -7.27 -14.88
C ALA C 40 33.68 -8.57 -15.62
N PRO C 41 34.81 -9.23 -15.33
CA PRO C 41 35.10 -10.50 -16.01
C PRO C 41 34.02 -11.56 -15.83
N GLY C 42 33.38 -11.62 -14.66
CA GLY C 42 32.38 -12.63 -14.42
C GLY C 42 31.01 -12.11 -14.00
N GLN C 43 30.98 -10.90 -13.43
CA GLN C 43 29.72 -10.38 -12.90
C GLN C 43 28.76 -10.03 -14.03
N GLY C 44 29.22 -9.29 -15.03
CA GLY C 44 28.41 -8.91 -16.16
C GLY C 44 28.47 -7.42 -16.41
N LEU C 45 27.53 -6.94 -17.22
CA LEU C 45 27.50 -5.53 -17.59
C LEU C 45 27.06 -4.66 -16.41
N GLU C 46 27.61 -3.44 -16.36
CA GLU C 46 27.25 -2.48 -15.34
C GLU C 46 27.25 -1.09 -15.96
N TRP C 47 26.25 -0.28 -15.60
CA TRP C 47 26.11 1.07 -16.12
C TRP C 47 26.70 2.08 -15.16
N MET C 48 27.45 3.04 -15.68
CA MET C 48 28.12 4.06 -14.89
C MET C 48 27.53 5.45 -15.08
N GLY C 49 27.46 5.93 -16.31
CA GLY C 49 26.96 7.28 -16.55
C GLY C 49 26.94 7.58 -18.03
N TRP C 50 26.57 8.83 -18.32
CA TRP C 50 26.48 9.28 -19.70
C TRP C 50 26.64 10.79 -19.77
N ILE C 51 26.87 11.28 -20.99
CA ILE C 51 27.12 12.69 -21.25
C ILE C 51 26.22 13.16 -22.38
N LYS C 52 25.65 14.36 -22.22
CA LYS C 52 24.89 15.07 -23.23
C LYS C 52 25.73 16.25 -23.70
N PRO C 53 26.26 16.21 -24.92
CA PRO C 53 27.30 17.18 -25.31
C PRO C 53 26.79 18.58 -25.62
N ASN C 54 25.62 18.69 -26.27
CA ASN C 54 25.17 20.00 -26.73
C ASN C 54 24.86 20.93 -25.55
N SER C 55 24.23 20.41 -24.51
CA SER C 55 23.91 21.20 -23.33
C SER C 55 24.99 21.11 -22.25
N GLY C 56 26.03 20.33 -22.47
CA GLY C 56 27.10 20.19 -21.50
C GLY C 56 26.64 19.56 -20.20
N GLY C 57 25.89 18.47 -20.29
CA GLY C 57 25.33 17.80 -19.12
C GLY C 57 25.97 16.45 -18.89
N THR C 58 26.07 16.06 -17.62
CA THR C 58 26.60 14.76 -17.26
C THR C 58 25.67 14.10 -16.25
N ASN C 59 25.57 12.77 -16.34
CA ASN C 59 24.82 11.99 -15.38
C ASN C 59 25.67 10.82 -14.93
N SER C 60 25.64 10.53 -13.63
CA SER C 60 26.49 9.52 -13.03
C SER C 60 25.67 8.63 -12.11
N ALA C 61 26.18 7.41 -11.90
CA ALA C 61 25.57 6.50 -10.95
C ALA C 61 25.84 6.96 -9.52
N GLN C 62 24.98 6.53 -8.60
CA GLN C 62 25.13 6.92 -7.20
C GLN C 62 26.41 6.37 -6.59
N ARG C 63 26.74 5.10 -6.88
CA ARG C 63 27.93 4.50 -6.30
C ARG C 63 29.20 5.11 -6.87
N PHE C 64 29.22 5.41 -8.18
CA PHE C 64 30.41 5.95 -8.82
C PHE C 64 30.55 7.46 -8.64
N GLN C 65 29.54 8.13 -8.11
CA GLN C 65 29.60 9.58 -7.93
C GLN C 65 30.67 9.96 -6.91
N GLY C 66 31.47 10.97 -7.23
CA GLY C 66 32.51 11.48 -6.35
C GLY C 66 33.92 11.23 -6.88
N ARG C 67 34.12 10.13 -7.61
CA ARG C 67 35.44 9.77 -8.10
C ARG C 67 35.45 9.51 -9.61
N ILE C 68 34.48 10.06 -10.34
CA ILE C 68 34.40 9.90 -11.78
C ILE C 68 34.29 11.28 -12.42
N THR C 69 35.00 11.48 -13.53
CA THR C 69 34.98 12.74 -14.26
C THR C 69 34.83 12.44 -15.74
N MET C 70 33.95 13.17 -16.43
CA MET C 70 33.77 13.01 -17.86
C MET C 70 33.92 14.35 -18.54
N THR C 71 34.68 14.38 -19.63
CA THR C 71 34.90 15.59 -20.42
C THR C 71 34.88 15.21 -21.89
N TRP C 72 34.83 16.22 -22.76
CA TRP C 72 34.80 15.95 -24.18
C TRP C 72 35.40 17.13 -24.93
N ASP C 73 35.82 16.86 -26.17
CA ASP C 73 36.36 17.87 -27.08
C ASP C 73 35.65 17.72 -28.41
N THR C 74 34.88 18.73 -28.79
CA THR C 74 34.11 18.69 -30.03
C THR C 74 34.96 18.97 -31.26
N SER C 75 36.09 19.65 -31.11
CA SER C 75 36.95 19.93 -32.26
C SER C 75 37.49 18.64 -32.88
N ILE C 76 37.91 17.69 -32.03
CA ILE C 76 38.38 16.39 -32.50
C ILE C 76 37.34 15.29 -32.29
N SER C 77 36.18 15.62 -31.71
CA SER C 77 35.10 14.66 -31.46
C SER C 77 35.60 13.48 -30.63
N THR C 78 36.03 13.78 -29.42
CA THR C 78 36.56 12.78 -28.50
C THR C 78 35.95 12.96 -27.12
N ALA C 79 35.91 11.87 -26.35
CA ALA C 79 35.41 11.89 -24.99
C ALA C 79 36.42 11.22 -24.07
N TYR C 80 36.62 11.80 -22.89
CA TYR C 80 37.58 11.30 -21.92
C TYR C 80 36.86 11.03 -20.60
N MET C 81 37.19 9.89 -19.99
CA MET C 81 36.65 9.51 -18.68
C MET C 81 37.81 9.21 -17.74
N GLU C 82 37.79 9.85 -16.58
CA GLU C 82 38.84 9.71 -15.59
C GLU C 82 38.26 9.14 -14.31
N LEU C 83 38.92 8.10 -13.79
CA LEU C 83 38.53 7.46 -12.53
C LEU C 83 39.72 7.47 -11.58
N SER C 84 39.49 7.94 -10.36
CA SER C 84 40.53 8.05 -9.36
C SER C 84 40.23 7.11 -8.19
N ARG C 85 41.23 6.92 -7.33
CA ARG C 85 41.14 6.04 -6.17
C ARG C 85 40.77 4.62 -6.59
N LEU C 86 41.64 4.02 -7.40
CA LEU C 86 41.42 2.68 -7.92
C LEU C 86 41.46 1.65 -6.79
N ARG C 87 40.71 0.57 -6.99
CA ARG C 87 40.66 -0.54 -6.04
C ARG C 87 40.82 -1.85 -6.79
N SER C 88 40.92 -2.94 -6.02
CA SER C 88 41.12 -4.26 -6.62
C SER C 88 39.93 -4.73 -7.43
N ASP C 89 38.74 -4.16 -7.19
CA ASP C 89 37.54 -4.55 -7.91
C ASP C 89 37.28 -3.71 -9.16
N ASP C 90 38.20 -2.81 -9.51
CA ASP C 90 38.04 -1.95 -10.67
C ASP C 90 38.61 -2.56 -11.95
N THR C 91 39.06 -3.80 -11.90
CA THR C 91 39.57 -4.49 -13.08
C THR C 91 38.38 -4.96 -13.91
N ALA C 92 38.21 -4.38 -15.10
CA ALA C 92 37.03 -4.64 -15.92
C ALA C 92 37.32 -4.26 -17.36
N VAL C 93 36.28 -4.26 -18.18
CA VAL C 93 36.35 -3.84 -19.58
C VAL C 93 35.35 -2.71 -19.79
N TYR C 94 35.80 -1.61 -20.37
CA TYR C 94 34.99 -0.41 -20.53
C TYR C 94 34.59 -0.22 -21.99
N TYR C 95 33.35 0.21 -22.20
CA TYR C 95 32.80 0.45 -23.51
C TYR C 95 32.14 1.83 -23.56
N CYS C 96 32.34 2.52 -24.68
CA CYS C 96 31.64 3.76 -24.96
C CYS C 96 30.58 3.50 -26.02
N SER C 97 29.35 3.93 -25.76
CA SER C 97 28.22 3.59 -26.61
C SER C 97 27.43 4.84 -26.96
N ARG C 98 26.80 4.82 -28.12
CA ARG C 98 25.97 5.91 -28.62
C ARG C 98 24.52 5.45 -28.69
N GLY C 99 23.62 6.28 -28.18
CA GLY C 99 22.21 5.95 -28.24
C GLY C 99 21.30 7.09 -27.80
N GLY C 100 20.28 7.39 -28.61
CA GLY C 100 19.30 8.38 -28.27
C GLY C 100 19.56 9.73 -28.91
N PRO C 101 18.63 10.18 -29.75
CA PRO C 101 18.73 11.53 -30.31
C PRO C 101 18.62 12.59 -29.22
N VAL C 102 19.31 13.71 -29.44
CA VAL C 102 19.40 14.76 -28.43
C VAL C 102 18.41 15.90 -28.68
N MET C 103 17.85 15.99 -29.88
CA MET C 103 16.98 17.12 -30.21
C MET C 103 15.74 17.18 -29.34
N ASN C 104 15.10 16.04 -29.09
CA ASN C 104 13.84 15.99 -28.34
C ASN C 104 14.00 15.18 -27.07
N TYR C 105 15.23 15.03 -26.60
CA TYR C 105 15.53 14.41 -25.30
C TYR C 105 15.02 12.97 -25.23
N TYR C 106 15.45 12.16 -26.20
CA TYR C 106 15.10 10.74 -26.23
C TYR C 106 16.21 9.92 -25.57
N TYR C 107 16.33 10.10 -24.26
CA TYR C 107 17.39 9.45 -23.50
C TYR C 107 17.11 7.98 -23.21
N TYR C 108 15.89 7.51 -23.46
CA TYR C 108 15.53 6.12 -23.17
C TYR C 108 15.80 5.18 -24.33
N TYR C 109 16.33 5.68 -25.44
CA TYR C 109 16.65 4.82 -26.58
C TYR C 109 17.84 3.92 -26.26
N GLY C 110 17.87 2.77 -26.92
CA GLY C 110 18.94 1.82 -26.70
C GLY C 110 20.24 2.23 -27.37
N MET C 111 21.31 1.56 -26.96
CA MET C 111 22.64 1.82 -27.50
C MET C 111 22.86 0.91 -28.70
N ASP C 112 22.94 1.51 -29.90
CA ASP C 112 23.08 0.77 -31.13
C ASP C 112 24.51 0.65 -31.64
N VAL C 113 25.42 1.49 -31.14
CA VAL C 113 26.82 1.45 -31.56
C VAL C 113 27.68 1.28 -30.32
N TRP C 114 28.61 0.32 -30.37
CA TRP C 114 29.49 0.01 -29.25
C TRP C 114 30.93 0.01 -29.72
N GLY C 115 31.83 0.27 -28.77
CA GLY C 115 33.26 0.25 -29.06
C GLY C 115 33.89 -1.11 -28.81
N GLN C 116 35.18 -1.21 -29.14
CA GLN C 116 35.89 -2.46 -28.96
C GLN C 116 36.22 -2.76 -27.50
N GLY C 117 36.25 -1.75 -26.65
CA GLY C 117 36.47 -1.97 -25.23
C GLY C 117 37.92 -1.74 -24.82
N THR C 118 38.09 -1.33 -23.57
CA THR C 118 39.41 -1.10 -22.98
C THR C 118 39.50 -1.90 -21.68
N THR C 119 40.54 -2.72 -21.56
CA THR C 119 40.72 -3.57 -20.38
C THR C 119 41.58 -2.84 -19.36
N VAL C 120 41.07 -2.70 -18.14
CA VAL C 120 41.77 -2.04 -17.06
C VAL C 120 41.98 -3.06 -15.94
N THR C 121 43.24 -3.26 -15.55
CA THR C 121 43.60 -4.18 -14.48
C THR C 121 44.30 -3.40 -13.38
N VAL C 122 43.82 -3.55 -12.14
CA VAL C 122 44.38 -2.88 -10.98
C VAL C 122 44.85 -3.95 -10.00
N SER C 123 46.16 -3.98 -9.77
CA SER C 123 46.75 -4.95 -8.84
C SER C 123 48.12 -4.45 -8.42
N SER C 124 48.62 -5.02 -7.33
CA SER C 124 49.93 -4.69 -6.79
C SER C 124 50.88 -5.83 -7.12
N ALA C 125 51.54 -5.72 -8.28
CA ALA C 125 52.46 -6.74 -8.76
C ALA C 125 53.43 -6.08 -9.74
N SER C 126 54.20 -6.91 -10.44
CA SER C 126 55.18 -6.42 -11.41
C SER C 126 55.31 -7.45 -12.52
N THR C 127 55.87 -7.00 -13.65
CA THR C 127 56.07 -7.88 -14.79
C THR C 127 57.02 -9.00 -14.43
N LYS C 128 56.64 -10.23 -14.79
CA LYS C 128 57.45 -11.41 -14.47
C LYS C 128 57.28 -12.43 -15.59
N GLY C 129 58.39 -13.12 -15.91
CA GLY C 129 58.38 -14.14 -16.94
C GLY C 129 57.69 -15.40 -16.48
N PRO C 130 57.03 -16.09 -17.40
CA PRO C 130 56.34 -17.34 -17.05
C PRO C 130 57.31 -18.49 -16.89
N SER C 131 56.84 -19.53 -16.22
CA SER C 131 57.57 -20.78 -16.04
C SER C 131 56.77 -21.91 -16.65
N VAL C 132 57.42 -22.72 -17.48
CA VAL C 132 56.77 -23.78 -18.26
C VAL C 132 57.23 -25.13 -17.73
N PHE C 133 56.27 -26.00 -17.42
CA PHE C 133 56.55 -27.33 -16.92
C PHE C 133 55.83 -28.35 -17.79
N PRO C 134 56.52 -29.39 -18.26
CA PRO C 134 55.84 -30.44 -19.03
C PRO C 134 54.93 -31.28 -18.14
N LEU C 135 53.90 -31.85 -18.77
CA LEU C 135 52.96 -32.74 -18.10
C LEU C 135 52.76 -33.96 -18.98
N ALA C 136 53.24 -35.11 -18.51
CA ALA C 136 53.14 -36.37 -19.21
C ALA C 136 52.67 -37.46 -18.27
N PRO C 137 51.96 -38.48 -18.78
CA PRO C 137 51.52 -39.56 -17.90
C PRO C 137 52.69 -40.35 -17.33
N CYS C 138 52.49 -40.86 -16.12
CA CYS C 138 53.52 -41.63 -15.44
C CYS C 138 53.71 -43.00 -16.08
N THR C 146 44.88 -44.16 -26.31
CA THR C 146 44.84 -42.70 -26.29
C THR C 146 45.70 -42.15 -25.16
N ALA C 147 46.52 -41.15 -25.48
CA ALA C 147 47.41 -40.53 -24.52
C ALA C 147 47.21 -39.02 -24.54
N ALA C 148 47.56 -38.37 -23.43
CA ALA C 148 47.42 -36.93 -23.29
C ALA C 148 48.72 -36.35 -22.78
N LEU C 149 49.14 -35.24 -23.39
CA LEU C 149 50.33 -34.51 -22.96
C LEU C 149 49.93 -33.05 -22.75
N GLY C 150 50.83 -32.28 -22.13
CA GLY C 150 50.51 -30.87 -21.95
C GLY C 150 51.70 -30.08 -21.45
N CYS C 151 51.50 -28.76 -21.44
CA CYS C 151 52.46 -27.81 -20.89
C CYS C 151 51.73 -26.86 -19.97
N LEU C 152 52.26 -26.66 -18.77
CA LEU C 152 51.66 -25.81 -17.76
C LEU C 152 52.52 -24.56 -17.60
N VAL C 153 51.92 -23.39 -17.84
CA VAL C 153 52.60 -22.11 -17.64
C VAL C 153 52.08 -21.50 -16.34
N LYS C 154 53.00 -20.98 -15.53
CA LYS C 154 52.65 -20.49 -14.21
C LYS C 154 53.50 -19.28 -13.87
N ASP C 155 52.98 -18.42 -12.99
CA ASP C 155 53.72 -17.29 -12.43
C ASP C 155 54.14 -16.31 -13.52
N TYR C 156 53.15 -15.75 -14.21
CA TYR C 156 53.37 -14.74 -15.23
C TYR C 156 52.44 -13.55 -14.99
N PHE C 157 52.89 -12.38 -15.43
CA PHE C 157 52.12 -11.15 -15.29
C PHE C 157 52.70 -10.08 -16.21
N PRO C 158 51.86 -9.32 -16.92
CA PRO C 158 50.40 -9.48 -16.96
C PRO C 158 49.92 -10.28 -18.17
N GLU C 159 48.60 -10.29 -18.38
CA GLU C 159 48.02 -10.95 -19.53
C GLU C 159 48.33 -10.15 -20.80
N PRO C 160 48.28 -10.81 -21.97
CA PRO C 160 48.01 -12.23 -22.22
C PRO C 160 49.26 -13.05 -22.54
N VAL C 161 49.07 -14.36 -22.69
CA VAL C 161 50.14 -15.29 -23.07
C VAL C 161 49.60 -16.21 -24.14
N THR C 162 50.39 -16.43 -25.20
CA THR C 162 49.98 -17.26 -26.32
C THR C 162 50.80 -18.54 -26.34
N VAL C 163 50.12 -19.68 -26.39
CA VAL C 163 50.77 -20.99 -26.39
C VAL C 163 50.38 -21.72 -27.67
N SER C 164 51.37 -22.40 -28.27
CA SER C 164 51.16 -23.17 -29.49
C SER C 164 51.90 -24.50 -29.37
N TRP C 165 51.56 -25.43 -30.26
CA TRP C 165 52.17 -26.75 -30.27
C TRP C 165 52.86 -26.98 -31.60
N ASN C 166 54.15 -27.32 -31.55
CA ASN C 166 54.95 -27.63 -32.74
C ASN C 166 54.94 -26.46 -33.73
N SER C 167 54.96 -25.24 -33.20
CA SER C 167 54.93 -24.03 -34.02
C SER C 167 53.74 -24.01 -34.97
N GLY C 168 52.59 -24.46 -34.47
CA GLY C 168 51.37 -24.49 -35.25
C GLY C 168 51.20 -25.71 -36.13
N ALA C 169 52.17 -26.62 -36.15
CA ALA C 169 52.03 -27.84 -36.95
C ALA C 169 50.92 -28.73 -36.42
N LEU C 170 50.81 -28.85 -35.11
CA LEU C 170 49.78 -29.66 -34.46
C LEU C 170 48.74 -28.75 -33.84
N THR C 171 47.50 -28.84 -34.32
CA THR C 171 46.40 -28.04 -33.80
C THR C 171 45.17 -28.84 -33.42
N SER C 172 44.96 -30.03 -33.98
CA SER C 172 43.80 -30.83 -33.64
C SER C 172 43.93 -31.40 -32.24
N GLY C 173 42.85 -31.32 -31.48
CA GLY C 173 42.85 -31.86 -30.13
C GLY C 173 43.59 -31.03 -29.11
N VAL C 174 43.83 -29.75 -29.40
CA VAL C 174 44.53 -28.85 -28.49
C VAL C 174 43.51 -28.04 -27.71
N HIS C 175 43.59 -28.11 -26.38
CA HIS C 175 42.69 -27.39 -25.50
C HIS C 175 43.50 -26.46 -24.60
N THR C 176 43.13 -25.19 -24.58
CA THR C 176 43.79 -24.18 -23.75
C THR C 176 42.80 -23.69 -22.71
N PHE C 177 43.06 -24.00 -21.45
CA PHE C 177 42.17 -23.62 -20.36
C PHE C 177 42.32 -22.14 -20.03
N PRO C 178 41.24 -21.49 -19.60
CA PRO C 178 41.34 -20.07 -19.21
C PRO C 178 42.26 -19.89 -18.01
N ALA C 179 42.92 -18.74 -17.96
CA ALA C 179 43.82 -18.42 -16.86
C ALA C 179 43.04 -18.24 -15.57
N VAL C 180 43.70 -18.56 -14.45
CA VAL C 180 43.13 -18.44 -13.12
C VAL C 180 44.03 -17.55 -12.28
N LEU C 181 43.42 -16.64 -11.53
CA LEU C 181 44.17 -15.71 -10.68
C LEU C 181 44.55 -16.41 -9.38
N GLN C 182 45.85 -16.59 -9.16
CA GLN C 182 46.33 -17.23 -7.95
C GLN C 182 46.23 -16.28 -6.76
N SER C 183 46.33 -16.84 -5.56
CA SER C 183 46.26 -16.04 -4.34
C SER C 183 47.46 -15.12 -4.18
N SER C 184 48.58 -15.42 -4.85
CA SER C 184 49.77 -14.60 -4.75
C SER C 184 49.74 -13.40 -5.68
N GLY C 185 48.74 -13.29 -6.55
CA GLY C 185 48.63 -12.19 -7.48
C GLY C 185 49.12 -12.47 -8.88
N LEU C 186 49.47 -13.72 -9.19
CA LEU C 186 49.96 -14.11 -10.50
C LEU C 186 48.92 -14.98 -11.20
N TYR C 187 49.28 -15.47 -12.39
CA TYR C 187 48.37 -16.23 -13.23
C TYR C 187 49.02 -17.53 -13.67
N SER C 188 48.18 -18.51 -14.00
CA SER C 188 48.65 -19.81 -14.46
C SER C 188 47.57 -20.47 -15.28
N LEU C 189 48.00 -21.24 -16.28
CA LEU C 189 47.09 -22.03 -17.09
C LEU C 189 47.85 -23.22 -17.67
N SER C 190 47.12 -24.09 -18.37
CA SER C 190 47.73 -25.28 -18.94
C SER C 190 47.10 -25.57 -20.30
N SER C 191 47.94 -25.97 -21.25
CA SER C 191 47.50 -26.37 -22.58
C SER C 191 47.73 -27.87 -22.74
N VAL C 192 46.70 -28.58 -23.21
CA VAL C 192 46.75 -30.03 -23.30
C VAL C 192 46.47 -30.46 -24.74
N VAL C 193 47.00 -31.62 -25.09
CA VAL C 193 46.83 -32.21 -26.42
C VAL C 193 46.62 -33.71 -26.28
N THR C 194 45.67 -34.23 -27.03
CA THR C 194 45.37 -35.66 -27.04
C THR C 194 45.91 -36.27 -28.33
N VAL C 195 46.70 -37.33 -28.20
CA VAL C 195 47.34 -37.98 -29.34
C VAL C 195 47.18 -39.49 -29.21
N PRO C 196 47.22 -40.20 -30.32
CA PRO C 196 47.16 -41.67 -30.27
C PRO C 196 48.33 -42.23 -29.48
N SER C 197 48.07 -43.36 -28.79
CA SER C 197 49.09 -43.97 -27.95
C SER C 197 50.29 -44.43 -28.77
N SER C 198 50.04 -45.01 -29.95
CA SER C 198 51.13 -45.53 -30.78
C SER C 198 52.11 -44.44 -31.21
N SER C 199 51.70 -43.18 -31.16
CA SER C 199 52.58 -42.05 -31.45
C SER C 199 53.33 -41.55 -30.23
N LEU C 200 53.54 -42.40 -29.22
CA LEU C 200 54.23 -41.96 -28.01
C LEU C 200 55.69 -41.61 -28.29
N GLY C 201 56.32 -42.29 -29.24
CA GLY C 201 57.72 -42.04 -29.53
C GLY C 201 58.02 -41.87 -31.00
N THR C 202 57.02 -42.09 -31.86
CA THR C 202 57.23 -41.96 -33.30
C THR C 202 57.52 -40.51 -33.68
N LYS C 203 56.83 -39.56 -33.05
CA LYS C 203 57.01 -38.15 -33.34
C LYS C 203 57.33 -37.39 -32.06
N THR C 204 58.08 -36.30 -32.20
CA THR C 204 58.47 -35.48 -31.07
C THR C 204 57.41 -34.41 -30.79
N TYR C 205 57.38 -33.96 -29.54
CA TYR C 205 56.42 -32.96 -29.09
C TYR C 205 57.16 -31.78 -28.49
N THR C 206 56.70 -30.57 -28.84
CA THR C 206 57.33 -29.34 -28.36
C THR C 206 56.27 -28.25 -28.29
N CYS C 207 56.16 -27.61 -27.12
CA CYS C 207 55.22 -26.51 -26.93
C CYS C 207 55.98 -25.19 -26.87
N ASN C 208 55.45 -24.18 -27.57
CA ASN C 208 56.07 -22.88 -27.68
C ASN C 208 55.20 -21.88 -26.93
N VAL C 209 55.82 -21.09 -26.04
CA VAL C 209 55.08 -20.11 -25.27
C VAL C 209 55.60 -18.73 -25.61
N ASP C 210 54.71 -17.74 -25.56
CA ASP C 210 55.05 -16.36 -25.90
C ASP C 210 54.36 -15.43 -24.92
N HIS C 211 55.15 -14.60 -24.25
CA HIS C 211 54.67 -13.55 -23.34
C HIS C 211 55.23 -12.23 -23.84
N LYS C 212 54.40 -11.47 -24.54
CA LYS C 212 54.85 -10.20 -25.12
C LYS C 212 55.28 -9.17 -24.08
N PRO C 213 54.52 -8.91 -23.01
CA PRO C 213 54.99 -7.92 -22.02
C PRO C 213 56.34 -8.25 -21.42
N SER C 214 56.62 -9.53 -21.16
CA SER C 214 57.93 -9.94 -20.69
C SER C 214 58.85 -10.38 -21.81
N ASN C 215 58.34 -10.50 -23.05
CA ASN C 215 59.12 -10.93 -24.20
C ASN C 215 59.81 -12.27 -23.93
N THR C 216 58.99 -13.29 -23.70
CA THR C 216 59.46 -14.62 -23.31
C THR C 216 59.46 -15.55 -24.51
N LYS C 217 60.63 -16.11 -24.81
CA LYS C 217 60.81 -17.07 -25.91
C LYS C 217 61.22 -18.40 -25.29
N VAL C 218 60.26 -19.29 -25.08
CA VAL C 218 60.52 -20.61 -24.50
C VAL C 218 59.90 -21.68 -25.38
N ASP C 219 60.71 -22.68 -25.73
CA ASP C 219 60.29 -23.84 -26.53
C ASP C 219 60.60 -25.08 -25.71
N LYS C 220 59.59 -25.60 -25.00
CA LYS C 220 59.78 -26.70 -24.07
C LYS C 220 59.42 -28.01 -24.73
N ARG C 221 60.33 -28.99 -24.63
CA ARG C 221 60.13 -30.32 -25.19
C ARG C 221 59.60 -31.25 -24.10
N VAL C 222 58.51 -31.94 -24.40
CA VAL C 222 57.90 -32.86 -23.45
C VAL C 222 58.71 -34.15 -23.37
N GLY D 1 -7.77 -24.12 10.80
CA GLY D 1 -7.33 -22.88 10.17
C GLY D 1 -6.05 -22.33 10.76
N ASN D 2 -5.69 -21.12 10.34
CA ASN D 2 -4.49 -20.45 10.82
C ASN D 2 -4.86 -19.12 11.46
N LEU D 3 -4.14 -18.77 12.54
CA LEU D 3 -4.29 -17.49 13.21
C LEU D 3 -2.96 -16.77 13.14
N THR D 4 -2.97 -15.54 12.64
CA THR D 4 -1.75 -14.76 12.41
C THR D 4 -1.62 -13.68 13.48
N VAL D 5 -0.44 -13.60 14.09
CA VAL D 5 -0.11 -12.57 15.06
C VAL D 5 1.03 -11.73 14.51
N ALA D 6 0.82 -10.42 14.44
CA ALA D 6 1.83 -9.50 13.92
C ALA D 6 2.53 -8.81 15.08
N VAL D 7 3.86 -8.88 15.08
CA VAL D 7 4.69 -8.28 16.13
C VAL D 7 5.45 -7.12 15.51
N VAL D 8 5.41 -5.97 16.18
CA VAL D 8 6.13 -4.77 15.76
C VAL D 8 6.99 -4.36 16.95
N LEU D 9 8.21 -4.85 17.02
CA LEU D 9 9.13 -4.60 18.11
C LEU D 9 10.54 -4.49 17.56
N PRO D 10 11.45 -3.82 18.28
CA PRO D 10 12.84 -3.74 17.82
C PRO D 10 13.50 -5.11 17.78
N LEU D 11 13.84 -5.57 16.58
CA LEU D 11 14.42 -6.90 16.38
C LEU D 11 15.93 -6.92 16.51
N ALA D 12 16.58 -5.76 16.62
CA ALA D 12 18.03 -5.69 16.71
C ALA D 12 18.51 -5.10 18.03
N ASN D 13 17.95 -3.97 18.44
CA ASN D 13 18.36 -3.35 19.69
C ASN D 13 17.85 -4.15 20.88
N THR D 14 18.72 -4.38 21.85
CA THR D 14 18.42 -5.16 23.05
C THR D 14 18.59 -4.32 24.31
N SER D 15 18.14 -3.07 24.27
CA SER D 15 18.21 -2.18 25.42
C SER D 15 16.84 -1.76 25.93
N TYR D 16 15.75 -2.15 25.25
CA TYR D 16 14.41 -1.79 25.68
C TYR D 16 13.76 -2.94 26.44
N PRO D 17 12.88 -2.63 27.41
CA PRO D 17 12.18 -3.71 28.12
C PRO D 17 11.28 -4.54 27.22
N TRP D 18 10.85 -4.00 26.08
CA TRP D 18 9.98 -4.72 25.14
C TRP D 18 10.74 -5.19 23.91
N SER D 19 12.06 -5.34 24.02
CA SER D 19 12.85 -5.82 22.89
C SER D 19 12.49 -7.24 22.53
N TRP D 20 12.66 -7.58 21.25
CA TRP D 20 12.30 -8.91 20.78
C TRP D 20 13.15 -10.00 21.44
N ALA D 21 14.41 -9.68 21.78
CA ALA D 21 15.28 -10.66 22.41
C ALA D 21 14.77 -11.09 23.78
N ARG D 22 13.89 -10.31 24.40
CA ARG D 22 13.30 -10.66 25.69
C ARG D 22 11.84 -11.06 25.61
N VAL D 23 11.18 -10.80 24.49
CA VAL D 23 9.75 -11.07 24.34
C VAL D 23 9.55 -12.38 23.59
N GLY D 24 10.48 -12.69 22.68
CA GLY D 24 10.37 -13.86 21.84
C GLY D 24 10.29 -15.18 22.60
N PRO D 25 11.18 -15.39 23.58
CA PRO D 25 11.03 -16.59 24.42
C PRO D 25 9.70 -16.66 25.14
N ALA D 26 9.18 -15.52 25.62
CA ALA D 26 7.88 -15.52 26.27
C ALA D 26 6.78 -15.91 25.30
N VAL D 27 6.84 -15.40 24.07
CA VAL D 27 5.85 -15.75 23.06
C VAL D 27 5.94 -17.23 22.73
N GLU D 28 7.17 -17.77 22.64
CA GLU D 28 7.33 -19.19 22.36
C GLU D 28 6.75 -20.05 23.49
N LEU D 29 6.99 -19.65 24.74
CA LEU D 29 6.41 -20.39 25.87
C LEU D 29 4.89 -20.31 25.85
N ALA D 30 4.34 -19.14 25.54
CA ALA D 30 2.89 -19.01 25.47
C ALA D 30 2.30 -19.89 24.37
N LEU D 31 2.96 -19.93 23.20
CA LEU D 31 2.49 -20.77 22.11
C LEU D 31 2.57 -22.26 22.48
N ALA D 32 3.65 -22.65 23.16
CA ALA D 32 3.77 -24.04 23.60
C ALA D 32 2.67 -24.39 24.60
N GLN D 33 2.38 -23.48 25.53
CA GLN D 33 1.30 -23.73 26.49
C GLN D 33 -0.04 -23.83 25.79
N VAL D 34 -0.29 -22.97 24.80
CA VAL D 34 -1.54 -23.02 24.05
C VAL D 34 -1.66 -24.35 23.31
N LYS D 35 -0.58 -24.78 22.67
CA LYS D 35 -0.58 -26.06 21.96
C LYS D 35 -0.81 -27.23 22.90
N ALA D 36 -0.20 -27.20 24.08
CA ALA D 36 -0.34 -28.29 25.05
C ALA D 36 -1.68 -28.28 25.78
N ARG D 37 -2.47 -27.22 25.63
CA ARG D 37 -3.77 -27.14 26.31
C ARG D 37 -4.88 -27.41 25.31
N PRO D 38 -5.59 -28.53 25.42
CA PRO D 38 -6.71 -28.81 24.51
C PRO D 38 -7.86 -27.82 24.63
N ASP D 39 -7.96 -27.10 25.75
CA ASP D 39 -9.06 -26.17 25.99
C ASP D 39 -8.93 -24.91 25.14
N LEU D 40 -7.72 -24.53 24.75
CA LEU D 40 -7.46 -23.29 24.03
C LEU D 40 -7.29 -23.60 22.54
N LEU D 41 -8.27 -23.18 21.74
CA LEU D 41 -8.24 -23.31 20.29
C LEU D 41 -7.97 -24.75 19.86
N PRO D 42 -8.93 -25.66 20.02
CA PRO D 42 -8.70 -27.04 19.58
C PRO D 42 -8.73 -27.15 18.06
N GLY D 43 -7.68 -27.73 17.50
CA GLY D 43 -7.58 -27.92 16.07
C GLY D 43 -7.09 -26.72 15.29
N TRP D 44 -6.67 -25.66 15.96
CA TRP D 44 -6.19 -24.45 15.30
C TRP D 44 -4.73 -24.21 15.64
N THR D 45 -4.01 -23.61 14.69
CA THR D 45 -2.60 -23.27 14.86
C THR D 45 -2.43 -21.76 14.80
N VAL D 46 -1.39 -21.28 15.48
CA VAL D 46 -1.11 -19.85 15.58
C VAL D 46 0.24 -19.58 14.92
N ARG D 47 0.24 -18.63 13.98
CA ARG D 47 1.45 -18.21 13.30
C ARG D 47 1.93 -16.87 13.88
N THR D 48 3.06 -16.39 13.37
CA THR D 48 3.64 -15.14 13.86
C THR D 48 4.50 -14.52 12.78
N VAL D 49 4.24 -13.24 12.48
CA VAL D 49 5.06 -12.47 11.56
C VAL D 49 5.68 -11.32 12.35
N LEU D 50 6.86 -10.89 11.91
CA LEU D 50 7.66 -9.92 12.63
C LEU D 50 7.95 -8.71 11.74
N GLY D 51 8.06 -7.55 12.37
CA GLY D 51 8.42 -6.34 11.67
C GLY D 51 9.20 -5.42 12.58
N SER D 52 10.10 -4.64 11.99
CA SER D 52 10.98 -3.75 12.73
C SER D 52 10.34 -2.37 12.88
N SER D 53 10.48 -1.80 14.08
CA SER D 53 9.95 -0.48 14.39
C SER D 53 11.06 0.52 14.69
N GLU D 54 12.24 0.31 14.11
CA GLU D 54 13.39 1.17 14.34
C GLU D 54 13.99 1.60 13.02
N ASN D 55 14.64 2.75 13.03
CA ASN D 55 15.28 3.30 11.84
C ASN D 55 16.70 2.76 11.72
N ALA D 56 17.49 3.36 10.82
CA ALA D 56 18.88 2.92 10.65
C ALA D 56 19.71 3.19 11.91
N LEU D 57 19.37 4.24 12.66
CA LEU D 57 20.11 4.55 13.88
C LEU D 57 19.89 3.50 14.98
N GLY D 58 18.81 2.72 14.88
CA GLY D 58 18.55 1.67 15.84
C GLY D 58 17.64 2.03 16.99
N VAL D 59 16.95 3.16 16.93
CA VAL D 59 16.01 3.57 17.98
C VAL D 59 14.60 3.56 17.39
N CYS D 60 13.62 3.38 18.26
CA CYS D 60 12.23 3.36 17.81
C CYS D 60 11.83 4.73 17.32
N SER D 61 11.12 4.76 16.18
CA SER D 61 10.73 6.01 15.55
C SER D 61 9.26 5.96 15.18
N ASP D 62 8.66 7.14 15.02
CA ASP D 62 7.26 7.27 14.66
C ASP D 62 7.03 7.21 13.16
N THR D 63 8.07 7.00 12.37
CA THR D 63 7.95 6.90 10.92
C THR D 63 8.08 5.47 10.41
N ALA D 64 9.02 4.70 10.97
CA ALA D 64 9.22 3.33 10.50
C ALA D 64 8.15 2.38 11.01
N ALA D 65 7.66 2.59 12.25
CA ALA D 65 6.65 1.69 12.80
C ALA D 65 5.35 1.72 12.01
N PRO D 66 4.75 2.88 11.69
CA PRO D 66 3.52 2.85 10.87
C PRO D 66 3.73 2.25 9.50
N LEU D 67 4.89 2.50 8.88
CA LEU D 67 5.15 1.92 7.57
C LEU D 67 5.26 0.40 7.65
N ALA D 68 5.93 -0.11 8.68
CA ALA D 68 6.02 -1.55 8.87
C ALA D 68 4.65 -2.15 9.15
N ALA D 69 3.83 -1.47 9.94
CA ALA D 69 2.48 -1.96 10.21
C ALA D 69 1.64 -2.01 8.94
N VAL D 70 1.73 -0.97 8.11
CA VAL D 70 0.98 -0.94 6.85
C VAL D 70 1.46 -2.06 5.93
N ASP D 71 2.77 -2.26 5.84
CA ASP D 71 3.30 -3.33 4.99
C ASP D 71 2.84 -4.69 5.47
N LEU D 72 2.87 -4.93 6.79
CA LEU D 72 2.41 -6.20 7.33
C LEU D 72 0.92 -6.41 7.07
N LYS D 73 0.12 -5.35 7.24
CA LYS D 73 -1.31 -5.47 6.98
C LYS D 73 -1.59 -5.78 5.52
N TRP D 74 -0.86 -5.14 4.61
CA TRP D 74 -1.07 -5.40 3.18
C TRP D 74 -0.61 -6.79 2.78
N GLU D 75 0.51 -7.26 3.33
CA GLU D 75 1.10 -8.50 2.86
C GLU D 75 0.45 -9.72 3.50
N HIS D 76 0.10 -9.65 4.79
CA HIS D 76 -0.40 -10.81 5.52
C HIS D 76 -1.84 -10.67 5.97
N ASN D 77 -2.31 -9.46 6.24
CA ASN D 77 -3.64 -9.20 6.78
C ASN D 77 -3.86 -9.99 8.06
N PRO D 78 -3.17 -9.65 9.14
CA PRO D 78 -3.28 -10.42 10.38
C PRO D 78 -4.58 -10.09 11.12
N ALA D 79 -4.84 -10.85 12.17
CA ALA D 79 -6.03 -10.66 12.99
C ALA D 79 -5.76 -9.86 14.26
N VAL D 80 -4.52 -9.85 14.74
CA VAL D 80 -4.16 -9.12 15.95
C VAL D 80 -2.76 -8.55 15.76
N PHE D 81 -2.48 -7.46 16.47
CA PHE D 81 -1.18 -6.80 16.41
C PHE D 81 -0.56 -6.76 17.80
N LEU D 82 0.74 -7.01 17.86
CA LEU D 82 1.50 -7.01 19.11
C LEU D 82 2.50 -5.85 19.08
N GLY D 83 2.46 -5.04 20.13
CA GLY D 83 3.33 -3.88 20.22
C GLY D 83 2.81 -2.71 19.40
N PRO D 84 3.63 -1.67 19.21
CA PRO D 84 4.98 -1.53 19.80
C PRO D 84 4.96 -1.13 21.28
N GLY D 85 6.10 -0.68 21.77
CA GLY D 85 6.21 -0.23 23.15
C GLY D 85 6.40 1.27 23.28
N CYS D 86 7.13 1.86 22.35
CA CYS D 86 7.33 3.31 22.38
C CYS D 86 6.03 4.04 22.07
N VAL D 87 5.75 5.08 22.86
CA VAL D 87 4.48 5.79 22.74
C VAL D 87 4.38 6.47 21.38
N TYR D 88 5.45 7.16 20.96
CA TYR D 88 5.43 7.84 19.68
C TYR D 88 5.29 6.88 18.51
N ALA D 89 5.84 5.67 18.64
CA ALA D 89 5.66 4.66 17.60
C ALA D 89 4.28 4.02 17.68
N ALA D 90 3.77 3.81 18.90
CA ALA D 90 2.52 3.07 19.07
C ALA D 90 1.29 3.89 18.71
N ALA D 91 1.31 5.21 18.95
CA ALA D 91 0.12 6.03 18.74
C ALA D 91 -0.38 6.00 17.29
N PRO D 92 0.45 6.25 16.28
CA PRO D 92 -0.06 6.12 14.89
C PRO D 92 -0.48 4.70 14.56
N VAL D 93 0.24 3.69 15.07
CA VAL D 93 -0.15 2.31 14.84
C VAL D 93 -1.48 2.01 15.51
N GLY D 94 -1.67 2.52 16.74
CA GLY D 94 -2.93 2.34 17.42
C GLY D 94 -4.09 2.98 16.66
N ARG D 95 -3.88 4.19 16.15
CA ARG D 95 -4.92 4.84 15.36
C ARG D 95 -5.22 4.06 14.08
N PHE D 96 -4.17 3.55 13.43
CA PHE D 96 -4.37 2.77 12.20
C PHE D 96 -5.16 1.50 12.47
N THR D 97 -4.84 0.80 13.56
CA THR D 97 -5.59 -0.41 13.91
C THR D 97 -7.03 -0.08 14.31
N ALA D 98 -7.24 1.05 15.00
CA ALA D 98 -8.61 1.46 15.32
C ALA D 98 -9.41 1.74 14.06
N HIS D 99 -8.79 2.39 13.08
CA HIS D 99 -9.46 2.64 11.80
C HIS D 99 -9.75 1.33 11.07
N TRP D 100 -8.79 0.39 11.11
CA TRP D 100 -8.95 -0.90 10.44
C TRP D 100 -9.82 -1.87 11.21
N ARG D 101 -10.27 -1.51 12.42
CA ARG D 101 -11.08 -2.38 13.27
C ARG D 101 -10.35 -3.70 13.55
N VAL D 102 -9.05 -3.60 13.82
CA VAL D 102 -8.21 -4.74 14.13
C VAL D 102 -7.78 -4.59 15.59
N PRO D 103 -7.99 -5.59 16.44
CA PRO D 103 -7.60 -5.46 17.85
C PRO D 103 -6.10 -5.28 18.01
N LEU D 104 -5.73 -4.49 19.02
CA LEU D 104 -4.33 -4.23 19.35
C LEU D 104 -4.08 -4.66 20.79
N LEU D 105 -2.99 -5.36 21.01
CA LEU D 105 -2.59 -5.83 22.34
C LEU D 105 -1.20 -5.31 22.65
N THR D 106 -1.02 -4.76 23.86
CA THR D 106 0.29 -4.25 24.24
C THR D 106 0.43 -4.32 25.76
N ALA D 107 1.68 -4.31 26.22
CA ALA D 107 2.01 -4.17 27.61
C ALA D 107 2.77 -2.90 27.92
N GLY D 108 3.23 -2.19 26.90
CA GLY D 108 3.88 -0.90 27.04
C GLY D 108 2.94 0.24 26.73
N ALA D 109 3.52 1.36 26.31
CA ALA D 109 2.78 2.58 25.99
C ALA D 109 1.85 2.99 27.13
N PRO D 110 2.39 3.36 28.29
CA PRO D 110 1.55 3.72 29.44
C PRO D 110 1.13 5.18 29.51
N ALA D 111 1.25 5.93 28.41
CA ALA D 111 0.89 7.33 28.42
C ALA D 111 -0.62 7.51 28.63
N LEU D 112 -0.98 8.66 29.21
CA LEU D 112 -2.38 8.94 29.49
C LEU D 112 -3.19 9.14 28.22
N GLY D 113 -2.53 9.52 27.12
CA GLY D 113 -3.23 9.75 25.87
C GLY D 113 -3.93 8.53 25.31
N PHE D 114 -3.52 7.33 25.74
CA PHE D 114 -4.18 6.11 25.32
C PHE D 114 -5.41 5.78 26.15
N GLY D 115 -5.71 6.58 27.17
CA GLY D 115 -6.83 6.32 28.05
C GLY D 115 -8.19 6.66 27.50
N VAL D 116 -8.27 7.30 26.33
CA VAL D 116 -9.54 7.63 25.71
C VAL D 116 -9.86 6.54 24.70
N LYS D 117 -11.03 5.92 24.85
CA LYS D 117 -11.43 4.83 23.96
C LYS D 117 -12.19 5.32 22.72
N ASP D 118 -12.56 6.60 22.68
CA ASP D 118 -13.21 7.14 21.48
C ASP D 118 -12.26 7.13 20.29
N GLU D 119 -11.00 7.46 20.52
CA GLU D 119 -9.98 7.48 19.46
C GLU D 119 -9.22 6.17 19.38
N TYR D 120 -8.69 5.70 20.52
CA TYR D 120 -7.90 4.47 20.55
C TYR D 120 -8.80 3.29 20.94
N ALA D 121 -9.77 3.03 20.07
CA ALA D 121 -10.68 1.91 20.27
C ALA D 121 -10.00 0.59 19.93
N LEU D 122 -10.53 -0.49 20.50
CA LEU D 122 -10.05 -1.85 20.25
C LEU D 122 -8.58 -1.99 20.61
N THR D 123 -8.17 -1.34 21.70
CA THR D 123 -6.79 -1.39 22.17
C THR D 123 -6.78 -1.87 23.61
N THR D 124 -5.96 -2.86 23.92
CA THR D 124 -5.85 -3.43 25.25
C THR D 124 -4.41 -3.29 25.73
N ARG D 125 -4.24 -2.82 26.96
CA ARG D 125 -2.93 -2.66 27.60
C ARG D 125 -2.85 -3.63 28.77
N ALA D 126 -2.02 -4.67 28.61
CA ALA D 126 -1.86 -5.70 29.63
C ALA D 126 -0.70 -5.40 30.58
N GLY D 127 -0.03 -4.27 30.44
CA GLY D 127 1.09 -3.93 31.28
C GLY D 127 0.78 -2.82 32.25
N PRO D 128 1.79 -2.37 32.98
CA PRO D 128 1.57 -1.29 33.96
C PRO D 128 1.18 0.02 33.29
N SER D 129 0.38 0.80 34.01
CA SER D 129 -0.08 2.10 33.55
C SER D 129 0.23 3.14 34.61
N TYR D 130 0.32 4.40 34.17
CA TYR D 130 0.66 5.50 35.07
C TYR D 130 -0.51 6.01 35.89
N ALA D 131 -1.74 5.61 35.54
CA ALA D 131 -2.89 6.00 36.34
C ALA D 131 -2.98 5.22 37.64
N LYS D 132 -2.55 3.95 37.63
CA LYS D 132 -2.53 3.17 38.87
C LYS D 132 -1.56 3.77 39.88
N LEU D 133 -0.47 4.38 39.40
CA LEU D 133 0.41 5.10 40.31
C LEU D 133 -0.30 6.29 40.95
N GLY D 134 -1.14 6.98 40.17
CA GLY D 134 -1.95 8.05 40.75
C GLY D 134 -2.93 7.53 41.78
N ASP D 135 -3.53 6.37 41.52
CA ASP D 135 -4.42 5.76 42.51
C ASP D 135 -3.66 5.42 43.78
N PHE D 136 -2.45 4.88 43.64
CA PHE D 136 -1.62 4.58 44.81
C PHE D 136 -1.28 5.84 45.58
N VAL D 137 -0.96 6.93 44.87
CA VAL D 137 -0.65 8.19 45.53
C VAL D 137 -1.87 8.71 46.29
N ALA D 138 -3.05 8.62 45.68
CA ALA D 138 -4.27 9.06 46.36
C ALA D 138 -4.55 8.22 47.60
N ALA D 139 -4.36 6.90 47.49
CA ALA D 139 -4.56 6.03 48.66
C ALA D 139 -3.57 6.36 49.78
N LEU D 140 -2.31 6.60 49.42
CA LEU D 140 -1.32 6.97 50.42
C LEU D 140 -1.67 8.30 51.09
N HIS D 141 -2.14 9.27 50.30
CA HIS D 141 -2.56 10.55 50.86
C HIS D 141 -3.74 10.37 51.81
N ARG D 142 -4.70 9.53 51.44
CA ARG D 142 -5.83 9.26 52.32
C ARG D 142 -5.38 8.60 53.62
N ARG D 143 -4.45 7.64 53.52
CA ARG D 143 -3.99 6.94 54.72
C ARG D 143 -3.18 7.85 55.64
N LEU D 144 -2.30 8.67 55.07
CA LEU D 144 -1.38 9.48 55.86
C LEU D 144 -1.95 10.85 56.22
N GLY D 145 -3.19 11.15 55.84
CA GLY D 145 -3.83 12.39 56.24
C GLY D 145 -3.23 13.66 55.68
N TRP D 146 -2.92 13.67 54.38
CA TRP D 146 -2.49 14.87 53.68
C TRP D 146 -3.59 15.28 52.71
N GLU D 147 -4.11 16.50 52.86
CA GLU D 147 -5.23 16.95 52.04
C GLU D 147 -5.07 18.36 51.49
N ARG D 148 -3.90 18.97 51.57
CA ARG D 148 -3.77 20.39 51.24
C ARG D 148 -2.94 20.63 49.98
N GLN D 149 -1.70 20.17 49.91
CA GLN D 149 -0.85 20.54 48.80
C GLN D 149 0.20 19.46 48.56
N ALA D 150 0.80 19.52 47.37
CA ALA D 150 1.88 18.61 46.98
C ALA D 150 2.73 19.30 45.93
N LEU D 151 3.94 18.79 45.75
CA LEU D 151 4.89 19.36 44.80
C LEU D 151 5.48 18.24 43.95
N MET D 152 5.66 18.53 42.66
CA MET D 152 6.16 17.55 41.70
C MET D 152 7.31 18.15 40.92
N LEU D 153 8.41 17.39 40.79
CA LEU D 153 9.56 17.80 40.01
C LEU D 153 9.98 16.66 39.10
N TYR D 154 10.31 16.98 37.85
CA TYR D 154 10.77 15.98 36.90
C TYR D 154 11.97 16.50 36.12
N ALA D 155 12.85 15.59 35.73
CA ALA D 155 14.09 15.93 35.06
C ALA D 155 13.97 15.66 33.56
N TYR D 156 14.65 16.50 32.78
CA TYR D 156 14.70 16.39 31.33
C TYR D 156 16.07 15.90 30.92
N ARG D 157 16.11 14.86 30.07
CA ARG D 157 17.34 14.28 29.57
C ARG D 157 17.19 14.05 28.08
N PRO D 158 18.18 14.44 27.27
CA PRO D 158 18.10 14.18 25.83
C PRO D 158 18.58 12.77 25.50
N GLY D 159 17.76 12.03 24.75
CA GLY D 159 18.11 10.69 24.35
C GLY D 159 16.97 9.70 24.46
N ASP D 160 16.09 9.91 25.45
CA ASP D 160 14.93 9.07 25.64
C ASP D 160 13.65 9.81 25.25
N GLU D 161 12.56 9.07 25.14
CA GLU D 161 11.30 9.64 24.70
C GLU D 161 10.52 10.23 25.86
N GLU D 162 11.16 11.12 26.63
CA GLU D 162 10.53 11.83 27.75
C GLU D 162 9.90 10.85 28.73
N HIS D 163 10.75 10.04 29.36
CA HIS D 163 10.28 9.02 30.29
C HIS D 163 9.58 9.65 31.50
N CYS D 164 10.13 10.73 32.02
CA CYS D 164 9.59 11.39 33.21
C CYS D 164 8.54 12.44 32.88
N PHE D 165 8.10 12.54 31.62
CA PHE D 165 7.04 13.47 31.28
C PHE D 165 5.67 12.81 31.34
N PHE D 166 5.53 11.67 30.66
CA PHE D 166 4.24 10.98 30.61
C PHE D 166 3.84 10.48 31.99
N LEU D 167 4.79 9.91 32.75
CA LEU D 167 4.48 9.42 34.09
C LEU D 167 3.97 10.55 34.97
N VAL D 168 4.68 11.68 34.96
CA VAL D 168 4.29 12.79 35.83
C VAL D 168 2.95 13.36 35.40
N GLU D 169 2.71 13.51 34.09
CA GLU D 169 1.44 14.09 33.65
C GLU D 169 0.28 13.17 33.99
N GLY D 170 0.44 11.86 33.78
CA GLY D 170 -0.62 10.93 34.12
C GLY D 170 -0.92 10.91 35.60
N LEU D 171 0.13 10.83 36.44
CA LEU D 171 -0.07 10.83 37.87
C LEU D 171 -0.72 12.12 38.35
N PHE D 172 -0.28 13.25 37.78
CA PHE D 172 -0.79 14.56 38.18
C PHE D 172 -2.27 14.72 37.82
N MET D 173 -2.65 14.31 36.60
CA MET D 173 -4.06 14.32 36.23
C MET D 173 -4.89 13.39 37.11
N ARG D 174 -4.37 12.19 37.40
CA ARG D 174 -5.12 11.27 38.24
C ARG D 174 -5.31 11.82 39.65
N VAL D 175 -4.27 12.44 40.21
CA VAL D 175 -4.39 13.04 41.54
C VAL D 175 -5.40 14.18 41.54
N ARG D 176 -5.37 15.03 40.51
CA ARG D 176 -6.35 16.10 40.44
C ARG D 176 -7.77 15.56 40.32
N ASP D 177 -7.93 14.47 39.56
CA ASP D 177 -9.27 13.92 39.34
C ASP D 177 -9.82 13.27 40.60
N ARG D 178 -8.95 12.58 41.37
CA ARG D 178 -9.41 11.79 42.49
C ARG D 178 -9.38 12.50 43.83
N LEU D 179 -8.36 13.32 44.10
CA LEU D 179 -8.17 13.92 45.41
C LEU D 179 -8.71 15.33 45.54
N ASN D 180 -8.74 16.11 44.45
CA ASN D 180 -9.17 17.50 44.46
C ASN D 180 -8.34 18.33 45.45
N ILE D 181 -7.05 18.42 45.16
CA ILE D 181 -6.10 19.17 45.97
C ILE D 181 -5.25 20.04 45.06
N THR D 182 -4.62 21.05 45.65
CA THR D 182 -3.75 21.95 44.91
C THR D 182 -2.39 21.30 44.70
N VAL D 183 -1.98 21.18 43.44
CA VAL D 183 -0.73 20.50 43.08
C VAL D 183 0.08 21.42 42.15
N ASP D 184 1.39 21.41 42.35
CA ASP D 184 2.33 22.15 41.53
C ASP D 184 3.24 21.18 40.78
N HIS D 185 4.02 21.70 39.84
CA HIS D 185 4.93 20.89 39.06
C HIS D 185 6.05 21.77 38.52
N LEU D 186 7.19 21.15 38.23
CA LEU D 186 8.35 21.88 37.73
C LEU D 186 9.29 20.91 37.03
N GLU D 187 9.96 21.41 35.99
CA GLU D 187 10.93 20.64 35.22
C GLU D 187 12.32 21.22 35.43
N PHE D 188 13.31 20.34 35.54
CA PHE D 188 14.70 20.77 35.69
C PHE D 188 15.59 19.88 34.84
N ALA D 189 16.76 20.41 34.51
CA ALA D 189 17.76 19.68 33.72
C ALA D 189 18.83 19.15 34.67
N GLU D 190 19.03 17.83 34.65
CA GLU D 190 20.00 17.19 35.53
C GLU D 190 21.45 17.40 35.08
N ASP D 191 21.67 17.80 33.83
CA ASP D 191 23.03 18.04 33.36
C ASP D 191 23.61 19.31 33.98
N ASP D 192 22.79 20.36 34.13
CA ASP D 192 23.26 21.62 34.69
C ASP D 192 23.43 21.50 36.20
N LEU D 193 24.14 22.47 36.77
CA LEU D 193 24.38 22.53 38.20
C LEU D 193 23.66 23.67 38.90
N SER D 194 23.52 24.83 38.26
CA SER D 194 22.78 25.93 38.87
C SER D 194 21.29 25.61 38.99
N HIS D 195 20.78 24.70 38.15
CA HIS D 195 19.38 24.28 38.27
C HIS D 195 19.13 23.64 39.63
N TYR D 196 20.09 22.85 40.13
CA TYR D 196 19.93 22.25 41.44
C TYR D 196 19.88 23.32 42.54
N THR D 197 20.74 24.33 42.44
CA THR D 197 20.72 25.40 43.44
C THR D 197 19.40 26.16 43.40
N ARG D 198 18.89 26.45 42.20
CA ARG D 198 17.60 27.12 42.09
C ARG D 198 16.48 26.25 42.65
N LEU D 199 16.55 24.94 42.42
CA LEU D 199 15.54 24.03 42.98
C LEU D 199 15.58 24.06 44.50
N LEU D 200 16.76 23.97 45.09
CA LEU D 200 16.85 24.01 46.55
C LEU D 200 16.42 25.37 47.11
N ARG D 201 16.57 26.43 46.33
CA ARG D 201 16.09 27.74 46.78
C ARG D 201 14.58 27.87 46.67
N THR D 202 13.95 27.22 45.68
CA THR D 202 12.52 27.42 45.46
C THR D 202 11.63 26.36 46.09
N MET D 203 12.16 25.20 46.45
CA MET D 203 11.32 24.17 47.08
C MET D 203 10.68 24.61 48.40
N PRO D 204 11.38 25.28 49.34
CA PRO D 204 10.72 25.62 50.61
C PRO D 204 9.53 26.56 50.45
N ARG D 205 9.43 27.29 49.34
CA ARG D 205 8.33 28.22 49.12
C ARG D 205 7.16 27.60 48.37
N LYS D 206 7.24 26.33 47.98
CA LYS D 206 6.21 25.71 47.16
C LYS D 206 5.54 24.50 47.79
N GLY D 207 6.08 23.96 48.88
CA GLY D 207 5.45 22.84 49.52
C GLY D 207 6.44 22.06 50.37
N ARG D 208 5.91 21.03 51.03
CA ARG D 208 6.71 20.16 51.90
C ARG D 208 6.71 18.70 51.49
N VAL D 209 5.73 18.24 50.73
CA VAL D 209 5.70 16.87 50.23
C VAL D 209 6.07 16.94 48.76
N ILE D 210 7.18 16.29 48.40
CA ILE D 210 7.79 16.43 47.08
C ILE D 210 7.93 15.06 46.44
N TYR D 211 7.48 14.94 45.20
CA TYR D 211 7.73 13.78 44.36
C TYR D 211 8.76 14.16 43.29
N ILE D 212 9.71 13.26 43.05
CA ILE D 212 10.84 13.53 42.16
C ILE D 212 10.93 12.42 41.12
N CYS D 213 11.07 12.81 39.85
CA CYS D 213 11.28 11.87 38.74
C CYS D 213 12.61 12.22 38.08
N SER D 214 13.68 11.53 38.49
CA SER D 214 15.01 11.76 37.94
C SER D 214 15.81 10.47 38.10
N SER D 215 17.08 10.53 37.70
CA SER D 215 18.00 9.40 37.79
C SER D 215 18.48 9.20 39.22
N PRO D 216 18.88 7.98 39.59
CA PRO D 216 19.36 7.76 40.96
C PRO D 216 20.55 8.62 41.34
N ASP D 217 21.48 8.86 40.40
CA ASP D 217 22.60 9.76 40.68
C ASP D 217 22.11 11.18 40.92
N ALA D 218 21.17 11.66 40.10
CA ALA D 218 20.59 12.98 40.29
C ALA D 218 19.86 13.06 41.63
N PHE D 219 19.12 12.00 41.98
CA PHE D 219 18.42 11.98 43.26
C PHE D 219 19.40 12.04 44.42
N ARG D 220 20.50 11.29 44.35
CA ARG D 220 21.48 11.33 45.43
C ARG D 220 22.13 12.70 45.55
N THR D 221 22.47 13.31 44.41
CA THR D 221 23.07 14.64 44.44
C THR D 221 22.10 15.66 45.03
N LEU D 222 20.83 15.59 44.64
CA LEU D 222 19.82 16.50 45.18
C LEU D 222 19.64 16.30 46.68
N MET D 223 19.65 15.04 47.13
CA MET D 223 19.50 14.77 48.56
C MET D 223 20.69 15.31 49.35
N LEU D 224 21.91 15.14 48.81
CA LEU D 224 23.09 15.70 49.48
C LEU D 224 23.03 17.22 49.52
N LEU D 225 22.57 17.85 48.43
CA LEU D 225 22.43 19.29 48.42
C LEU D 225 21.41 19.76 49.46
N ALA D 226 20.30 19.03 49.58
CA ALA D 226 19.30 19.36 50.60
C ALA D 226 19.87 19.20 52.00
N LEU D 227 20.65 18.13 52.23
CA LEU D 227 21.24 17.90 53.54
C LEU D 227 22.22 19.02 53.92
N GLU D 228 23.07 19.44 52.98
CA GLU D 228 24.02 20.48 53.30
C GLU D 228 23.36 21.85 53.39
N ALA D 229 22.25 22.05 52.65
CA ALA D 229 21.54 23.32 52.73
C ALA D 229 20.90 23.50 54.11
N GLY D 230 20.33 22.44 54.67
CA GLY D 230 19.70 22.53 55.96
C GLY D 230 18.38 21.79 56.04
N LEU D 231 17.96 21.20 54.93
CA LEU D 231 16.71 20.44 54.91
C LEU D 231 16.84 19.18 55.75
N CYS D 232 15.78 18.86 56.48
CA CYS D 232 15.76 17.71 57.37
C CYS D 232 14.48 16.92 57.15
N GLY D 233 14.47 15.69 57.65
CA GLY D 233 13.32 14.81 57.49
C GLY D 233 12.16 15.10 58.40
N GLU D 234 12.34 15.95 59.40
CA GLU D 234 11.26 16.30 60.32
C GLU D 234 10.24 17.24 59.70
N ASP D 235 10.55 17.84 58.55
CA ASP D 235 9.63 18.78 57.91
C ASP D 235 9.40 18.41 56.45
N TYR D 236 10.36 17.70 55.85
CA TYR D 236 10.30 17.36 54.43
C TYR D 236 10.30 15.84 54.25
N VAL D 237 9.60 15.40 53.21
CA VAL D 237 9.59 13.99 52.81
C VAL D 237 9.78 13.92 51.30
N PHE D 238 10.58 12.96 50.86
CA PHE D 238 10.94 12.82 49.45
C PHE D 238 10.53 11.44 48.96
N PHE D 239 9.91 11.39 47.78
CA PHE D 239 9.48 10.14 47.15
C PHE D 239 10.16 10.04 45.79
N HIS D 240 10.72 8.86 45.50
CA HIS D 240 11.40 8.59 44.24
C HIS D 240 10.60 7.56 43.46
N LEU D 241 10.18 7.92 42.26
CA LEU D 241 9.34 7.05 41.43
C LEU D 241 10.25 6.23 40.52
N ASP D 242 10.90 5.23 41.12
CA ASP D 242 11.77 4.30 40.40
C ASP D 242 10.96 3.03 40.18
N ILE D 243 10.20 3.00 39.09
CA ILE D 243 9.29 1.89 38.83
C ILE D 243 10.06 0.59 38.62
N PHE D 244 11.15 0.64 37.85
CA PHE D 244 11.90 -0.56 37.50
C PHE D 244 13.00 -0.91 38.50
N GLY D 245 13.18 -0.09 39.54
CA GLY D 245 14.17 -0.40 40.55
C GLY D 245 15.60 -0.30 40.05
N GLN D 246 16.05 0.92 39.76
CA GLN D 246 17.43 1.14 39.32
C GLN D 246 18.35 1.52 40.47
N SER D 247 17.91 2.37 41.40
CA SER D 247 18.72 2.68 42.56
C SER D 247 18.95 1.45 43.42
N LEU D 248 17.90 0.66 43.65
CA LEU D 248 18.02 -0.64 44.30
C LEU D 248 18.16 -1.68 43.20
N GLN D 249 19.34 -2.32 43.15
CA GLN D 249 19.64 -3.25 42.07
C GLN D 249 18.62 -4.38 41.98
N GLY D 250 17.92 -4.46 40.86
CA GLY D 250 16.93 -5.51 40.64
C GLY D 250 15.58 -5.35 41.29
N GLY D 251 15.55 -5.07 42.59
CA GLY D 251 14.28 -5.10 43.31
C GLY D 251 13.69 -6.49 43.42
N GLN D 252 14.54 -7.50 43.57
CA GLN D 252 14.11 -8.89 43.62
C GLN D 252 13.84 -9.28 45.07
N GLY D 253 13.77 -10.58 45.35
CA GLY D 253 13.50 -11.09 46.67
C GLY D 253 14.40 -10.51 47.76
N PRO D 254 14.03 -10.76 49.01
CA PRO D 254 14.65 -10.02 50.13
C PRO D 254 16.17 -10.15 50.15
N ALA D 255 16.84 -9.01 50.33
CA ALA D 255 18.28 -8.90 50.39
C ALA D 255 18.64 -7.49 50.85
N PRO D 256 19.72 -7.32 51.62
CA PRO D 256 20.09 -5.96 52.07
C PRO D 256 20.49 -5.08 50.89
N ARG D 257 19.91 -3.88 50.84
CA ARG D 257 20.18 -2.91 49.80
C ARG D 257 20.62 -1.59 50.43
N ARG D 258 21.72 -1.05 49.92
CA ARG D 258 22.28 0.22 50.40
C ARG D 258 22.52 1.12 49.19
N PRO D 259 21.50 1.88 48.78
CA PRO D 259 21.66 2.72 47.58
C PRO D 259 22.43 4.01 47.82
N TRP D 260 22.78 4.32 49.08
CA TRP D 260 23.46 5.57 49.39
C TRP D 260 24.97 5.44 49.40
N GLU D 261 25.52 4.26 49.08
CA GLU D 261 26.96 4.05 49.08
C GLU D 261 27.43 3.64 47.69
N ARG D 262 28.46 4.34 47.19
CA ARG D 262 29.13 3.93 45.96
C ARG D 262 30.64 4.13 46.05
N GLY D 263 31.19 4.28 47.24
CA GLY D 263 32.62 4.46 47.43
C GLY D 263 33.17 5.75 46.86
N ASP D 264 32.48 6.87 47.04
CA ASP D 264 32.93 8.16 46.58
C ASP D 264 33.56 9.00 47.70
N GLY D 265 33.69 8.44 48.90
CA GLY D 265 34.28 9.13 50.02
C GLY D 265 33.32 9.94 50.87
N GLN D 266 32.05 10.02 50.47
CA GLN D 266 31.04 10.76 51.23
C GLN D 266 29.84 9.90 51.54
N ASP D 267 30.05 8.59 51.73
CA ASP D 267 28.95 7.69 52.04
C ASP D 267 28.37 7.98 53.42
N VAL D 268 29.18 8.48 54.35
CA VAL D 268 28.69 8.77 55.69
C VAL D 268 27.62 9.85 55.64
N SER D 269 27.86 10.91 54.88
CA SER D 269 26.87 11.97 54.73
C SER D 269 25.64 11.49 53.98
N ALA D 270 25.84 10.65 52.95
CA ALA D 270 24.72 10.15 52.18
C ALA D 270 23.81 9.25 52.99
N ARG D 271 24.37 8.46 53.90
CA ARG D 271 23.56 7.59 54.75
C ARG D 271 22.61 8.42 55.62
N GLN D 272 23.10 9.51 56.20
CA GLN D 272 22.24 10.37 56.99
C GLN D 272 21.28 11.16 56.11
N ALA D 273 21.70 11.53 54.90
CA ALA D 273 20.81 12.24 53.99
C ALA D 273 19.62 11.38 53.58
N PHE D 274 19.86 10.11 53.31
CA PHE D 274 18.80 9.20 52.84
C PHE D 274 17.79 8.83 53.93
N GLN D 275 17.85 9.45 55.11
CA GLN D 275 16.87 9.16 56.16
C GLN D 275 15.50 9.73 55.86
N ALA D 276 15.37 10.60 54.85
CA ALA D 276 14.11 11.25 54.52
C ALA D 276 13.64 10.92 53.11
N ALA D 277 14.08 9.81 52.54
CA ALA D 277 13.75 9.43 51.19
C ALA D 277 13.09 8.05 51.17
N LYS D 278 12.04 7.92 50.38
CA LYS D 278 11.37 6.64 50.17
C LYS D 278 11.24 6.41 48.67
N ILE D 279 11.11 5.14 48.29
CA ILE D 279 11.07 4.74 46.89
C ILE D 279 9.78 3.98 46.62
N ILE D 280 9.16 4.26 45.47
CA ILE D 280 7.95 3.58 45.03
C ILE D 280 8.31 2.75 43.82
N THR D 281 8.13 1.42 43.92
CA THR D 281 8.49 0.50 42.85
C THR D 281 7.30 -0.41 42.55
N TYR D 282 7.49 -1.31 41.59
CA TYR D 282 6.49 -2.32 41.29
C TYR D 282 6.55 -3.43 42.32
N LYS D 283 5.56 -4.33 42.27
CA LYS D 283 5.48 -5.46 43.17
C LYS D 283 5.80 -6.73 42.40
N ASP D 284 6.83 -7.45 42.84
CA ASP D 284 7.24 -8.67 42.17
C ASP D 284 6.30 -9.83 42.54
N PRO D 285 6.02 -10.74 41.61
CA PRO D 285 5.21 -11.92 41.95
C PRO D 285 5.92 -12.80 42.95
N ASP D 286 5.12 -13.51 43.76
CA ASP D 286 5.63 -14.35 44.83
C ASP D 286 5.49 -15.85 44.55
N ASN D 287 4.54 -16.24 43.72
CA ASN D 287 4.29 -17.66 43.49
C ASN D 287 5.49 -18.32 42.80
N PRO D 288 5.72 -19.62 43.07
CA PRO D 288 6.85 -20.31 42.43
C PRO D 288 6.70 -20.44 40.91
N GLU D 289 5.48 -20.31 40.38
CA GLU D 289 5.31 -20.35 38.93
C GLU D 289 6.08 -19.22 38.26
N TYR D 290 6.13 -18.05 38.90
CA TYR D 290 6.92 -16.95 38.36
C TYR D 290 8.41 -17.30 38.32
N LEU D 291 8.91 -17.95 39.36
CA LEU D 291 10.32 -18.35 39.38
C LEU D 291 10.62 -19.37 38.29
N GLU D 292 9.74 -20.36 38.13
CA GLU D 292 9.94 -21.35 37.07
C GLU D 292 9.90 -20.70 35.69
N PHE D 293 8.95 -19.78 35.49
CA PHE D 293 8.88 -19.08 34.22
C PHE D 293 10.13 -18.26 33.97
N LEU D 294 10.65 -17.60 35.00
CA LEU D 294 11.90 -16.86 34.85
C LEU D 294 13.06 -17.78 34.46
N LYS D 295 13.14 -18.94 35.11
CA LYS D 295 14.22 -19.88 34.79
C LYS D 295 14.15 -20.34 33.34
N GLN D 296 12.97 -20.78 32.90
CA GLN D 296 12.83 -21.23 31.52
C GLN D 296 13.05 -20.09 30.53
N LEU D 297 12.55 -18.90 30.85
CA LEU D 297 12.73 -17.74 29.98
C LEU D 297 14.21 -17.43 29.80
N LYS D 298 14.96 -17.38 30.91
CA LYS D 298 16.38 -17.09 30.84
C LYS D 298 17.12 -18.16 30.05
N HIS D 299 16.81 -19.42 30.32
CA HIS D 299 17.49 -20.52 29.62
C HIS D 299 17.24 -20.45 28.11
N LEU D 300 15.97 -20.34 27.71
CA LEU D 300 15.66 -20.35 26.29
C LEU D 300 16.22 -19.11 25.60
N ALA D 301 16.16 -17.95 26.27
CA ALA D 301 16.72 -16.73 25.69
C ALA D 301 18.22 -16.87 25.48
N TYR D 302 18.93 -17.45 26.46
CA TYR D 302 20.36 -17.64 26.32
C TYR D 302 20.69 -18.59 25.18
N GLU D 303 19.93 -19.68 25.05
CA GLU D 303 20.25 -20.67 24.03
C GLU D 303 19.87 -20.21 22.63
N GLN D 304 18.81 -19.40 22.50
CA GLN D 304 18.25 -19.10 21.19
C GLN D 304 18.50 -17.68 20.71
N PHE D 305 18.97 -16.77 21.56
CA PHE D 305 19.14 -15.38 21.16
C PHE D 305 20.51 -14.80 21.51
N ASN D 306 21.40 -15.60 22.12
CA ASN D 306 22.74 -15.14 22.51
C ASN D 306 22.65 -13.90 23.40
N PHE D 307 21.67 -13.88 24.30
CA PHE D 307 21.45 -12.78 25.21
C PHE D 307 21.42 -13.29 26.64
N THR D 308 22.10 -12.57 27.54
CA THR D 308 22.16 -12.92 28.95
C THR D 308 21.29 -11.94 29.73
N MET D 309 20.19 -12.45 30.28
CA MET D 309 19.26 -11.62 31.04
C MET D 309 19.66 -11.60 32.52
N GLU D 310 19.28 -10.53 33.19
CA GLU D 310 19.60 -10.31 34.60
C GLU D 310 18.34 -10.43 35.45
N ASP D 311 18.50 -10.20 36.75
CA ASP D 311 17.40 -10.25 37.70
C ASP D 311 16.90 -8.85 37.98
N GLY D 312 15.60 -8.65 37.88
CA GLY D 312 15.02 -7.35 38.14
C GLY D 312 13.55 -7.32 37.79
N LEU D 313 12.93 -6.18 38.08
CA LEU D 313 11.52 -5.97 37.78
C LEU D 313 11.26 -5.80 36.28
N VAL D 314 12.30 -5.54 35.49
CA VAL D 314 12.14 -5.42 34.04
C VAL D 314 11.60 -6.72 33.46
N ASN D 315 12.00 -7.86 34.05
CA ASN D 315 11.49 -9.16 33.61
C ASN D 315 9.98 -9.29 33.78
N THR D 316 9.35 -8.44 34.59
CA THR D 316 7.90 -8.44 34.70
C THR D 316 7.23 -7.89 33.45
N ILE D 317 7.96 -7.23 32.56
CA ILE D 317 7.37 -6.64 31.36
C ILE D 317 7.08 -7.71 30.33
N PRO D 318 8.05 -8.54 29.89
CA PRO D 318 7.71 -9.57 28.89
C PRO D 318 6.66 -10.56 29.38
N ALA D 319 6.73 -10.96 30.66
CA ALA D 319 5.82 -11.96 31.19
C ALA D 319 4.37 -11.53 31.00
N SER D 320 4.06 -10.26 31.27
CA SER D 320 2.72 -9.75 31.05
C SER D 320 2.25 -10.05 29.63
N PHE D 321 3.10 -9.75 28.64
CA PHE D 321 2.80 -10.12 27.25
C PHE D 321 2.29 -11.54 27.18
N HIS D 322 3.10 -12.49 27.66
CA HIS D 322 2.70 -13.89 27.74
C HIS D 322 1.28 -14.02 28.27
N ASP D 323 1.06 -13.56 29.50
CA ASP D 323 -0.25 -13.66 30.10
C ASP D 323 -1.31 -13.04 29.19
N GLY D 324 -1.05 -11.82 28.72
CA GLY D 324 -2.01 -11.17 27.86
C GLY D 324 -2.36 -12.01 26.65
N LEU D 325 -1.32 -12.57 26.01
CA LEU D 325 -1.57 -13.42 24.84
C LEU D 325 -2.53 -14.55 25.21
N LEU D 326 -2.27 -15.24 26.32
CA LEU D 326 -3.15 -16.31 26.75
C LEU D 326 -4.58 -15.80 26.85
N LEU D 327 -4.78 -14.67 27.52
CA LEU D 327 -6.12 -14.12 27.68
C LEU D 327 -6.79 -13.96 26.32
N TYR D 328 -6.06 -13.36 25.36
CA TYR D 328 -6.64 -13.15 24.04
C TYR D 328 -7.14 -14.45 23.46
N ILE D 329 -6.32 -15.50 23.54
CA ILE D 329 -6.72 -16.79 22.99
C ILE D 329 -8.04 -17.23 23.59
N GLN D 330 -8.15 -17.14 24.92
CA GLN D 330 -9.38 -17.54 25.60
C GLN D 330 -10.56 -16.80 25.00
N ALA D 331 -10.43 -15.48 24.86
CA ALA D 331 -11.53 -14.68 24.31
C ALA D 331 -11.93 -15.20 22.94
N VAL D 332 -10.94 -15.48 22.09
CA VAL D 332 -11.23 -15.99 20.76
C VAL D 332 -12.07 -17.25 20.85
N THR D 333 -11.68 -18.16 21.75
CA THR D 333 -12.42 -19.40 21.92
C THR D 333 -13.87 -19.10 22.26
N GLU D 334 -14.09 -18.16 23.17
CA GLU D 334 -15.46 -17.81 23.55
C GLU D 334 -16.25 -17.34 22.33
N THR D 335 -15.62 -16.52 21.48
CA THR D 335 -16.30 -16.10 20.26
C THR D 335 -16.62 -17.31 19.39
N LEU D 336 -15.65 -18.22 19.24
CA LEU D 336 -15.89 -19.42 18.45
C LEU D 336 -16.89 -20.35 19.13
N ALA D 337 -17.18 -20.13 20.41
CA ALA D 337 -18.20 -20.89 21.12
C ALA D 337 -19.57 -20.23 21.05
N HIS D 338 -19.68 -19.05 20.44
CA HIS D 338 -20.94 -18.33 20.37
C HIS D 338 -21.37 -18.04 18.94
N GLY D 339 -20.85 -18.77 17.96
CA GLY D 339 -21.23 -18.56 16.58
C GLY D 339 -20.71 -17.26 16.01
N GLY D 340 -19.38 -17.09 16.03
CA GLY D 340 -18.76 -15.90 15.51
C GLY D 340 -17.56 -16.23 14.65
N THR D 341 -16.84 -15.19 14.26
CA THR D 341 -15.65 -15.31 13.44
C THR D 341 -14.49 -14.59 14.11
N VAL D 342 -13.27 -14.97 13.73
CA VAL D 342 -12.07 -14.37 14.32
C VAL D 342 -11.76 -12.99 13.76
N THR D 343 -12.57 -12.49 12.84
CA THR D 343 -12.34 -11.20 12.20
C THR D 343 -13.43 -10.20 12.56
N ASP D 344 -13.88 -10.23 13.81
CA ASP D 344 -14.88 -9.28 14.30
C ASP D 344 -14.26 -8.14 15.11
N GLY D 345 -13.39 -8.46 16.07
CA GLY D 345 -12.69 -7.44 16.82
C GLY D 345 -13.47 -6.91 18.01
N GLU D 346 -14.66 -6.38 17.77
CA GLU D 346 -15.44 -5.77 18.85
C GLU D 346 -15.84 -6.80 19.90
N ASN D 347 -16.30 -7.98 19.48
CA ASN D 347 -16.73 -8.99 20.44
C ASN D 347 -15.57 -9.49 21.28
N ILE D 348 -14.41 -9.73 20.66
CA ILE D 348 -13.25 -10.23 21.39
C ILE D 348 -12.77 -9.19 22.39
N THR D 349 -12.71 -7.92 21.97
CA THR D 349 -12.26 -6.86 22.87
C THR D 349 -13.24 -6.67 24.02
N GLN D 350 -14.54 -6.73 23.74
CA GLN D 350 -15.52 -6.61 24.82
C GLN D 350 -15.46 -7.79 25.79
N ARG D 351 -15.21 -9.00 25.29
CA ARG D 351 -15.06 -10.15 26.18
C ARG D 351 -13.80 -10.08 27.01
N MET D 352 -12.71 -9.53 26.45
CA MET D 352 -11.48 -9.39 27.22
C MET D 352 -11.64 -8.42 28.38
N TRP D 353 -12.33 -7.30 28.14
CA TRP D 353 -12.47 -6.27 29.15
C TRP D 353 -13.36 -6.74 30.29
N ASN D 354 -13.05 -6.26 31.50
CA ASN D 354 -13.78 -6.59 32.72
C ASN D 354 -13.81 -8.11 32.94
N ARG D 355 -12.63 -8.69 33.10
CA ARG D 355 -12.48 -10.12 33.27
C ARG D 355 -11.36 -10.41 34.26
N SER D 356 -11.46 -11.56 34.92
CA SER D 356 -10.45 -12.01 35.86
C SER D 356 -9.71 -13.20 35.27
N PHE D 357 -8.38 -13.14 35.31
CA PHE D 357 -7.55 -14.17 34.70
C PHE D 357 -6.44 -14.55 35.68
N GLN D 358 -5.89 -15.74 35.47
CA GLN D 358 -4.79 -16.26 36.27
C GLN D 358 -3.59 -16.53 35.38
N GLY D 359 -2.44 -15.97 35.76
CA GLY D 359 -1.24 -16.15 34.97
C GLY D 359 -0.01 -16.42 35.82
N VAL D 360 1.18 -16.28 35.22
CA VAL D 360 2.41 -16.50 35.96
C VAL D 360 2.60 -15.41 37.02
N THR D 361 2.22 -14.18 36.70
CA THR D 361 2.35 -13.09 37.66
C THR D 361 1.37 -13.23 38.82
N GLY D 362 0.20 -13.81 38.57
CA GLY D 362 -0.80 -13.99 39.60
C GLY D 362 -2.21 -13.81 39.09
N TYR D 363 -3.13 -13.42 39.97
CA TYR D 363 -4.53 -13.21 39.62
C TYR D 363 -4.69 -11.75 39.18
N LEU D 364 -4.87 -11.53 37.89
CA LEU D 364 -5.01 -10.20 37.33
C LEU D 364 -6.46 -9.93 36.94
N LYS D 365 -6.80 -8.65 36.86
CA LYS D 365 -8.16 -8.22 36.52
C LYS D 365 -8.09 -7.09 35.52
N ILE D 366 -8.95 -7.14 34.51
CA ILE D 366 -9.07 -6.09 33.51
C ILE D 366 -10.43 -5.42 33.69
N ASP D 367 -10.41 -4.09 33.86
CA ASP D 367 -11.64 -3.35 34.15
C ASP D 367 -12.42 -3.10 32.87
N SER D 368 -13.44 -2.25 32.96
CA SER D 368 -14.24 -1.89 31.80
C SER D 368 -13.49 -1.00 30.82
N SER D 369 -12.38 -0.41 31.23
CA SER D 369 -11.59 0.46 30.35
C SER D 369 -10.41 -0.29 29.72
N GLY D 370 -10.29 -1.58 29.97
CA GLY D 370 -9.22 -2.37 29.38
C GLY D 370 -7.83 -2.00 29.84
N ASP D 371 -7.66 -1.72 31.13
CA ASP D 371 -6.36 -1.38 31.70
C ASP D 371 -6.11 -2.26 32.91
N ARG D 372 -5.09 -3.12 32.82
CA ARG D 372 -4.79 -4.04 33.91
C ARG D 372 -4.42 -3.29 35.17
N GLU D 373 -5.01 -3.70 36.29
CA GLU D 373 -4.72 -3.11 37.60
C GLU D 373 -3.43 -3.70 38.14
N THR D 374 -2.53 -2.84 38.58
CA THR D 374 -1.20 -3.25 39.01
C THR D 374 -1.01 -2.96 40.51
N ASP D 375 -0.21 -3.80 41.15
CA ASP D 375 0.17 -3.63 42.54
C ASP D 375 1.45 -2.83 42.63
N PHE D 376 1.63 -2.14 43.77
CA PHE D 376 2.80 -1.29 43.97
C PHE D 376 3.45 -1.62 45.30
N SER D 377 4.70 -1.20 45.46
CA SER D 377 5.45 -1.46 46.68
C SER D 377 6.17 -0.18 47.11
N LEU D 378 6.28 0.01 48.42
CA LEU D 378 6.97 1.16 48.99
C LEU D 378 8.14 0.65 49.82
N TRP D 379 9.34 1.15 49.53
CA TRP D 379 10.54 0.72 50.23
C TRP D 379 10.88 1.70 51.35
N ASP D 380 11.40 1.15 52.44
CA ASP D 380 11.80 1.95 53.59
C ASP D 380 13.12 1.41 54.13
N MET D 381 13.91 2.30 54.73
CA MET D 381 15.23 1.97 55.22
C MET D 381 15.16 1.50 56.67
N ASP D 382 15.89 0.44 56.97
CA ASP D 382 15.97 -0.08 58.33
C ASP D 382 16.77 0.88 59.20
N PRO D 383 16.21 1.42 60.28
CA PRO D 383 16.98 2.35 61.12
C PRO D 383 18.20 1.73 61.78
N GLU D 384 18.27 0.40 61.88
CA GLU D 384 19.38 -0.24 62.57
C GLU D 384 20.62 -0.29 61.70
N ASN D 385 20.54 -0.99 60.56
CA ASN D 385 21.69 -1.19 59.68
C ASN D 385 21.68 -0.25 58.47
N GLY D 386 20.69 0.62 58.34
CA GLY D 386 20.63 1.53 57.21
C GLY D 386 20.44 0.85 55.87
N ALA D 387 19.58 -0.17 55.80
CA ALA D 387 19.32 -0.89 54.57
C ALA D 387 17.84 -0.79 54.22
N PHE D 388 17.56 -0.53 52.94
CA PHE D 388 16.18 -0.40 52.49
C PHE D 388 15.49 -1.75 52.44
N ARG D 389 14.19 -1.74 52.71
CA ARG D 389 13.40 -2.96 52.72
C ARG D 389 11.95 -2.63 52.38
N VAL D 390 11.22 -3.65 51.95
CA VAL D 390 9.81 -3.48 51.59
C VAL D 390 8.98 -3.48 52.86
N VAL D 391 8.13 -2.46 53.01
CA VAL D 391 7.28 -2.34 54.19
C VAL D 391 5.81 -2.24 53.86
N LEU D 392 5.43 -1.80 52.66
CA LEU D 392 4.02 -1.62 52.31
C LEU D 392 3.77 -2.06 50.88
N ASN D 393 2.67 -2.78 50.67
CA ASN D 393 2.22 -3.20 49.34
C ASN D 393 0.80 -2.69 49.10
N TYR D 394 0.53 -2.31 47.86
CA TYR D 394 -0.77 -1.77 47.46
C TYR D 394 -1.37 -2.67 46.40
N ASN D 395 -2.57 -3.19 46.68
CA ASN D 395 -3.34 -4.01 45.76
C ASN D 395 -4.36 -3.13 45.06
N GLY D 396 -4.29 -3.09 43.73
CA GLY D 396 -5.18 -2.24 42.96
C GLY D 396 -6.53 -2.87 42.67
N THR D 397 -6.61 -4.20 42.74
CA THR D 397 -7.90 -4.86 42.54
C THR D 397 -8.88 -4.49 43.65
N SER D 398 -8.45 -4.61 44.91
CA SER D 398 -9.23 -4.16 46.05
C SER D 398 -8.84 -2.77 46.52
N GLN D 399 -7.77 -2.20 45.97
CA GLN D 399 -7.29 -0.85 46.35
C GLN D 399 -7.05 -0.77 47.86
N GLU D 400 -6.13 -1.61 48.33
CA GLU D 400 -5.86 -1.71 49.76
C GLU D 400 -4.37 -1.71 50.01
N LEU D 401 -3.98 -1.28 51.21
CA LEU D 401 -2.58 -1.23 51.64
C LEU D 401 -2.35 -2.26 52.74
N VAL D 402 -1.26 -3.01 52.62
CA VAL D 402 -0.95 -4.09 53.56
C VAL D 402 0.53 -4.00 53.93
N ALA D 403 0.80 -4.16 55.22
CA ALA D 403 2.18 -4.18 55.71
C ALA D 403 2.81 -5.54 55.46
N VAL D 404 4.13 -5.61 55.65
CA VAL D 404 4.90 -6.83 55.43
C VAL D 404 5.49 -7.27 56.76
N SER D 405 5.04 -8.43 57.24
CA SER D 405 5.58 -9.06 58.45
C SER D 405 5.53 -8.10 59.65
N GLY D 406 4.49 -7.28 59.69
CA GLY D 406 4.32 -6.35 60.79
C GLY D 406 5.33 -5.23 60.86
N ARG D 407 5.98 -4.91 59.74
CA ARG D 407 6.95 -3.83 59.72
C ARG D 407 6.26 -2.48 59.92
N LYS D 408 6.91 -1.59 60.65
CA LYS D 408 6.38 -0.28 60.98
C LYS D 408 7.12 0.78 60.19
N LEU D 409 6.38 1.65 59.51
CA LEU D 409 6.97 2.75 58.75
C LEU D 409 7.45 3.82 59.72
N ASN D 410 8.75 3.83 60.01
CA ASN D 410 9.32 4.75 60.98
C ASN D 410 9.50 6.14 60.37
N TRP D 411 9.52 7.14 61.24
CA TRP D 411 9.74 8.53 60.85
C TRP D 411 10.77 9.16 61.79
N PRO D 412 11.51 10.16 61.31
CA PRO D 412 12.55 10.77 62.16
C PRO D 412 12.00 11.38 63.43
N LEU D 413 10.79 11.93 63.41
CA LEU D 413 10.22 12.57 64.58
C LEU D 413 9.24 11.68 65.34
N GLY D 414 8.57 10.76 64.66
CA GLY D 414 7.65 9.85 65.31
C GLY D 414 6.34 9.68 64.56
N TYR D 415 5.89 10.72 63.88
CA TYR D 415 4.70 10.67 63.04
C TYR D 415 5.00 11.43 61.76
N PRO D 416 4.26 11.16 60.69
CA PRO D 416 4.51 11.84 59.41
C PRO D 416 4.41 13.35 59.57
N PRO D 417 5.28 14.11 58.89
CA PRO D 417 5.24 15.56 59.02
C PRO D 417 3.96 16.11 58.42
N PRO D 418 3.47 17.25 58.92
CA PRO D 418 2.25 17.83 58.36
C PRO D 418 2.46 18.31 56.93
N ASP D 419 1.38 18.29 56.15
CA ASP D 419 1.46 18.70 54.75
C ASP D 419 1.85 20.16 54.62
N ILE D 420 1.29 21.03 55.46
CA ILE D 420 1.60 22.45 55.43
C ILE D 420 1.99 22.88 56.85
N PRO D 421 3.11 23.58 57.02
CA PRO D 421 3.50 24.02 58.36
C PRO D 421 2.50 25.03 58.94
N LYS D 422 2.42 25.05 60.27
CA LYS D 422 1.49 25.94 60.94
C LYS D 422 1.78 27.41 60.63
N CYS D 423 3.05 27.74 60.41
CA CYS D 423 3.42 29.10 60.03
C CYS D 423 3.20 29.39 58.56
N GLY D 424 2.95 28.36 57.74
CA GLY D 424 2.73 28.54 56.33
C GLY D 424 4.04 28.67 55.56
N PHE D 425 3.90 28.84 54.24
CA PHE D 425 5.06 28.98 53.37
C PHE D 425 5.71 30.36 53.46
N ASN E 1 -15.53 -4.69 4.07
CA ASN E 1 -15.61 -6.07 3.58
C ASN E 1 -14.61 -6.29 2.45
N ILE E 2 -14.57 -7.51 1.93
CA ILE E 2 -13.66 -7.90 0.86
C ILE E 2 -14.46 -8.06 -0.43
N GLN E 3 -14.05 -7.34 -1.47
CA GLN E 3 -14.68 -7.42 -2.78
C GLN E 3 -13.87 -8.36 -3.66
N MET E 4 -14.56 -9.25 -4.36
CA MET E 4 -13.94 -10.32 -5.11
C MET E 4 -14.23 -10.17 -6.60
N THR E 5 -13.20 -10.34 -7.43
CA THR E 5 -13.31 -10.11 -8.86
C THR E 5 -12.95 -11.39 -9.62
N GLN E 6 -13.70 -11.67 -10.68
CA GLN E 6 -13.50 -12.85 -11.50
C GLN E 6 -13.08 -12.45 -12.91
N SER E 7 -12.15 -13.22 -13.49
CA SER E 7 -11.67 -12.97 -14.84
C SER E 7 -11.54 -14.30 -15.58
N PRO E 8 -11.99 -14.39 -16.83
CA PRO E 8 -12.71 -13.32 -17.53
C PRO E 8 -14.20 -13.32 -17.21
N SER E 9 -14.89 -12.24 -17.58
CA SER E 9 -16.34 -12.20 -17.38
C SER E 9 -17.06 -13.29 -18.17
N SER E 10 -16.62 -13.53 -19.40
CA SER E 10 -17.16 -14.60 -20.21
C SER E 10 -16.02 -15.22 -21.03
N LEU E 11 -16.17 -16.50 -21.35
CA LEU E 11 -15.14 -17.21 -22.10
C LEU E 11 -15.80 -18.29 -22.94
N SER E 12 -15.32 -18.45 -24.17
CA SER E 12 -15.81 -19.46 -25.09
C SER E 12 -14.69 -20.43 -25.42
N ALA E 13 -14.97 -21.73 -25.29
CA ALA E 13 -13.96 -22.75 -25.54
C ALA E 13 -14.65 -23.99 -26.07
N SER E 14 -13.86 -24.85 -26.73
CA SER E 14 -14.35 -26.08 -27.31
C SER E 14 -14.14 -27.24 -26.35
N VAL E 15 -14.56 -28.44 -26.79
CA VAL E 15 -14.44 -29.63 -25.96
C VAL E 15 -12.99 -30.11 -25.95
N GLY E 16 -12.51 -30.52 -24.79
CA GLY E 16 -11.16 -31.03 -24.66
C GLY E 16 -10.07 -30.00 -24.63
N ASP E 17 -10.36 -28.79 -24.15
CA ASP E 17 -9.41 -27.70 -24.09
C ASP E 17 -8.95 -27.44 -22.66
N ARG E 18 -7.93 -26.60 -22.53
CA ARG E 18 -7.41 -26.17 -21.24
C ARG E 18 -8.00 -24.79 -20.93
N VAL E 19 -8.67 -24.66 -19.79
CA VAL E 19 -9.27 -23.39 -19.42
C VAL E 19 -8.89 -23.03 -18.00
N THR E 20 -8.64 -21.74 -17.78
CA THR E 20 -8.29 -21.20 -16.47
C THR E 20 -9.16 -20.00 -16.15
N ILE E 21 -9.52 -19.86 -14.88
CA ILE E 21 -10.29 -18.74 -14.38
C ILE E 21 -9.55 -18.17 -13.17
N THR E 22 -9.46 -16.84 -13.10
CA THR E 22 -8.71 -16.15 -12.07
C THR E 22 -9.65 -15.42 -11.13
N CYS E 23 -9.45 -15.61 -9.83
CA CYS E 23 -10.21 -14.91 -8.80
C CYS E 23 -9.26 -14.06 -7.98
N ARG E 24 -9.57 -12.78 -7.86
CA ARG E 24 -8.71 -11.81 -7.18
C ARG E 24 -9.47 -11.18 -6.01
N ALA E 25 -8.76 -11.01 -4.90
CA ALA E 25 -9.32 -10.43 -3.69
C ALA E 25 -8.67 -9.08 -3.39
N SER E 26 -9.48 -8.14 -2.90
CA SER E 26 -8.95 -6.83 -2.53
C SER E 26 -8.11 -6.89 -1.26
N GLN E 27 -8.23 -7.96 -0.48
CA GLN E 27 -7.44 -8.14 0.73
C GLN E 27 -6.85 -9.54 0.74
N SER E 28 -5.74 -9.69 1.44
CA SER E 28 -5.02 -10.96 1.44
C SER E 28 -5.75 -12.00 2.28
N ILE E 29 -5.98 -13.17 1.68
CA ILE E 29 -6.55 -14.32 2.36
C ILE E 29 -5.64 -15.52 2.14
N ASP E 30 -5.27 -16.22 3.21
CA ASP E 30 -4.29 -17.28 3.13
C ASP E 30 -4.76 -18.43 2.25
N SER E 31 -5.76 -19.20 2.72
CA SER E 31 -6.26 -20.33 1.94
C SER E 31 -7.78 -20.44 2.01
N TYR E 32 -8.47 -19.35 2.31
CA TYR E 32 -9.92 -19.37 2.49
C TYR E 32 -10.58 -19.05 1.16
N LEU E 33 -10.79 -20.09 0.35
CA LEU E 33 -11.46 -19.93 -0.93
C LEU E 33 -12.21 -21.21 -1.29
N ASN E 34 -13.41 -21.05 -1.83
CA ASN E 34 -14.23 -22.16 -2.28
C ASN E 34 -14.73 -21.87 -3.69
N TRP E 35 -14.85 -22.93 -4.48
CA TRP E 35 -15.33 -22.82 -5.86
C TRP E 35 -16.66 -23.55 -5.99
N TYR E 36 -17.64 -22.89 -6.59
CA TYR E 36 -18.96 -23.46 -6.82
C TYR E 36 -19.32 -23.36 -8.29
N GLN E 37 -20.02 -24.37 -8.79
CA GLN E 37 -20.54 -24.39 -10.15
C GLN E 37 -22.06 -24.49 -10.09
N GLN E 38 -22.73 -23.74 -10.96
CA GLN E 38 -24.18 -23.69 -10.99
C GLN E 38 -24.67 -23.77 -12.42
N LYS E 39 -25.68 -24.61 -12.62
CA LYS E 39 -26.40 -24.79 -13.88
C LYS E 39 -27.79 -24.15 -13.78
N PRO E 40 -28.36 -23.71 -14.90
CA PRO E 40 -29.69 -23.08 -14.84
C PRO E 40 -30.73 -24.02 -14.24
N GLY E 41 -31.56 -23.47 -13.35
CA GLY E 41 -32.61 -24.23 -12.71
C GLY E 41 -32.15 -25.21 -11.66
N LYS E 42 -30.89 -25.17 -11.26
CA LYS E 42 -30.36 -26.11 -10.28
C LYS E 42 -29.55 -25.37 -9.23
N ALA E 43 -29.47 -25.96 -8.04
CA ALA E 43 -28.71 -25.40 -6.93
C ALA E 43 -27.21 -25.53 -7.18
N PRO E 44 -26.40 -24.64 -6.62
CA PRO E 44 -24.94 -24.73 -6.79
C PRO E 44 -24.40 -25.99 -6.13
N LYS E 45 -23.28 -26.46 -6.67
CA LYS E 45 -22.62 -27.66 -6.15
C LYS E 45 -21.15 -27.33 -5.90
N LEU E 46 -20.56 -27.79 -4.79
CA LEU E 46 -19.15 -27.46 -4.42
C LEU E 46 -18.10 -28.33 -5.14
N LEU E 47 -16.98 -27.74 -5.59
CA LEU E 47 -15.87 -28.44 -6.24
C LEU E 47 -14.58 -28.43 -5.38
N ILE E 48 -14.03 -27.28 -4.93
CA ILE E 48 -12.74 -27.14 -4.17
C ILE E 48 -13.03 -26.49 -2.83
N TYR E 49 -12.48 -26.96 -1.70
CA TYR E 49 -12.91 -26.47 -0.36
C TYR E 49 -11.86 -25.64 0.36
N VAL E 50 -10.61 -25.79 -0.07
CA VAL E 50 -9.55 -24.88 0.43
C VAL E 50 -9.07 -24.25 -0.88
N ALA E 51 -7.97 -23.52 -0.91
CA ALA E 51 -7.60 -22.97 -2.23
C ALA E 51 -7.20 -24.14 -3.11
N SER E 52 -6.82 -25.29 -2.52
CA SER E 52 -6.26 -26.41 -3.33
C SER E 52 -6.72 -27.81 -2.93
N SER E 53 -7.87 -27.96 -2.29
CA SER E 53 -8.41 -29.29 -1.92
C SER E 53 -9.30 -29.78 -3.03
N LEU E 54 -9.99 -30.89 -2.81
CA LEU E 54 -10.83 -31.47 -3.89
C LEU E 54 -11.88 -32.33 -3.22
N GLN E 55 -13.07 -31.82 -3.18
CA GLN E 55 -14.25 -32.41 -2.54
C GLN E 55 -14.51 -33.80 -3.11
N SER E 56 -15.12 -34.65 -2.28
CA SER E 56 -15.43 -36.01 -2.70
C SER E 56 -16.50 -36.02 -3.79
N GLY E 57 -16.36 -36.94 -4.74
CA GLY E 57 -17.29 -37.04 -5.84
C GLY E 57 -17.04 -36.09 -6.99
N VAL E 58 -15.90 -35.42 -7.01
CA VAL E 58 -15.59 -34.44 -8.07
C VAL E 58 -14.57 -35.08 -9.02
N PRO E 59 -14.77 -34.96 -10.34
CA PRO E 59 -13.79 -35.52 -11.27
C PRO E 59 -12.43 -34.87 -11.11
N SER E 60 -11.38 -35.67 -11.39
CA SER E 60 -10.01 -35.21 -11.19
C SER E 60 -9.58 -34.15 -12.20
N ARG E 61 -10.36 -33.90 -13.25
CA ARG E 61 -9.99 -32.90 -14.24
C ARG E 61 -10.04 -31.48 -13.70
N PHE E 62 -10.65 -31.26 -12.54
CA PHE E 62 -10.70 -29.94 -11.92
C PHE E 62 -9.51 -29.78 -10.98
N SER E 63 -8.92 -28.59 -10.99
CA SER E 63 -7.80 -28.30 -10.09
C SER E 63 -7.88 -26.86 -9.62
N GLY E 64 -7.33 -26.61 -8.45
CA GLY E 64 -7.29 -25.26 -7.91
C GLY E 64 -5.94 -24.96 -7.31
N SER E 65 -5.52 -23.71 -7.42
CA SER E 65 -4.24 -23.27 -6.90
C SER E 65 -4.32 -21.78 -6.61
N GLY E 66 -3.22 -21.22 -6.13
CA GLY E 66 -3.13 -19.82 -5.81
C GLY E 66 -3.12 -19.56 -4.31
N SER E 67 -2.79 -18.32 -3.97
CA SER E 67 -2.65 -17.94 -2.57
C SER E 67 -2.51 -16.42 -2.50
N GLY E 68 -2.72 -15.88 -1.30
CA GLY E 68 -2.60 -14.45 -1.10
C GLY E 68 -3.80 -13.69 -1.62
N LYS E 69 -3.63 -12.99 -2.74
CA LYS E 69 -4.69 -12.21 -3.35
C LYS E 69 -5.14 -12.73 -4.70
N ASP E 70 -4.52 -13.77 -5.24
CA ASP E 70 -4.88 -14.34 -6.52
C ASP E 70 -4.97 -15.85 -6.44
N PHE E 71 -6.03 -16.41 -7.04
CA PHE E 71 -6.26 -17.84 -7.09
C PHE E 71 -6.70 -18.22 -8.50
N THR E 72 -6.44 -19.47 -8.87
CA THR E 72 -6.73 -19.96 -10.20
C THR E 72 -7.48 -21.28 -10.12
N LEU E 73 -8.49 -21.43 -10.98
CA LEU E 73 -9.23 -22.66 -11.17
C LEU E 73 -8.97 -23.15 -12.59
N THR E 74 -8.56 -24.42 -12.72
CA THR E 74 -8.11 -24.96 -13.98
C THR E 74 -8.88 -26.23 -14.34
N ILE E 75 -9.35 -26.28 -15.58
CA ILE E 75 -9.94 -27.49 -16.15
C ILE E 75 -9.05 -27.94 -17.29
N SER E 76 -8.53 -29.17 -17.19
CA SER E 76 -7.59 -29.67 -18.17
C SER E 76 -8.29 -30.02 -19.48
N SER E 77 -9.44 -30.68 -19.40
CA SER E 77 -10.18 -31.08 -20.59
C SER E 77 -11.67 -30.79 -20.35
N LEU E 78 -12.22 -29.87 -21.14
CA LEU E 78 -13.64 -29.57 -21.04
C LEU E 78 -14.48 -30.73 -21.55
N GLN E 79 -15.69 -30.83 -21.00
CA GLN E 79 -16.68 -31.83 -21.40
C GLN E 79 -18.00 -31.12 -21.57
N PRO E 80 -18.94 -31.72 -22.33
CA PRO E 80 -20.23 -31.04 -22.55
C PRO E 80 -20.99 -30.72 -21.28
N GLU E 81 -20.75 -31.45 -20.20
CA GLU E 81 -21.40 -31.19 -18.92
C GLU E 81 -20.61 -30.23 -18.04
N ASP E 82 -19.46 -29.72 -18.50
CA ASP E 82 -18.62 -28.85 -17.71
C ASP E 82 -18.92 -27.36 -17.95
N PHE E 83 -19.88 -27.04 -18.80
CA PHE E 83 -20.22 -25.65 -19.09
C PHE E 83 -21.27 -25.18 -18.08
N ALA E 84 -20.87 -24.30 -17.17
CA ALA E 84 -21.76 -23.78 -16.15
C ALA E 84 -21.18 -22.47 -15.63
N THR E 85 -21.88 -21.85 -14.68
CA THR E 85 -21.44 -20.60 -14.09
C THR E 85 -20.60 -20.88 -12.84
N TYR E 86 -19.45 -20.23 -12.74
CA TYR E 86 -18.49 -20.50 -11.68
C TYR E 86 -18.39 -19.30 -10.74
N TYR E 87 -18.39 -19.58 -9.44
CA TYR E 87 -18.27 -18.56 -8.41
C TYR E 87 -17.15 -18.91 -7.45
N CYS E 88 -16.37 -17.91 -7.06
CA CYS E 88 -15.33 -18.05 -6.05
C CYS E 88 -15.75 -17.27 -4.80
N GLN E 89 -15.74 -17.95 -3.65
CA GLN E 89 -16.23 -17.41 -2.39
C GLN E 89 -15.09 -17.40 -1.37
N GLN E 90 -15.00 -16.31 -0.61
CA GLN E 90 -14.04 -16.21 0.48
C GLN E 90 -14.72 -16.54 1.80
N SER E 91 -13.99 -17.21 2.70
CA SER E 91 -14.54 -17.64 3.98
C SER E 91 -13.72 -17.17 5.17
N TYR E 92 -12.67 -16.36 4.95
CA TYR E 92 -11.89 -15.84 6.05
C TYR E 92 -12.71 -14.90 6.92
N SER E 93 -13.57 -14.10 6.30
CA SER E 93 -14.43 -13.16 7.01
C SER E 93 -15.86 -13.45 6.58
N ILE E 94 -16.77 -12.55 6.90
CA ILE E 94 -18.17 -12.61 6.46
C ILE E 94 -18.20 -12.98 4.97
N PRO E 95 -18.74 -14.15 4.63
CA PRO E 95 -18.60 -14.66 3.25
C PRO E 95 -19.22 -13.73 2.22
N THR E 96 -18.54 -13.60 1.09
CA THR E 96 -19.00 -12.83 -0.05
C THR E 96 -18.87 -13.66 -1.31
N PHE E 97 -19.74 -13.39 -2.28
CA PHE E 97 -19.76 -14.12 -3.54
C PHE E 97 -19.30 -13.23 -4.67
N GLY E 98 -18.69 -13.85 -5.68
CA GLY E 98 -18.22 -13.15 -6.85
C GLY E 98 -19.34 -12.87 -7.84
N GLN E 99 -18.99 -12.12 -8.88
CA GLN E 99 -19.96 -11.77 -9.92
C GLN E 99 -20.28 -12.92 -10.86
N GLY E 100 -19.45 -13.95 -10.89
CA GLY E 100 -19.67 -15.10 -11.73
C GLY E 100 -18.80 -15.08 -12.97
N THR E 101 -18.81 -16.21 -13.68
CA THR E 101 -18.04 -16.36 -14.91
C THR E 101 -18.79 -17.36 -15.79
N ARG E 102 -19.44 -16.85 -16.83
CA ARG E 102 -20.20 -17.70 -17.74
C ARG E 102 -19.28 -18.35 -18.76
N LEU E 103 -19.50 -19.64 -19.00
CA LEU E 103 -18.72 -20.42 -19.95
C LEU E 103 -19.65 -20.98 -21.02
N GLU E 104 -19.26 -20.84 -22.28
CA GLU E 104 -20.07 -21.28 -23.40
C GLU E 104 -19.19 -21.98 -24.42
N ILE E 105 -19.84 -22.71 -25.33
CA ILE E 105 -19.12 -23.44 -26.36
C ILE E 105 -18.68 -22.49 -27.47
N LYS E 106 -17.79 -22.99 -28.33
CA LYS E 106 -17.29 -22.23 -29.46
C LYS E 106 -17.99 -22.69 -30.74
N ARG E 107 -18.42 -21.73 -31.55
CA ARG E 107 -19.15 -22.03 -32.78
C ARG E 107 -18.80 -21.00 -33.83
N THR E 108 -19.03 -21.37 -35.09
CA THR E 108 -18.77 -20.46 -36.20
C THR E 108 -19.82 -19.34 -36.24
N VAL E 109 -19.49 -18.29 -36.97
CA VAL E 109 -20.37 -17.13 -37.09
C VAL E 109 -21.53 -17.46 -38.00
N ALA E 110 -22.74 -17.10 -37.57
CA ALA E 110 -23.96 -17.35 -38.34
C ALA E 110 -24.77 -16.07 -38.44
N ALA E 111 -25.57 -15.97 -39.52
CA ALA E 111 -26.37 -14.78 -39.77
C ALA E 111 -27.77 -14.93 -39.21
N PRO E 112 -28.35 -13.87 -38.67
CA PRO E 112 -29.71 -13.94 -38.12
C PRO E 112 -30.77 -13.89 -39.21
N SER E 113 -31.97 -14.34 -38.81
CA SER E 113 -33.17 -14.18 -39.62
C SER E 113 -34.08 -13.16 -38.95
N VAL E 114 -34.48 -12.14 -39.71
CA VAL E 114 -35.23 -11.01 -39.19
C VAL E 114 -36.70 -11.18 -39.58
N PHE E 115 -37.57 -11.27 -38.58
CA PHE E 115 -39.00 -11.40 -38.82
C PHE E 115 -39.76 -10.28 -38.13
N ILE E 116 -40.77 -9.75 -38.82
CA ILE E 116 -41.57 -8.63 -38.34
C ILE E 116 -43.01 -9.12 -38.15
N PHE E 117 -43.73 -8.44 -37.26
CA PHE E 117 -45.15 -8.71 -37.12
C PHE E 117 -45.93 -7.42 -36.91
N PRO E 118 -46.80 -7.05 -37.85
CA PRO E 118 -47.65 -5.87 -37.64
C PRO E 118 -48.64 -6.11 -36.52
N PRO E 119 -49.09 -5.07 -35.82
CA PRO E 119 -49.97 -5.27 -34.69
C PRO E 119 -51.31 -5.89 -35.09
N SER E 120 -51.83 -6.74 -34.21
CA SER E 120 -53.10 -7.40 -34.48
C SER E 120 -54.27 -6.46 -34.18
N ASP E 121 -55.43 -6.78 -34.77
CA ASP E 121 -56.62 -5.97 -34.56
C ASP E 121 -57.17 -6.11 -33.15
N GLU E 122 -56.90 -7.24 -32.47
CA GLU E 122 -57.35 -7.39 -31.09
C GLU E 122 -56.67 -6.38 -30.17
N GLN E 123 -55.39 -6.08 -30.41
CA GLN E 123 -54.72 -5.05 -29.63
C GLN E 123 -55.36 -3.69 -29.84
N LEU E 124 -55.74 -3.38 -31.08
CA LEU E 124 -56.45 -2.13 -31.34
C LEU E 124 -57.81 -2.11 -30.65
N LYS E 125 -58.50 -3.25 -30.60
CA LYS E 125 -59.75 -3.32 -29.86
C LYS E 125 -59.54 -3.07 -28.38
N SER E 126 -58.45 -3.61 -27.82
CA SER E 126 -58.15 -3.42 -26.41
C SER E 126 -57.70 -1.99 -26.08
N GLY E 127 -57.29 -1.21 -27.09
CA GLY E 127 -56.86 0.15 -26.86
C GLY E 127 -55.38 0.35 -26.68
N THR E 128 -54.55 -0.66 -27.00
CA THR E 128 -53.11 -0.54 -26.88
C THR E 128 -52.47 -1.44 -27.92
N ALA E 129 -51.64 -0.88 -28.78
CA ALA E 129 -51.03 -1.62 -29.88
C ALA E 129 -49.62 -2.03 -29.51
N SER E 130 -49.14 -3.08 -30.18
CA SER E 130 -47.80 -3.61 -29.92
C SER E 130 -47.24 -4.21 -31.21
N VAL E 131 -45.99 -3.89 -31.50
CA VAL E 131 -45.29 -4.44 -32.65
C VAL E 131 -44.10 -5.24 -32.14
N VAL E 132 -43.71 -6.25 -32.90
CA VAL E 132 -42.60 -7.12 -32.53
C VAL E 132 -41.75 -7.41 -33.76
N CYS E 133 -40.44 -7.52 -33.55
CA CYS E 133 -39.55 -8.09 -34.56
C CYS E 133 -38.45 -8.87 -33.85
N LEU E 134 -38.12 -10.03 -34.42
CA LEU E 134 -37.23 -10.97 -33.76
C LEU E 134 -36.15 -11.46 -34.70
N LEU E 135 -35.00 -11.75 -34.10
CA LEU E 135 -33.84 -12.36 -34.74
C LEU E 135 -33.78 -13.83 -34.34
N ASN E 136 -33.71 -14.70 -35.33
CA ASN E 136 -33.71 -16.15 -35.10
C ASN E 136 -32.42 -16.74 -35.65
N ASN E 137 -31.83 -17.66 -34.88
CA ASN E 137 -30.69 -18.47 -35.31
C ASN E 137 -29.49 -17.59 -35.69
N PHE E 138 -28.97 -16.89 -34.70
CA PHE E 138 -27.79 -16.05 -34.88
C PHE E 138 -26.72 -16.40 -33.85
N TYR E 139 -25.47 -16.11 -34.23
CA TYR E 139 -24.32 -16.30 -33.36
C TYR E 139 -23.22 -15.36 -33.85
N PRO E 140 -22.51 -14.67 -32.95
CA PRO E 140 -22.64 -14.73 -31.49
C PRO E 140 -23.85 -13.98 -30.95
N ARG E 141 -23.91 -13.85 -29.62
CA ARG E 141 -25.11 -13.29 -28.98
C ARG E 141 -25.22 -11.78 -29.18
N GLU E 142 -24.09 -11.07 -29.30
CA GLU E 142 -24.15 -9.62 -29.33
C GLU E 142 -24.73 -9.13 -30.65
N ALA E 143 -25.68 -8.19 -30.54
CA ALA E 143 -26.32 -7.56 -31.68
C ALA E 143 -27.03 -6.31 -31.19
N LYS E 144 -27.40 -5.44 -32.14
CA LYS E 144 -28.08 -4.20 -31.81
C LYS E 144 -29.35 -4.06 -32.64
N VAL E 145 -30.43 -3.63 -31.99
CA VAL E 145 -31.73 -3.46 -32.64
C VAL E 145 -32.22 -2.05 -32.35
N GLN E 146 -32.61 -1.33 -33.39
CA GLN E 146 -33.11 0.03 -33.28
C GLN E 146 -34.52 0.11 -33.86
N TRP E 147 -35.35 0.96 -33.28
CA TRP E 147 -36.70 1.19 -33.76
C TRP E 147 -36.78 2.50 -34.52
N LYS E 148 -37.46 2.49 -35.67
CA LYS E 148 -37.59 3.68 -36.50
C LYS E 148 -38.99 3.75 -37.05
N VAL E 149 -39.72 4.81 -36.71
CA VAL E 149 -41.05 5.06 -37.23
C VAL E 149 -41.03 6.41 -37.94
N ASP E 150 -41.26 6.39 -39.26
CA ASP E 150 -41.21 7.58 -40.10
C ASP E 150 -39.93 8.38 -39.86
N ASN E 151 -38.80 7.67 -39.80
CA ASN E 151 -37.48 8.26 -39.54
C ASN E 151 -37.45 9.01 -38.21
N ALA E 152 -38.11 8.43 -37.19
CA ALA E 152 -38.08 8.95 -35.84
C ALA E 152 -37.75 7.84 -34.86
N LEU E 153 -36.97 8.16 -33.84
CA LEU E 153 -36.50 7.19 -32.87
C LEU E 153 -37.10 7.46 -31.50
N GLN E 154 -37.57 6.40 -30.85
CA GLN E 154 -38.11 6.47 -29.50
C GLN E 154 -37.31 5.55 -28.58
N SER E 155 -37.16 5.98 -27.34
CA SER E 155 -36.38 5.23 -26.34
C SER E 155 -37.19 5.11 -25.06
N GLY E 156 -36.99 4.00 -24.35
CA GLY E 156 -37.66 3.75 -23.09
C GLY E 156 -39.01 3.08 -23.19
N ASN E 157 -39.53 2.87 -24.40
CA ASN E 157 -40.82 2.24 -24.59
C ASN E 157 -40.71 0.89 -25.30
N SER E 158 -39.56 0.23 -25.19
CA SER E 158 -39.32 -1.05 -25.85
C SER E 158 -38.76 -2.05 -24.85
N GLN E 159 -38.98 -3.33 -25.13
CA GLN E 159 -38.50 -4.42 -24.29
C GLN E 159 -37.81 -5.47 -25.17
N GLU E 160 -36.86 -6.18 -24.57
CA GLU E 160 -36.07 -7.17 -25.27
C GLU E 160 -36.09 -8.50 -24.51
N SER E 161 -36.22 -9.60 -25.25
CA SER E 161 -36.18 -10.93 -24.66
C SER E 161 -35.21 -11.80 -25.43
N VAL E 162 -34.40 -12.55 -24.70
CA VAL E 162 -33.37 -13.41 -25.27
C VAL E 162 -33.41 -14.76 -24.57
N THR E 163 -33.29 -15.83 -25.35
CA THR E 163 -33.31 -17.18 -24.81
C THR E 163 -31.88 -17.64 -24.49
N GLU E 164 -31.73 -18.94 -24.22
CA GLU E 164 -30.44 -19.53 -23.89
C GLU E 164 -29.93 -20.33 -25.09
N GLN E 165 -28.61 -20.49 -25.15
CA GLN E 165 -27.98 -21.23 -26.24
C GLN E 165 -28.48 -22.66 -26.27
N ASP E 166 -29.05 -23.06 -27.41
CA ASP E 166 -29.59 -24.40 -27.56
C ASP E 166 -28.46 -25.42 -27.66
N SER E 167 -28.76 -26.66 -27.26
CA SER E 167 -27.75 -27.71 -27.29
C SER E 167 -27.53 -28.24 -28.70
N LYS E 168 -28.59 -28.25 -29.52
CA LYS E 168 -28.50 -28.88 -30.84
C LYS E 168 -27.75 -27.99 -31.82
N ASP E 169 -28.27 -26.79 -32.09
CA ASP E 169 -27.70 -25.91 -33.11
C ASP E 169 -26.90 -24.74 -32.54
N SER E 170 -26.91 -24.55 -31.23
CA SER E 170 -26.16 -23.48 -30.57
C SER E 170 -26.55 -22.11 -31.15
N THR E 171 -27.85 -21.84 -31.16
CA THR E 171 -28.40 -20.61 -31.71
C THR E 171 -29.00 -19.77 -30.58
N TYR E 172 -29.45 -18.57 -30.95
CA TYR E 172 -30.05 -17.63 -30.01
C TYR E 172 -31.27 -17.00 -30.66
N SER E 173 -32.20 -16.55 -29.81
CA SER E 173 -33.38 -15.81 -30.24
C SER E 173 -33.40 -14.46 -29.53
N LEU E 174 -33.71 -13.40 -30.29
CA LEU E 174 -33.64 -12.04 -29.76
C LEU E 174 -34.86 -11.28 -30.27
N SER E 175 -35.88 -11.15 -29.43
CA SER E 175 -37.15 -10.54 -29.83
C SER E 175 -37.30 -9.18 -29.17
N SER E 176 -37.60 -8.16 -29.98
CA SER E 176 -37.83 -6.81 -29.50
C SER E 176 -39.30 -6.45 -29.68
N THR E 177 -39.91 -5.93 -28.62
CA THR E 177 -41.32 -5.57 -28.60
C THR E 177 -41.47 -4.10 -28.25
N LEU E 178 -42.20 -3.36 -29.09
CA LEU E 178 -42.50 -1.96 -28.86
C LEU E 178 -43.99 -1.81 -28.63
N THR E 179 -44.36 -1.28 -27.48
CA THR E 179 -45.76 -1.10 -27.10
C THR E 179 -46.11 0.38 -27.13
N LEU E 180 -47.25 0.72 -27.72
CA LEU E 180 -47.71 2.09 -27.82
C LEU E 180 -49.20 2.15 -27.54
N SER E 181 -49.68 3.35 -27.21
CA SER E 181 -51.10 3.56 -26.98
C SER E 181 -51.86 3.52 -28.29
N LYS E 182 -53.18 3.39 -28.18
CA LYS E 182 -54.02 3.36 -29.37
C LYS E 182 -53.95 4.69 -30.13
N ALA E 183 -53.90 5.80 -29.38
CA ALA E 183 -53.89 7.12 -30.01
C ALA E 183 -52.63 7.33 -30.86
N ASP E 184 -51.47 6.92 -30.35
CA ASP E 184 -50.20 7.14 -31.05
C ASP E 184 -50.07 6.30 -32.31
N TYR E 185 -50.95 5.33 -32.53
CA TYR E 185 -50.79 4.42 -33.65
C TYR E 185 -51.05 5.10 -34.99
N GLU E 186 -52.08 5.94 -35.06
CA GLU E 186 -52.53 6.47 -36.35
C GLU E 186 -51.89 7.78 -36.75
N LYS E 187 -51.08 8.42 -35.90
CA LYS E 187 -50.34 9.58 -36.36
C LYS E 187 -49.00 9.23 -36.98
N HIS E 188 -48.71 7.95 -37.17
CA HIS E 188 -47.53 7.52 -37.91
C HIS E 188 -47.93 6.45 -38.91
N LYS E 189 -47.09 6.26 -39.92
CA LYS E 189 -47.45 5.42 -41.06
C LYS E 189 -46.62 4.15 -41.15
N VAL E 190 -45.30 4.27 -41.19
CA VAL E 190 -44.41 3.15 -41.46
C VAL E 190 -43.59 2.86 -40.20
N TYR E 191 -43.57 1.60 -39.80
CA TYR E 191 -42.82 1.15 -38.62
C TYR E 191 -41.77 0.15 -39.05
N ALA E 192 -40.56 0.28 -38.51
CA ALA E 192 -39.46 -0.58 -38.93
C ALA E 192 -38.50 -0.79 -37.77
N CYS E 193 -37.72 -1.87 -37.87
CA CYS E 193 -36.61 -2.09 -36.96
C CYS E 193 -35.36 -2.44 -37.76
N GLU E 194 -34.24 -1.89 -37.31
CA GLU E 194 -32.94 -2.05 -37.93
C GLU E 194 -32.06 -2.94 -37.07
N VAL E 195 -31.34 -3.86 -37.71
CA VAL E 195 -30.51 -4.84 -37.04
C VAL E 195 -29.07 -4.63 -37.46
N THR E 196 -28.17 -4.55 -36.48
CA THR E 196 -26.73 -4.48 -36.69
C THR E 196 -26.11 -5.69 -36.00
N HIS E 197 -25.48 -6.56 -36.78
CA HIS E 197 -24.85 -7.77 -36.26
C HIS E 197 -23.46 -7.92 -36.85
N GLN E 198 -22.58 -8.57 -36.09
CA GLN E 198 -21.22 -8.80 -36.57
C GLN E 198 -21.20 -9.70 -37.80
N GLY E 199 -22.05 -10.74 -37.81
CA GLY E 199 -22.08 -11.64 -38.94
C GLY E 199 -22.64 -11.02 -40.21
N LEU E 200 -23.49 -10.01 -40.06
CA LEU E 200 -24.06 -9.33 -41.22
C LEU E 200 -23.09 -8.27 -41.74
N SER E 201 -22.88 -8.26 -43.05
CA SER E 201 -22.01 -7.26 -43.65
C SER E 201 -22.57 -5.86 -43.48
N SER E 202 -23.88 -5.70 -43.67
CA SER E 202 -24.55 -4.42 -43.53
C SER E 202 -25.78 -4.57 -42.65
N PRO E 203 -26.18 -3.50 -41.96
CA PRO E 203 -27.41 -3.56 -41.16
C PRO E 203 -28.62 -3.84 -42.03
N VAL E 204 -29.59 -4.56 -41.47
CA VAL E 204 -30.77 -5.01 -42.18
C VAL E 204 -31.98 -4.27 -41.65
N THR E 205 -32.75 -3.67 -42.55
CA THR E 205 -33.98 -2.97 -42.20
C THR E 205 -35.18 -3.86 -42.49
N LYS E 206 -36.08 -3.99 -41.52
CA LYS E 206 -37.32 -4.71 -41.74
C LYS E 206 -38.47 -3.76 -41.41
N SER E 207 -39.34 -3.51 -42.39
CA SER E 207 -40.32 -2.45 -42.31
C SER E 207 -41.70 -2.94 -42.72
N PHE E 208 -42.71 -2.21 -42.28
CA PHE E 208 -44.09 -2.48 -42.67
C PHE E 208 -44.89 -1.19 -42.56
N ASN E 209 -46.05 -1.18 -43.22
CA ASN E 209 -46.92 -0.02 -43.27
C ASN E 209 -48.23 -0.32 -42.54
N ARG E 210 -48.72 0.70 -41.82
CA ARG E 210 -49.96 0.54 -41.07
C ARG E 210 -51.16 0.32 -41.98
N GLY E 211 -51.24 1.08 -43.07
CA GLY E 211 -52.43 1.04 -43.90
C GLY E 211 -52.64 -0.29 -44.60
N GLU E 212 -51.58 -0.84 -45.19
CA GLU E 212 -51.73 -2.05 -45.97
C GLU E 212 -51.88 -3.30 -45.10
N CYS E 213 -51.33 -3.28 -43.89
CA CYS E 213 -51.52 -4.40 -42.97
C CYS E 213 -52.82 -4.24 -42.18
N VAL F 2 -28.43 -37.89 3.57
CA VAL F 2 -28.57 -36.46 3.85
C VAL F 2 -29.61 -35.85 2.92
N GLN F 3 -30.62 -35.19 3.51
CA GLN F 3 -31.68 -34.58 2.75
C GLN F 3 -31.97 -33.19 3.29
N LEU F 4 -32.48 -32.32 2.41
CA LEU F 4 -32.86 -30.96 2.80
C LEU F 4 -34.14 -30.63 2.05
N VAL F 5 -35.24 -30.51 2.77
CA VAL F 5 -36.56 -30.34 2.18
C VAL F 5 -37.10 -28.96 2.52
N GLN F 6 -37.56 -28.24 1.49
CA GLN F 6 -38.20 -26.95 1.66
C GLN F 6 -39.60 -26.98 1.07
N SER F 7 -40.42 -26.01 1.49
CA SER F 7 -41.81 -25.96 1.04
C SER F 7 -42.28 -24.51 1.10
N GLY F 8 -42.87 -24.03 0.01
CA GLY F 8 -43.43 -22.70 -0.02
C GLY F 8 -43.18 -21.95 -1.32
N ALA F 9 -44.26 -21.40 -1.89
CA ALA F 9 -44.15 -20.58 -3.10
C ALA F 9 -45.14 -19.42 -3.07
N GLU F 10 -45.54 -18.97 -1.89
CA GLU F 10 -46.60 -17.98 -1.77
C GLU F 10 -46.15 -16.61 -2.26
N VAL F 11 -47.12 -15.82 -2.72
CA VAL F 11 -46.91 -14.44 -3.12
C VAL F 11 -47.84 -13.56 -2.29
N LYS F 12 -47.34 -12.39 -1.88
CA LYS F 12 -48.10 -11.53 -0.99
C LYS F 12 -47.70 -10.08 -1.21
N LYS F 13 -48.54 -9.18 -0.72
CA LYS F 13 -48.33 -7.75 -0.88
C LYS F 13 -47.15 -7.29 -0.04
N PRO F 14 -46.52 -6.17 -0.43
CA PRO F 14 -45.40 -5.64 0.38
C PRO F 14 -45.87 -5.23 1.77
N GLY F 15 -44.95 -5.32 2.72
CA GLY F 15 -45.24 -5.00 4.11
C GLY F 15 -45.64 -6.18 4.97
N ALA F 16 -45.83 -7.36 4.37
CA ALA F 16 -46.20 -8.55 5.11
C ALA F 16 -44.93 -9.30 5.52
N SER F 17 -45.09 -10.53 6.01
CA SER F 17 -43.98 -11.34 6.49
C SER F 17 -44.02 -12.71 5.83
N VAL F 18 -42.86 -13.32 5.67
CA VAL F 18 -42.71 -14.61 5.02
C VAL F 18 -41.90 -15.54 5.92
N THR F 19 -42.35 -16.79 6.02
CA THR F 19 -41.69 -17.83 6.80
C THR F 19 -41.28 -18.97 5.90
N VAL F 20 -40.03 -19.40 6.01
CA VAL F 20 -39.47 -20.48 5.21
C VAL F 20 -38.97 -21.57 6.16
N SER F 21 -39.35 -22.81 5.88
CA SER F 21 -38.96 -23.95 6.70
C SER F 21 -38.01 -24.85 5.92
N CYS F 22 -36.99 -25.35 6.63
CA CYS F 22 -35.98 -26.23 6.04
C CYS F 22 -35.82 -27.45 6.92
N LYS F 23 -36.01 -28.63 6.35
CA LYS F 23 -35.90 -29.89 7.06
C LYS F 23 -34.59 -30.58 6.69
N ALA F 24 -33.89 -31.10 7.70
CA ALA F 24 -32.56 -31.67 7.51
C ALA F 24 -32.49 -33.10 8.04
N SER F 25 -33.47 -33.92 7.69
CA SER F 25 -33.48 -35.31 8.13
C SER F 25 -32.38 -36.10 7.44
N GLY F 26 -31.98 -37.20 8.08
CA GLY F 26 -30.96 -38.09 7.56
C GLY F 26 -29.58 -37.91 8.14
N TYR F 27 -29.38 -36.89 8.98
CA TYR F 27 -28.07 -36.65 9.57
C TYR F 27 -28.27 -35.89 10.88
N THR F 28 -27.22 -35.88 11.70
CA THR F 28 -27.26 -35.24 13.01
C THR F 28 -27.38 -33.73 12.82
N PHE F 29 -28.56 -33.18 13.10
CA PHE F 29 -28.82 -31.77 12.84
C PHE F 29 -27.93 -30.87 13.70
N THR F 30 -27.71 -31.24 14.96
CA THR F 30 -26.94 -30.44 15.89
C THR F 30 -25.43 -30.62 15.75
N ASP F 31 -24.96 -31.16 14.63
CA ASP F 31 -23.54 -31.40 14.42
C ASP F 31 -22.94 -30.56 13.30
N TYR F 32 -23.72 -29.67 12.69
CA TYR F 32 -23.24 -28.86 11.57
C TYR F 32 -23.92 -27.51 11.59
N TYR F 33 -23.29 -26.55 10.92
CA TYR F 33 -23.87 -25.23 10.75
C TYR F 33 -25.01 -25.27 9.74
N MET F 34 -25.81 -24.21 9.72
CA MET F 34 -26.91 -24.11 8.77
C MET F 34 -26.91 -22.72 8.15
N HIS F 35 -26.62 -22.64 6.85
CA HIS F 35 -26.52 -21.38 6.13
C HIS F 35 -27.77 -21.13 5.30
N TRP F 36 -28.31 -19.93 5.42
CA TRP F 36 -29.39 -19.44 4.58
C TRP F 36 -28.81 -18.43 3.58
N VAL F 37 -29.04 -18.67 2.30
CA VAL F 37 -28.47 -17.86 1.22
C VAL F 37 -29.55 -17.54 0.20
N ARG F 38 -29.60 -16.29 -0.22
CA ARG F 38 -30.60 -15.84 -1.18
C ARG F 38 -29.93 -15.47 -2.51
N GLN F 39 -30.62 -15.74 -3.61
CA GLN F 39 -30.14 -15.40 -4.94
C GLN F 39 -31.23 -14.65 -5.69
N ALA F 40 -30.86 -13.50 -6.24
CA ALA F 40 -31.78 -12.70 -7.03
C ALA F 40 -32.03 -13.37 -8.38
N PRO F 41 -33.15 -13.05 -9.04
CA PRO F 41 -33.46 -13.68 -10.33
C PRO F 41 -32.40 -13.44 -11.40
N GLY F 42 -31.70 -12.30 -11.38
CA GLY F 42 -30.74 -12.01 -12.42
C GLY F 42 -29.47 -11.33 -11.95
N GLN F 43 -29.27 -11.23 -10.64
CA GLN F 43 -28.08 -10.58 -10.10
C GLN F 43 -26.98 -11.60 -9.78
N GLY F 44 -27.27 -12.54 -8.90
CA GLY F 44 -26.30 -13.54 -8.52
C GLY F 44 -26.52 -13.98 -7.09
N LEU F 45 -25.62 -14.86 -6.63
CA LEU F 45 -25.71 -15.39 -5.28
C LEU F 45 -25.45 -14.30 -4.25
N GLU F 46 -26.12 -14.43 -3.09
CA GLU F 46 -26.04 -13.41 -2.05
C GLU F 46 -26.17 -14.10 -0.69
N TRP F 47 -25.09 -14.10 0.08
CA TRP F 47 -25.09 -14.72 1.41
C TRP F 47 -25.96 -13.91 2.36
N MET F 48 -26.84 -14.61 3.09
CA MET F 48 -27.71 -13.97 4.07
C MET F 48 -27.25 -14.19 5.50
N GLY F 49 -27.11 -15.44 5.93
CA GLY F 49 -26.72 -15.67 7.31
C GLY F 49 -26.53 -17.14 7.58
N TRP F 50 -26.23 -17.45 8.84
CA TRP F 50 -26.11 -18.84 9.26
C TRP F 50 -26.33 -18.96 10.76
N ILE F 51 -26.59 -20.19 11.20
CA ILE F 51 -26.86 -20.51 12.59
C ILE F 51 -26.06 -21.73 13.00
N LYS F 52 -25.75 -21.81 14.29
CA LYS F 52 -25.05 -22.92 14.91
C LYS F 52 -25.95 -23.49 16.00
N PRO F 53 -26.51 -24.69 15.83
CA PRO F 53 -27.58 -25.14 16.72
C PRO F 53 -27.11 -25.53 18.11
N ASN F 54 -26.00 -26.27 18.22
CA ASN F 54 -25.60 -26.81 19.52
C ASN F 54 -25.28 -25.71 20.51
N SER F 55 -24.57 -24.66 20.06
CA SER F 55 -24.23 -23.53 20.91
C SER F 55 -25.27 -22.43 20.87
N GLY F 56 -26.29 -22.56 20.03
CA GLY F 56 -27.31 -21.53 19.90
C GLY F 56 -26.77 -20.21 19.41
N GLY F 57 -25.88 -20.26 18.42
CA GLY F 57 -25.24 -19.05 17.88
C GLY F 57 -25.86 -18.66 16.55
N THR F 58 -25.71 -17.39 16.20
CA THR F 58 -26.25 -16.89 14.94
C THR F 58 -25.33 -15.83 14.37
N ASN F 59 -25.37 -15.68 13.04
CA ASN F 59 -24.62 -14.66 12.35
C ASN F 59 -25.42 -14.19 11.14
N SER F 60 -25.45 -12.87 10.94
CA SER F 60 -26.22 -12.27 9.86
C SER F 60 -25.42 -11.13 9.23
N ALA F 61 -25.85 -10.74 8.04
CA ALA F 61 -25.22 -9.63 7.33
C ALA F 61 -25.66 -8.30 7.95
N GLN F 62 -24.87 -7.25 7.69
CA GLN F 62 -25.17 -5.94 8.22
C GLN F 62 -26.48 -5.40 7.66
N ARG F 63 -26.72 -5.60 6.36
CA ARG F 63 -27.91 -5.09 5.69
C ARG F 63 -29.13 -6.00 5.87
N PHE F 64 -28.98 -7.16 6.49
CA PHE F 64 -30.11 -8.07 6.71
C PHE F 64 -30.46 -8.28 8.17
N GLN F 65 -29.57 -7.93 9.11
CA GLN F 65 -29.83 -8.19 10.52
C GLN F 65 -31.02 -7.39 11.05
N GLY F 66 -31.46 -6.36 10.31
CA GLY F 66 -32.54 -5.52 10.82
C GLY F 66 -33.88 -6.23 10.91
N ARG F 67 -34.19 -7.07 9.92
CA ARG F 67 -35.56 -7.60 9.82
C ARG F 67 -35.59 -9.09 9.50
N ILE F 68 -34.60 -9.85 9.97
CA ILE F 68 -34.61 -11.30 9.79
C ILE F 68 -34.48 -11.97 11.15
N THR F 69 -35.21 -13.09 11.32
CA THR F 69 -35.12 -13.87 12.54
C THR F 69 -35.04 -15.35 12.18
N MET F 70 -33.99 -16.02 12.62
CA MET F 70 -33.77 -17.43 12.35
C MET F 70 -33.85 -18.23 13.64
N THR F 71 -34.67 -19.27 13.63
CA THR F 71 -34.85 -20.14 14.79
C THR F 71 -34.76 -21.59 14.34
N TRP F 72 -34.76 -22.51 15.30
CA TRP F 72 -34.65 -23.92 14.98
C TRP F 72 -35.40 -24.74 16.02
N ASP F 73 -35.74 -25.97 15.63
CA ASP F 73 -36.41 -26.93 16.49
C ASP F 73 -35.67 -28.25 16.33
N THR F 74 -34.94 -28.66 17.37
CA THR F 74 -34.15 -29.88 17.33
C THR F 74 -34.99 -31.14 17.56
N SER F 75 -36.23 -31.00 18.02
CA SER F 75 -37.08 -32.17 18.21
C SER F 75 -37.39 -32.85 16.88
N ILE F 76 -37.66 -32.06 15.84
CA ILE F 76 -37.92 -32.57 14.51
C ILE F 76 -36.83 -32.17 13.52
N SER F 77 -35.76 -31.51 13.99
CA SER F 77 -34.63 -31.11 13.16
C SER F 77 -35.08 -30.21 12.00
N THR F 78 -35.62 -29.06 12.36
CA THR F 78 -36.12 -28.09 11.38
C THR F 78 -35.56 -26.71 11.69
N ALA F 79 -35.46 -25.89 10.65
CA ALA F 79 -35.00 -24.51 10.76
C ALA F 79 -36.03 -23.58 10.14
N TYR F 80 -36.28 -22.45 10.80
CA TYR F 80 -37.27 -21.48 10.36
C TYR F 80 -36.62 -20.12 10.15
N MET F 81 -36.91 -19.52 9.00
CA MET F 81 -36.43 -18.19 8.65
C MET F 81 -37.63 -17.27 8.46
N GLU F 82 -37.65 -16.17 9.20
CA GLU F 82 -38.76 -15.21 9.17
C GLU F 82 -38.22 -13.88 8.67
N LEU F 83 -38.83 -13.38 7.59
CA LEU F 83 -38.48 -12.10 7.00
C LEU F 83 -39.69 -11.16 7.08
N SER F 84 -39.43 -9.92 7.50
CA SER F 84 -40.48 -8.93 7.67
C SER F 84 -40.09 -7.66 6.94
N ARG F 85 -41.07 -6.74 6.84
CA ARG F 85 -40.89 -5.46 6.15
C ARG F 85 -40.45 -5.67 4.70
N LEU F 86 -41.12 -6.61 4.04
CA LEU F 86 -40.76 -6.96 2.67
C LEU F 86 -41.06 -5.81 1.72
N ARG F 87 -40.14 -5.60 0.78
CA ARG F 87 -40.29 -4.59 -0.27
C ARG F 87 -40.17 -5.28 -1.64
N SER F 88 -40.16 -4.47 -2.70
CA SER F 88 -40.08 -4.99 -4.05
C SER F 88 -38.75 -5.66 -4.36
N ASP F 89 -37.73 -5.44 -3.53
CA ASP F 89 -36.41 -6.03 -3.78
C ASP F 89 -36.26 -7.42 -3.18
N ASP F 90 -37.28 -7.95 -2.50
CA ASP F 90 -37.20 -9.23 -1.83
C ASP F 90 -37.79 -10.38 -2.65
N THR F 91 -37.92 -10.20 -3.97
CA THR F 91 -38.38 -11.27 -4.85
C THR F 91 -37.16 -12.04 -5.34
N ALA F 92 -36.96 -13.24 -4.82
CA ALA F 92 -35.74 -13.98 -5.08
C ALA F 92 -35.97 -15.45 -4.76
N VAL F 93 -34.87 -16.22 -4.71
CA VAL F 93 -34.91 -17.64 -4.40
C VAL F 93 -34.02 -17.91 -3.19
N TYR F 94 -34.55 -18.66 -2.24
CA TYR F 94 -33.89 -18.93 -0.97
C TYR F 94 -33.41 -20.37 -0.92
N TYR F 95 -32.24 -20.58 -0.33
CA TYR F 95 -31.66 -21.91 -0.17
C TYR F 95 -31.13 -22.07 1.24
N CYS F 96 -31.25 -23.28 1.77
CA CYS F 96 -30.68 -23.67 3.05
C CYS F 96 -29.68 -24.79 2.82
N SER F 97 -28.52 -24.69 3.46
CA SER F 97 -27.43 -25.64 3.22
C SER F 97 -26.75 -25.96 4.55
N ARG F 98 -26.14 -27.13 4.63
CA ARG F 98 -25.35 -27.51 5.79
C ARG F 98 -23.88 -27.61 5.40
N GLY F 99 -23.01 -27.14 6.30
CA GLY F 99 -21.58 -27.18 6.04
C GLY F 99 -20.73 -26.82 7.24
N GLY F 100 -19.71 -27.62 7.52
CA GLY F 100 -18.80 -27.35 8.59
C GLY F 100 -19.19 -28.02 9.88
N PRO F 101 -18.30 -28.87 10.41
CA PRO F 101 -18.57 -29.52 11.69
C PRO F 101 -18.52 -28.53 12.84
N VAL F 102 -19.20 -28.88 13.94
CA VAL F 102 -19.25 -28.02 15.12
C VAL F 102 -18.32 -28.48 16.24
N MET F 103 -17.82 -29.72 16.18
CA MET F 103 -16.86 -30.16 17.18
C MET F 103 -15.60 -29.31 17.14
N ASN F 104 -15.11 -29.02 15.94
CA ASN F 104 -14.06 -28.04 15.72
C ASN F 104 -14.63 -26.86 14.96
N TYR F 105 -14.23 -25.66 15.35
CA TYR F 105 -14.84 -24.44 14.80
C TYR F 105 -14.38 -24.21 13.37
N TYR F 106 -14.77 -25.08 12.46
CA TYR F 106 -14.42 -24.97 11.04
C TYR F 106 -15.57 -24.32 10.28
N TYR F 107 -15.79 -23.03 10.57
CA TYR F 107 -16.85 -22.27 9.91
C TYR F 107 -16.51 -21.90 8.48
N TYR F 108 -15.25 -22.06 8.06
CA TYR F 108 -14.83 -21.72 6.72
C TYR F 108 -15.03 -22.84 5.72
N TYR F 109 -15.54 -24.00 6.16
CA TYR F 109 -15.80 -25.10 5.25
C TYR F 109 -16.95 -24.76 4.30
N GLY F 110 -16.83 -25.24 3.07
CA GLY F 110 -17.85 -24.98 2.08
C GLY F 110 -19.14 -25.72 2.35
N MET F 111 -20.22 -25.22 1.75
CA MET F 111 -21.54 -25.83 1.90
C MET F 111 -21.61 -27.08 1.03
N ASP F 112 -21.76 -28.24 1.68
CA ASP F 112 -21.74 -29.51 0.96
C ASP F 112 -23.10 -29.83 0.35
N VAL F 113 -24.13 -29.93 1.19
CA VAL F 113 -25.47 -30.33 0.75
C VAL F 113 -26.35 -29.09 0.68
N TRP F 114 -26.99 -28.89 -0.48
CA TRP F 114 -27.86 -27.75 -0.71
C TRP F 114 -29.31 -28.19 -0.75
N GLY F 115 -30.21 -27.22 -0.64
CA GLY F 115 -31.64 -27.45 -0.69
C GLY F 115 -32.21 -27.22 -2.09
N GLN F 116 -33.51 -27.50 -2.21
CA GLN F 116 -34.18 -27.33 -3.49
C GLN F 116 -34.44 -25.84 -3.79
N GLY F 117 -34.62 -25.04 -2.76
CA GLY F 117 -34.87 -23.62 -2.94
C GLY F 117 -36.34 -23.30 -2.98
N THR F 118 -36.68 -22.08 -2.55
CA THR F 118 -38.05 -21.60 -2.57
C THR F 118 -38.09 -20.21 -3.20
N THR F 119 -39.15 -19.94 -3.96
CA THR F 119 -39.29 -18.67 -4.67
C THR F 119 -40.25 -17.77 -3.90
N VAL F 120 -39.82 -16.54 -3.63
CA VAL F 120 -40.64 -15.55 -2.95
C VAL F 120 -40.79 -14.33 -3.85
N THR F 121 -42.02 -13.93 -4.12
CA THR F 121 -42.33 -12.78 -4.96
C THR F 121 -43.11 -11.76 -4.14
N VAL F 122 -42.72 -10.50 -4.25
CA VAL F 122 -43.36 -9.40 -3.54
C VAL F 122 -43.97 -8.47 -4.57
N SER F 123 -45.29 -8.33 -4.56
CA SER F 123 -45.98 -7.46 -5.49
C SER F 123 -47.38 -7.16 -4.95
N SER F 124 -47.91 -6.01 -5.33
CA SER F 124 -49.25 -5.59 -4.96
C SER F 124 -50.13 -5.64 -6.21
N ALA F 125 -50.70 -6.82 -6.46
CA ALA F 125 -51.53 -7.03 -7.63
C ALA F 125 -52.47 -8.20 -7.36
N SER F 126 -53.50 -8.31 -8.18
CA SER F 126 -54.49 -9.37 -8.07
C SER F 126 -54.14 -10.53 -9.00
N THR F 127 -54.70 -11.70 -8.69
CA THR F 127 -54.48 -12.91 -9.49
C THR F 127 -55.47 -12.89 -10.65
N LYS F 128 -55.11 -12.16 -11.70
CA LYS F 128 -55.94 -12.01 -12.88
C LYS F 128 -55.29 -12.77 -14.05
N GLY F 129 -56.12 -13.35 -14.90
CA GLY F 129 -55.66 -14.28 -15.90
C GLY F 129 -54.93 -13.60 -17.04
N PRO F 130 -54.39 -14.40 -17.94
CA PRO F 130 -53.61 -13.87 -19.06
C PRO F 130 -54.50 -13.44 -20.23
N SER F 131 -53.90 -12.67 -21.14
CA SER F 131 -54.53 -12.28 -22.39
C SER F 131 -53.71 -12.84 -23.54
N VAL F 132 -54.36 -13.58 -24.44
CA VAL F 132 -53.70 -14.27 -25.53
C VAL F 132 -54.05 -13.58 -26.84
N PHE F 133 -53.03 -13.24 -27.62
CA PHE F 133 -53.22 -12.60 -28.92
C PHE F 133 -52.51 -13.42 -29.99
N PRO F 134 -53.21 -13.92 -31.00
CA PRO F 134 -52.54 -14.66 -32.07
C PRO F 134 -51.84 -13.72 -33.05
N LEU F 135 -50.85 -14.27 -33.75
CA LEU F 135 -50.06 -13.51 -34.70
C LEU F 135 -50.26 -14.09 -36.10
N ALA F 136 -50.50 -13.21 -37.07
CA ALA F 136 -50.71 -13.62 -38.45
C ALA F 136 -49.84 -12.78 -39.37
N PRO F 137 -49.37 -13.37 -40.48
CA PRO F 137 -48.56 -12.60 -41.43
C PRO F 137 -49.38 -11.55 -42.14
N CYS F 138 -48.69 -10.48 -42.56
CA CYS F 138 -49.34 -9.40 -43.29
C CYS F 138 -49.39 -9.70 -44.79
N THR F 146 -40.85 -18.24 -43.45
CA THR F 146 -40.90 -16.91 -44.04
C THR F 146 -42.15 -16.16 -43.60
N ALA F 147 -42.45 -16.24 -42.30
CA ALA F 147 -43.61 -15.58 -41.73
C ALA F 147 -43.39 -15.44 -40.22
N ALA F 148 -44.44 -15.02 -39.51
CA ALA F 148 -44.39 -14.84 -38.05
C ALA F 148 -45.70 -15.37 -37.48
N LEU F 149 -45.69 -16.64 -37.08
CA LEU F 149 -46.86 -17.30 -36.52
C LEU F 149 -46.58 -17.67 -35.06
N GLY F 150 -47.51 -17.31 -34.18
CA GLY F 150 -47.35 -17.62 -32.77
C GLY F 150 -48.44 -16.96 -31.95
N CYS F 151 -48.24 -16.96 -30.64
CA CYS F 151 -49.17 -16.34 -29.71
C CYS F 151 -48.42 -15.55 -28.68
N LEU F 152 -48.96 -14.38 -28.32
CA LEU F 152 -48.38 -13.48 -27.33
C LEU F 152 -49.27 -13.46 -26.10
N VAL F 153 -48.68 -13.72 -24.94
CA VAL F 153 -49.40 -13.67 -23.67
C VAL F 153 -49.01 -12.38 -22.96
N LYS F 154 -50.03 -11.66 -22.48
CA LYS F 154 -49.88 -10.31 -21.96
C LYS F 154 -50.70 -10.17 -20.68
N ASP F 155 -50.15 -9.44 -19.70
CA ASP F 155 -50.90 -9.00 -18.53
C ASP F 155 -51.44 -10.19 -17.73
N TYR F 156 -50.51 -11.01 -17.24
CA TYR F 156 -50.85 -12.14 -16.39
C TYR F 156 -50.07 -12.06 -15.09
N PHE F 157 -50.66 -12.60 -14.03
CA PHE F 157 -50.06 -12.62 -12.71
C PHE F 157 -50.70 -13.75 -11.93
N PRO F 158 -49.91 -14.61 -11.28
CA PRO F 158 -48.44 -14.57 -11.27
C PRO F 158 -47.78 -15.61 -12.17
N GLU F 159 -46.46 -15.70 -12.07
CA GLU F 159 -45.67 -16.71 -12.76
C GLU F 159 -46.07 -18.09 -12.23
N PRO F 160 -45.98 -19.19 -13.05
CA PRO F 160 -45.64 -19.12 -14.47
C PRO F 160 -46.72 -19.46 -15.49
N VAL F 161 -46.29 -19.78 -16.70
CA VAL F 161 -47.21 -20.13 -17.78
C VAL F 161 -46.76 -21.48 -18.35
N THR F 162 -47.73 -22.31 -18.72
CA THR F 162 -47.46 -23.67 -19.17
C THR F 162 -46.98 -23.66 -20.62
N VAL F 163 -46.99 -24.84 -21.25
CA VAL F 163 -46.43 -25.00 -22.60
C VAL F 163 -47.13 -24.06 -23.58
N SER F 164 -46.40 -23.68 -24.63
CA SER F 164 -46.82 -22.65 -25.57
C SER F 164 -48.09 -23.03 -26.33
N TRP F 165 -48.03 -24.08 -27.16
CA TRP F 165 -49.12 -24.37 -28.07
C TRP F 165 -49.25 -25.87 -28.29
N ASN F 166 -50.46 -26.27 -28.67
CA ASN F 166 -50.78 -27.62 -29.18
C ASN F 166 -50.51 -28.73 -28.17
N SER F 167 -50.18 -28.39 -26.92
CA SER F 167 -49.96 -29.38 -25.87
C SER F 167 -48.91 -30.41 -26.28
N GLY F 168 -47.85 -29.94 -26.93
CA GLY F 168 -46.75 -30.79 -27.32
C GLY F 168 -46.87 -31.48 -28.66
N ALA F 169 -47.80 -31.04 -29.51
CA ALA F 169 -47.88 -31.63 -30.85
C ALA F 169 -46.69 -31.23 -31.71
N LEU F 170 -46.18 -30.01 -31.55
CA LEU F 170 -45.00 -29.53 -32.26
C LEU F 170 -43.93 -29.22 -31.21
N THR F 171 -42.97 -30.12 -31.05
CA THR F 171 -41.91 -29.98 -30.05
C THR F 171 -40.56 -29.68 -30.67
N SER F 172 -40.21 -30.35 -31.76
CA SER F 172 -38.92 -30.13 -32.39
C SER F 172 -38.83 -28.71 -32.95
N GLY F 173 -37.70 -28.05 -32.69
CA GLY F 173 -37.51 -26.69 -33.13
C GLY F 173 -38.49 -25.70 -32.53
N VAL F 174 -38.44 -25.55 -31.21
CA VAL F 174 -39.34 -24.64 -30.50
C VAL F 174 -38.50 -23.70 -29.64
N HIS F 175 -38.95 -22.44 -29.55
CA HIS F 175 -38.26 -21.43 -28.78
C HIS F 175 -39.28 -20.69 -27.92
N THR F 176 -38.95 -20.50 -26.64
CA THR F 176 -39.82 -19.79 -25.71
C THR F 176 -39.00 -18.72 -24.98
N PHE F 177 -39.54 -17.49 -24.92
CA PHE F 177 -38.83 -16.40 -24.28
C PHE F 177 -39.22 -16.28 -22.81
N PRO F 178 -38.29 -15.87 -21.96
CA PRO F 178 -38.61 -15.70 -20.54
C PRO F 178 -39.55 -14.52 -20.32
N ALA F 179 -40.27 -14.59 -19.20
CA ALA F 179 -41.21 -13.53 -18.86
C ALA F 179 -40.48 -12.24 -18.54
N VAL F 180 -41.12 -11.12 -18.88
CA VAL F 180 -40.58 -9.78 -18.65
C VAL F 180 -41.57 -9.00 -17.80
N LEU F 181 -41.09 -8.42 -16.71
CA LEU F 181 -41.93 -7.64 -15.81
C LEU F 181 -42.04 -6.21 -16.35
N GLN F 182 -43.26 -5.80 -16.69
CA GLN F 182 -43.50 -4.47 -17.23
C GLN F 182 -43.70 -3.46 -16.10
N SER F 183 -43.95 -2.21 -16.49
CA SER F 183 -44.12 -1.15 -15.49
C SER F 183 -45.43 -1.29 -14.73
N SER F 184 -46.47 -1.83 -15.37
CA SER F 184 -47.77 -1.96 -14.72
C SER F 184 -47.77 -3.00 -13.60
N GLY F 185 -46.72 -3.82 -13.50
CA GLY F 185 -46.65 -4.84 -12.47
C GLY F 185 -47.08 -6.23 -12.89
N LEU F 186 -47.35 -6.44 -14.17
CA LEU F 186 -47.76 -7.74 -14.69
C LEU F 186 -46.65 -8.33 -15.56
N TYR F 187 -46.93 -9.47 -16.17
CA TYR F 187 -45.94 -10.21 -16.93
C TYR F 187 -46.44 -10.47 -18.34
N SER F 188 -45.48 -10.69 -19.24
CA SER F 188 -45.80 -10.89 -20.65
C SER F 188 -44.65 -11.62 -21.33
N LEU F 189 -44.99 -12.44 -22.31
CA LEU F 189 -43.98 -13.14 -23.09
C LEU F 189 -44.63 -13.65 -24.39
N SER F 190 -43.84 -14.35 -25.19
CA SER F 190 -44.30 -14.85 -26.48
C SER F 190 -43.46 -16.06 -26.87
N SER F 191 -43.92 -16.74 -27.92
CA SER F 191 -43.19 -17.89 -28.46
C SER F 191 -43.59 -18.03 -29.93
N VAL F 192 -42.63 -17.81 -30.82
CA VAL F 192 -42.88 -17.81 -32.26
C VAL F 192 -41.96 -18.80 -32.93
N VAL F 193 -42.54 -19.74 -33.68
CA VAL F 193 -41.80 -20.68 -34.51
C VAL F 193 -42.42 -20.67 -35.89
N THR F 194 -41.59 -20.49 -36.92
CA THR F 194 -42.06 -20.34 -38.30
C THR F 194 -41.80 -21.61 -39.08
N VAL F 195 -42.82 -22.11 -39.75
CA VAL F 195 -42.72 -23.28 -40.63
C VAL F 195 -42.62 -22.76 -42.06
N PRO F 196 -42.25 -23.61 -43.03
CA PRO F 196 -42.25 -23.15 -44.43
C PRO F 196 -43.63 -22.70 -44.86
N SER F 197 -43.66 -21.68 -45.72
CA SER F 197 -44.91 -21.04 -46.12
C SER F 197 -45.78 -21.91 -47.01
N SER F 198 -45.26 -23.04 -47.49
CA SER F 198 -46.05 -23.91 -48.36
C SER F 198 -47.24 -24.50 -47.61
N SER F 199 -47.06 -24.87 -46.35
CA SER F 199 -48.08 -25.56 -45.56
C SER F 199 -48.69 -24.63 -44.50
N LEU F 200 -48.89 -23.36 -44.85
CA LEU F 200 -49.50 -22.43 -43.90
C LEU F 200 -50.95 -22.80 -43.61
N GLY F 201 -51.74 -23.03 -44.66
CA GLY F 201 -53.15 -23.34 -44.50
C GLY F 201 -53.49 -24.81 -44.37
N THR F 202 -52.52 -25.69 -44.62
CA THR F 202 -52.79 -27.13 -44.55
C THR F 202 -52.94 -27.59 -43.10
N LYS F 203 -52.11 -27.06 -42.20
CA LYS F 203 -52.10 -27.47 -40.80
C LYS F 203 -52.60 -26.32 -39.93
N THR F 204 -53.58 -26.61 -39.07
CA THR F 204 -54.12 -25.60 -38.18
C THR F 204 -53.24 -25.46 -36.93
N TYR F 205 -53.14 -24.23 -36.43
CA TYR F 205 -52.32 -23.93 -35.27
C TYR F 205 -53.18 -23.28 -34.19
N THR F 206 -53.12 -23.85 -32.99
CA THR F 206 -53.86 -23.34 -31.84
C THR F 206 -52.94 -23.32 -30.63
N CYS F 207 -52.93 -22.21 -29.90
CA CYS F 207 -52.09 -22.07 -28.71
C CYS F 207 -52.93 -22.22 -27.45
N ASN F 208 -52.41 -23.01 -26.51
CA ASN F 208 -53.08 -23.29 -25.24
C ASN F 208 -52.31 -22.63 -24.11
N VAL F 209 -53.00 -21.84 -23.31
CA VAL F 209 -52.43 -21.15 -22.17
C VAL F 209 -53.19 -21.59 -20.91
N ASP F 210 -52.46 -22.12 -19.93
CA ASP F 210 -53.04 -22.62 -18.69
C ASP F 210 -52.42 -21.89 -17.51
N HIS F 211 -53.25 -21.52 -16.54
CA HIS F 211 -52.84 -20.69 -15.42
C HIS F 211 -53.43 -21.28 -14.14
N LYS F 212 -52.60 -22.00 -13.37
CA LYS F 212 -53.06 -22.63 -12.14
C LYS F 212 -53.54 -21.65 -11.08
N PRO F 213 -52.79 -20.60 -10.71
CA PRO F 213 -53.30 -19.70 -9.66
C PRO F 213 -54.64 -19.04 -9.99
N SER F 214 -54.91 -18.77 -11.26
CA SER F 214 -56.19 -18.22 -11.67
C SER F 214 -57.11 -19.28 -12.29
N ASN F 215 -56.63 -20.51 -12.47
CA ASN F 215 -57.40 -21.59 -13.07
C ASN F 215 -57.98 -21.18 -14.43
N THR F 216 -57.13 -20.53 -15.24
CA THR F 216 -57.55 -19.99 -16.53
C THR F 216 -57.06 -20.90 -17.65
N LYS F 217 -57.98 -21.31 -18.52
CA LYS F 217 -57.66 -22.12 -19.70
C LYS F 217 -58.08 -21.34 -20.94
N VAL F 218 -57.13 -21.06 -21.82
CA VAL F 218 -57.40 -20.31 -23.04
C VAL F 218 -56.89 -21.12 -24.23
N ASP F 219 -57.73 -21.31 -25.23
CA ASP F 219 -57.37 -21.97 -26.49
C ASP F 219 -57.61 -20.98 -27.62
N LYS F 220 -56.54 -20.41 -28.16
CA LYS F 220 -56.63 -19.35 -29.15
C LYS F 220 -56.15 -19.84 -30.50
N ARG F 221 -56.99 -19.67 -31.53
CA ARG F 221 -56.60 -20.03 -32.88
C ARG F 221 -55.62 -19.02 -33.44
N VAL F 222 -54.53 -19.51 -34.03
CA VAL F 222 -53.51 -18.65 -34.61
C VAL F 222 -53.88 -18.26 -36.03
#